data_8OR2
#
_entry.id   8OR2
#
_cell.length_a   1.00
_cell.length_b   1.00
_cell.length_c   1.00
_cell.angle_alpha   90.00
_cell.angle_beta   90.00
_cell.angle_gamma   90.00
#
_symmetry.space_group_name_H-M   'P 1'
#
loop_
_entity.id
_entity.type
_entity.pdbx_description
1 polymer Cullin-1
2 polymer 'E3 ubiquitin-protein ligase RBX1'
3 polymer 'Cullin-associated NEDD8-dissociated protein 1'
4 polymer 'DCN1-like protein 1'
5 non-polymer 'ZINC ION'
#
loop_
_entity_poly.entity_id
_entity_poly.type
_entity_poly.pdbx_seq_one_letter_code
_entity_poly.pdbx_strand_id
1 'polypeptide(L)'
;MWSHPQFEKGSAGSAAGSGAGWSHPQFEKLEVLFQGPMSSTRSQNPHGLKQIGLDQIWDDLRAGIQQVYTRQSMAKSRYM
ELYTHVYNYCTSVHQSNQARGAGVPPSKSKKGQTPGGAQFVGLELYKRLKEFLKNYLTNLLKDGEDLMDESVLKFYTQQW
EDYRFSSKVLNGICAYLNRHWVRRECDEGRKGIYEIYSLALVTWRDCLFRPLNKQVTNAVLKLIEKERNGETINTRLISG
VVQSYVELGLNEDDAFAKGPTLTVYKESFESQFLADTERFYTRESTEFLQQNPVTEYMKKAEARLLEEQRRVQVYLHEST
QDELARKCEQVLIEKHLEIFHTEFQNLLDADKNEDLGRMYNLVSRIQDGLGELKKLLETHIHNQGLAAIEKCGEAALNDP
KMYVQTVLDVHKKYNALVMSAFNNDAGFVAALDKACGRFINNNAVTKMAQSSSKSPELLARYCDSLLKKSSKNPEEAELE
DTLNQVMVVFKYIEDKDVFQKFYAKMLAKRLVHQNSASDDAEASMISKLKQACGFEYTSKLQRMFQDIGVSKDLNEQFKK
HLTNSEPLDLDFSIQVLSSGSWPFQQSCTFALPSELERSYQRFTAFYASRHSGRKLTWLYQLSKGELVTNCFKNRYTLQA
STFQMAILLQYNTEDAYTVQQLTDSTQIKMDILAQVLQILLKSKLLVLEDENANVDEVELKPDTLIKLYLGYKNKKLRVN
INVPMKTEQKQEQETTHKNIEEDRKLLIQAAIVRIMKMRKVLKHQQLLGEVLTQLSSRFKPRVPVIKKCIDILIEKEYLE
RVDGEKDTYSYLA
;
A
2 'polypeptide(L)'
;MAAAMDVDTPSGTNSGAGKKRFEVKKWNAVALWAWDIVVDNCAICRNHIMDLCIECQANQASATSEECTVAWGVCNHAFH
FHCISRWLKTRQVCPLDNREWEFQKYGH
;
B
3 'polypeptide(L)'
;GSPEFPGRMASASYHISNLLEKMTSSDKDFRFMATNDLMTELQKDSIKLDDDSERKVVKMILKLLEDKNGEVQNLAVKCL
GPLVSKVKEYQVETIVDTLCTNMLSDKEQLRDISSIGLKTVIGELPPASSGSALAANVCKKITGRLTSAIAKQEDVSVQL
EALDIMADMLSRQGGLLVNFHPSILTCLLPQLTSPRLAVRKRTIIALGHLVMSCGNIVFVDLIEHLLSELSKNDSMSTTR
TYIQCIAAISRQAGHRIGEYLEKIIPLVVKFCNVDDDELREYCIQAFESFVRRCPKEVYPHVSTIINICLKYLTYDPNYN
YDDEDEDENAMDADGGDDDDQGSDDEYSDDDDMSWKVRRAAAKCLDAVVSTRHEMLPEFYKTVSPALISRFKEREENVKA
DVFHAYLSLLKQTRPVQSWLCDPDAMEQGETPLTMLQSQVPNIVKALHKQMKEKSVKTRQCCFNMLTELVNVLPGALTQH
IPVLVPGIIFSLNDKSSSSNLKIDALSCLYVILCNHSPQVFHPHVQALVPPVVACVGDPFYKITSEALLVTQQLVKVIRP
LDQPSSFDATPYIKDLFTCTIKRLKAADIDQEVKERAISCMGQIICNLGDNLGSDLPNTLQIFLERLKNEITRLTTVKAL
TLIAGSPLKIDLRPVLGEGVPILASFLRKNQRALKLGTLSALDILIKNYSDSLTAAMIDAVLDELPPLISESDMHVSQMA
ISFLTTLAKVYPSSLSKISGSILNELIGLVRSPLLQGGALSAMLDFFQALVVTGTNNLGYMDLLRMLTGPVYSQSTALTH
KQSYYSIAKCVAALTRACPKEGPAVVGQFIQDVKNSRSTDSIRLLALLSLGEVGHHIDLSGQLELKSVILEAFSSPSEEV
KSAASYALGSISVGNLPEYLPFVLQEITSQPKRQYLLLHSLKEIISSASVVGLKPYVENIWALLLKHCECAEEGTRNVVA
ECLGKLTLIDPETLLPRLKGYLISGSSYARSSVVTAVKFTISDHPQPIDPLLKNCIGDFLKTLEDPDLNVRRVALVTFNS
AAHNKPSLIRDLLDTVLPHLYNETKVRKELIREVEMGPFKHTVDDGLDIRKAAFECMYTLLDSCLDRLDIFEFLNHVEDG
LKDHYDIKMLTFLMLVRLSTLCPSAVLQRLDRLVEPLRATCTTKVKANSVKQEFEKQDELKRSAMRAVAALLTIPEAEKS
PLMSEFQSQISSNPELAAIFESIQKDSSSTNLESMDTS
;
C
4 'polypeptide(L)'
;GSMNKLKSSQKDKVRQFMIFTQSSEKTAVSCLSQNDWKLDVATDNFFQNPELYIRESVKGSLDRKKLEQLYNRYKDPQDE
NKIGIDGIQQFCDDLALDPASISVLIIAWKFRAATQCEFSKQEFMDGMTELGCDSIEKLKAQIPKMEQELKEPGRFKDFY
QFTFNFAKNPGQKGLDLEMAIAYWNLVLNGRFKFLDLWNKFLLEHHKRSIPKDTWNLLLDFSTMIADDMSNYDEEGAWPV
LIDDFVEFARPQIAGTKSTTV
;
F
#
# COMPACT_ATOMS: atom_id res chain seq x y z
N ASP A 55 72.64 -12.94 39.49
CA ASP A 55 72.56 -14.23 40.16
C ASP A 55 72.99 -14.11 41.62
N GLN A 56 73.93 -13.20 41.88
CA GLN A 56 74.40 -13.01 43.25
C GLN A 56 73.29 -12.51 44.15
N ILE A 57 72.46 -11.59 43.65
CA ILE A 57 71.37 -11.02 44.41
C ILE A 57 70.05 -11.66 43.98
N TRP A 58 70.13 -12.87 43.45
CA TRP A 58 68.92 -13.56 43.00
C TRP A 58 67.89 -13.65 44.12
N ASP A 59 68.34 -13.90 45.35
CA ASP A 59 67.42 -13.93 46.49
C ASP A 59 66.73 -12.58 46.66
N ASP A 60 67.50 -11.50 46.56
CA ASP A 60 66.93 -10.17 46.66
C ASP A 60 65.86 -9.98 45.59
N LEU A 61 64.75 -9.35 45.98
CA LEU A 61 63.62 -9.09 45.09
C LEU A 61 62.84 -10.36 44.79
N ARG A 62 63.35 -11.52 45.22
CA ARG A 62 62.66 -12.78 44.95
C ARG A 62 61.23 -12.74 45.46
N ALA A 63 61.08 -12.61 46.78
CA ALA A 63 59.75 -12.47 47.35
C ALA A 63 59.00 -11.29 46.75
N GLY A 64 59.73 -10.27 46.30
CA GLY A 64 59.08 -9.14 45.67
C GLY A 64 58.25 -9.53 44.46
N ILE A 65 58.71 -10.54 43.71
CA ILE A 65 57.95 -11.00 42.56
C ILE A 65 56.55 -11.44 42.98
N GLN A 66 56.43 -12.02 44.18
CA GLN A 66 55.13 -12.38 44.70
C GLN A 66 54.36 -11.18 45.26
N GLN A 67 55.06 -10.17 45.76
CA GLN A 67 54.38 -9.05 46.40
C GLN A 67 53.42 -8.35 45.44
N VAL A 68 53.83 -8.17 44.19
CA VAL A 68 52.93 -7.55 43.21
C VAL A 68 51.69 -8.41 43.00
N TYR A 69 51.85 -9.74 43.00
CA TYR A 69 50.72 -10.63 42.79
C TYR A 69 49.76 -10.66 43.96
N THR A 70 50.27 -10.65 45.19
CA THR A 70 49.42 -10.65 46.37
C THR A 70 48.77 -9.27 46.53
N ARG A 71 47.49 -9.28 46.92
CA ARG A 71 46.75 -8.04 47.10
C ARG A 71 47.09 -7.40 48.43
N GLN A 72 48.24 -6.73 48.49
CA GLN A 72 48.70 -6.06 49.71
C GLN A 72 49.23 -4.68 49.35
N SER A 73 48.91 -3.69 50.18
CA SER A 73 49.36 -2.33 49.94
C SER A 73 50.86 -2.21 50.16
N MET A 74 51.54 -1.55 49.23
CA MET A 74 52.98 -1.33 49.30
C MET A 74 53.26 0.14 49.00
N ALA A 75 54.17 0.73 49.78
CA ALA A 75 54.47 2.15 49.63
C ALA A 75 55.38 2.40 48.43
N LYS A 76 55.42 3.66 48.01
CA LYS A 76 56.26 4.04 46.87
C LYS A 76 57.74 3.87 47.17
N SER A 77 58.14 3.89 48.44
CA SER A 77 59.55 3.68 48.78
C SER A 77 60.03 2.32 48.33
N ARG A 78 59.21 1.29 48.54
CA ARG A 78 59.57 -0.05 48.09
C ARG A 78 59.67 -0.10 46.57
N TYR A 79 58.76 0.59 45.87
CA TYR A 79 58.81 0.61 44.41
C TYR A 79 60.10 1.27 43.92
N MET A 80 60.48 2.38 44.55
CA MET A 80 61.75 3.03 44.22
C MET A 80 62.93 2.11 44.49
N GLU A 81 62.89 1.39 45.62
CA GLU A 81 64.00 0.48 45.94
C GLU A 81 64.11 -0.63 44.91
N LEU A 82 62.97 -1.22 44.52
CA LEU A 82 63.00 -2.27 43.51
C LEU A 82 63.50 -1.74 42.17
N TYR A 83 63.06 -0.54 41.79
CA TYR A 83 63.55 0.05 40.54
C TYR A 83 65.06 0.27 40.60
N THR A 84 65.57 0.74 41.75
CA THR A 84 67.01 0.94 41.89
C THR A 84 67.76 -0.37 41.79
N HIS A 85 67.25 -1.43 42.43
CA HIS A 85 67.92 -2.73 42.33
C HIS A 85 67.92 -3.23 40.89
N VAL A 86 66.79 -3.08 40.18
CA VAL A 86 66.73 -3.51 38.78
C VAL A 86 67.72 -2.73 37.94
N TYR A 87 67.80 -1.42 38.14
CA TYR A 87 68.75 -0.61 37.38
C TYR A 87 70.18 -1.04 37.66
N ASN A 88 70.51 -1.29 38.93
CA ASN A 88 71.87 -1.70 39.27
C ASN A 88 72.20 -3.06 38.66
N TYR A 89 71.26 -4.01 38.72
CA TYR A 89 71.51 -5.33 38.16
C TYR A 89 71.68 -5.26 36.64
N CYS A 90 70.86 -4.46 35.97
CA CYS A 90 70.94 -4.36 34.52
C CYS A 90 72.29 -3.82 34.08
N THR A 91 72.79 -2.79 34.77
CA THR A 91 74.07 -2.18 34.44
C THR A 91 75.20 -2.86 35.22
N GLY A 122 73.42 -11.62 30.08
CA GLY A 122 72.54 -11.58 31.23
C GLY A 122 71.12 -11.98 30.89
N LEU A 123 70.99 -13.00 30.02
CA LEU A 123 69.70 -13.51 29.61
C LEU A 123 69.14 -14.56 30.55
N GLU A 124 69.92 -15.00 31.55
CA GLU A 124 69.42 -16.01 32.47
C GLU A 124 68.25 -15.49 33.29
N LEU A 125 68.22 -14.19 33.57
CA LEU A 125 67.12 -13.63 34.35
C LEU A 125 65.79 -13.79 33.62
N TYR A 126 65.79 -13.60 32.30
CA TYR A 126 64.56 -13.76 31.53
C TYR A 126 64.03 -15.19 31.64
N LYS A 127 64.93 -16.17 31.49
CA LYS A 127 64.51 -17.57 31.59
C LYS A 127 64.02 -17.89 32.99
N ARG A 128 64.70 -17.38 34.02
CA ARG A 128 64.27 -17.62 35.39
C ARG A 128 62.88 -17.03 35.65
N LEU A 129 62.64 -15.82 35.16
CA LEU A 129 61.32 -15.21 35.34
C LEU A 129 60.25 -16.00 34.60
N LYS A 130 60.57 -16.46 33.38
CA LYS A 130 59.60 -17.26 32.63
C LYS A 130 59.27 -18.56 33.36
N GLU A 131 60.30 -19.22 33.90
CA GLU A 131 60.07 -20.45 34.64
C GLU A 131 59.24 -20.19 35.90
N PHE A 132 59.53 -19.10 36.61
CA PHE A 132 58.75 -18.78 37.80
C PHE A 132 57.29 -18.50 37.44
N LEU A 133 57.06 -17.77 36.35
CA LEU A 133 55.68 -17.52 35.92
C LEU A 133 54.98 -18.80 35.54
N LYS A 134 55.66 -19.71 34.83
CA LYS A 134 55.05 -20.97 34.47
C LYS A 134 54.72 -21.79 35.71
N ASN A 135 55.61 -21.79 36.70
CA ASN A 135 55.33 -22.52 37.95
C ASN A 135 54.13 -21.92 38.66
N TYR A 136 54.03 -20.59 38.70
CA TYR A 136 52.90 -19.95 39.36
C TYR A 136 51.60 -20.29 38.66
N LEU A 137 51.59 -20.25 37.32
CA LEU A 137 50.38 -20.61 36.57
C LEU A 137 50.01 -22.07 36.80
N THR A 138 51.01 -22.96 36.83
CA THR A 138 50.72 -24.36 37.10
C THR A 138 50.13 -24.55 38.48
N ASN A 139 50.67 -23.86 39.49
CA ASN A 139 50.12 -23.94 40.84
C ASN A 139 48.69 -23.43 40.87
N LEU A 140 48.42 -22.32 40.18
CA LEU A 140 47.06 -21.80 40.12
C LEU A 140 46.11 -22.80 39.46
N LEU A 141 46.55 -23.42 38.36
CA LEU A 141 45.72 -24.40 37.68
C LEU A 141 45.45 -25.61 38.56
N LYS A 142 46.44 -26.02 39.36
CA LYS A 142 46.23 -27.16 40.25
C LYS A 142 45.01 -26.96 41.13
N ASP A 143 44.84 -25.76 41.69
CA ASP A 143 43.65 -25.45 42.48
C ASP A 143 42.43 -25.18 41.61
N GLY A 144 42.61 -24.60 40.42
CA GLY A 144 41.48 -24.31 39.55
C GLY A 144 41.17 -25.43 38.58
N GLU A 145 40.96 -26.64 39.11
CA GLU A 145 40.63 -27.80 38.29
C GLU A 145 39.51 -28.64 38.90
N ASP A 146 38.81 -28.10 39.90
CA ASP A 146 37.73 -28.81 40.57
C ASP A 146 36.53 -27.90 40.76
N LEU A 147 36.23 -27.07 39.77
CA LEU A 147 35.10 -26.16 39.81
C LEU A 147 34.31 -26.27 38.51
N MET A 148 32.98 -26.29 38.63
CA MET A 148 32.11 -26.42 37.47
C MET A 148 31.65 -25.03 37.02
N ASP A 149 30.76 -25.02 36.03
CA ASP A 149 30.26 -23.77 35.48
C ASP A 149 29.40 -23.05 36.53
N GLU A 150 29.29 -21.73 36.36
CA GLU A 150 28.50 -20.87 37.23
C GLU A 150 29.21 -20.65 38.57
N SER A 151 30.37 -21.28 38.76
CA SER A 151 31.16 -21.11 39.97
C SER A 151 32.64 -20.87 39.66
N VAL A 152 33.05 -20.96 38.41
CA VAL A 152 34.44 -20.74 38.03
C VAL A 152 34.61 -19.49 37.17
N LEU A 153 33.53 -18.96 36.58
CA LEU A 153 33.67 -17.78 35.74
C LEU A 153 34.18 -16.58 36.54
N LYS A 154 33.60 -16.35 37.72
CA LYS A 154 34.05 -15.23 38.54
C LYS A 154 35.50 -15.41 38.97
N PHE A 155 35.86 -16.62 39.38
CA PHE A 155 37.24 -16.89 39.80
C PHE A 155 38.21 -16.62 38.66
N TYR A 156 37.88 -17.09 37.46
CA TYR A 156 38.71 -16.82 36.30
C TYR A 156 38.81 -15.32 36.04
N THR A 157 37.70 -14.60 36.23
CA THR A 157 37.72 -13.16 36.00
C THR A 157 38.68 -12.46 36.96
N GLN A 158 38.57 -12.74 38.26
CA GLN A 158 39.47 -12.09 39.21
C GLN A 158 40.91 -12.50 38.97
N GLN A 159 41.15 -13.77 38.64
CA GLN A 159 42.51 -14.22 38.39
C GLN A 159 43.11 -13.51 37.17
N TRP A 160 42.31 -13.37 36.10
CA TRP A 160 42.79 -12.64 34.93
C TRP A 160 43.08 -11.20 35.25
N GLU A 161 42.20 -10.55 36.04
CA GLU A 161 42.44 -9.16 36.42
C GLU A 161 43.73 -9.03 37.20
N ASP A 162 43.95 -9.91 38.18
CA ASP A 162 45.16 -9.85 38.97
C ASP A 162 46.39 -10.11 38.11
N TYR A 163 46.32 -11.08 37.20
CA TYR A 163 47.46 -11.38 36.35
C TYR A 163 47.81 -10.21 35.43
N ARG A 164 46.80 -9.58 34.83
CA ARG A 164 47.08 -8.45 33.95
C ARG A 164 47.63 -7.27 34.74
N PHE A 165 47.10 -7.02 35.94
CA PHE A 165 47.64 -5.94 36.77
C PHE A 165 49.09 -6.22 37.14
N SER A 166 49.40 -7.45 37.52
CA SER A 166 50.78 -7.79 37.88
C SER A 166 51.71 -7.65 36.67
N SER A 167 51.25 -8.08 35.49
CA SER A 167 52.07 -7.94 34.29
C SER A 167 52.31 -6.48 33.97
N LYS A 168 51.29 -5.63 34.09
CA LYS A 168 51.47 -4.21 33.84
C LYS A 168 52.45 -3.60 34.83
N VAL A 169 52.35 -3.96 36.10
CA VAL A 169 53.26 -3.43 37.11
C VAL A 169 54.69 -3.87 36.82
N LEU A 170 54.88 -5.14 36.46
CA LEU A 170 56.21 -5.64 36.17
C LEU A 170 56.81 -4.95 34.95
N ASN A 171 55.99 -4.74 33.90
CA ASN A 171 56.46 -4.03 32.73
C ASN A 171 56.85 -2.60 33.06
N GLY A 172 56.04 -1.92 33.87
CA GLY A 172 56.40 -0.58 34.30
C GLY A 172 57.69 -0.56 35.10
N ILE A 173 57.92 -1.60 35.90
CA ILE A 173 59.14 -1.67 36.70
C ILE A 173 60.36 -1.86 35.82
N CYS A 174 60.30 -2.80 34.87
CA CYS A 174 61.47 -3.20 34.10
C CYS A 174 61.43 -2.74 32.65
N ALA A 175 60.74 -1.63 32.36
CA ALA A 175 60.87 -1.02 31.05
C ALA A 175 62.33 -0.76 30.69
N TYR A 176 63.15 -0.42 31.69
CA TYR A 176 64.57 -0.18 31.45
C TYR A 176 65.21 -1.37 30.75
N LEU A 177 64.98 -2.57 31.26
CA LEU A 177 65.48 -3.77 30.58
C LEU A 177 64.71 -4.04 29.30
N ASN A 178 63.42 -3.68 29.25
CA ASN A 178 62.65 -3.87 28.03
C ASN A 178 63.23 -3.09 26.86
N ARG A 179 64.00 -2.04 27.13
CA ARG A 179 64.58 -1.24 26.06
C ARG A 179 66.09 -1.49 25.95
N HIS A 180 66.52 -2.74 26.09
CA HIS A 180 67.93 -3.07 26.07
C HIS A 180 68.33 -4.11 25.04
N TRP A 181 67.38 -4.72 24.32
CA TRP A 181 67.70 -5.73 23.33
C TRP A 181 67.74 -5.11 21.93
N VAL A 182 68.25 -5.90 20.99
CA VAL A 182 68.38 -5.46 19.60
C VAL A 182 67.54 -6.27 18.63
N ARG A 183 66.90 -7.34 19.09
CA ARG A 183 66.08 -8.19 18.23
C ARG A 183 66.92 -8.83 17.12
N GLY A 192 57.26 -16.23 23.10
CA GLY A 192 57.45 -15.81 21.72
C GLY A 192 58.11 -14.45 21.62
N ILE A 193 57.34 -13.39 21.87
CA ILE A 193 57.86 -12.03 21.81
C ILE A 193 58.60 -11.71 23.11
N TYR A 194 59.59 -10.83 22.99
CA TYR A 194 60.45 -10.49 24.12
C TYR A 194 59.84 -9.47 25.06
N GLU A 195 58.79 -8.77 24.65
CA GLU A 195 58.19 -7.76 25.50
C GLU A 195 57.55 -8.39 26.73
N ILE A 196 57.65 -7.69 27.86
CA ILE A 196 57.11 -8.22 29.12
C ILE A 196 55.60 -8.39 29.02
N TYR A 197 54.91 -7.37 28.53
CA TYR A 197 53.46 -7.48 28.33
C TYR A 197 53.15 -8.57 27.31
N SER A 198 53.94 -8.62 26.22
CA SER A 198 53.74 -9.68 25.23
C SER A 198 53.99 -11.05 25.85
N LEU A 199 55.02 -11.17 26.69
CA LEU A 199 55.28 -12.44 27.35
C LEU A 199 54.12 -12.87 28.24
N ALA A 200 53.58 -11.92 29.02
CA ALA A 200 52.45 -12.23 29.88
C ALA A 200 51.23 -12.65 29.05
N LEU A 201 50.97 -11.95 27.95
CA LEU A 201 49.84 -12.30 27.10
C LEU A 201 50.03 -13.68 26.47
N VAL A 202 51.26 -13.99 26.06
CA VAL A 202 51.53 -15.32 25.50
C VAL A 202 51.32 -16.40 26.57
N THR A 203 51.77 -16.13 27.79
CA THR A 203 51.56 -17.09 28.87
C THR A 203 50.08 -17.30 29.14
N TRP A 204 49.30 -16.22 29.15
CA TRP A 204 47.86 -16.35 29.34
C TRP A 204 47.21 -17.13 28.20
N ARG A 205 47.64 -16.87 26.96
CA ARG A 205 47.11 -17.61 25.82
C ARG A 205 47.42 -19.09 25.94
N ASP A 206 48.65 -19.43 26.36
CA ASP A 206 49.00 -20.83 26.57
C ASP A 206 48.15 -21.46 27.67
N CYS A 207 47.95 -20.72 28.77
CA CYS A 207 47.12 -21.23 29.85
C CYS A 207 45.68 -21.42 29.42
N LEU A 208 45.22 -20.64 28.44
CA LEU A 208 43.87 -20.79 27.91
C LEU A 208 43.77 -21.88 26.85
N PHE A 209 44.88 -22.22 26.18
CA PHE A 209 44.82 -23.20 25.10
C PHE A 209 44.37 -24.57 25.62
N ARG A 210 44.87 -24.97 26.78
CA ARG A 210 44.53 -26.26 27.37
C ARG A 210 43.01 -26.39 27.50
N PRO A 211 42.47 -27.58 27.73
CA PRO A 211 41.01 -27.77 27.72
C PRO A 211 40.27 -26.88 28.70
N LEU A 212 40.95 -26.11 29.54
CA LEU A 212 40.25 -25.22 30.48
C LEU A 212 39.25 -24.34 29.74
N ASN A 213 39.68 -23.73 28.63
CA ASN A 213 38.78 -22.88 27.86
C ASN A 213 37.51 -23.62 27.48
N LYS A 214 37.64 -24.90 27.12
CA LYS A 214 36.47 -25.66 26.67
C LYS A 214 35.37 -25.63 27.72
N GLN A 215 35.73 -25.50 29.00
CA GLN A 215 34.72 -25.29 30.03
C GLN A 215 34.18 -23.87 29.99
N VAL A 216 35.07 -22.88 30.13
CA VAL A 216 34.61 -21.49 30.25
C VAL A 216 33.83 -21.09 29.01
N THR A 217 34.43 -21.31 27.83
CA THR A 217 33.74 -20.98 26.59
C THR A 217 32.41 -21.71 26.50
N ASN A 218 32.34 -22.92 27.05
CA ASN A 218 31.07 -23.64 27.07
C ASN A 218 30.13 -23.06 28.12
N ALA A 219 30.65 -22.70 29.29
CA ALA A 219 29.79 -22.24 30.38
C ALA A 219 28.98 -21.03 29.96
N VAL A 220 29.61 -20.08 29.28
CA VAL A 220 28.92 -18.87 28.84
C VAL A 220 27.71 -19.24 28.01
N LEU A 221 27.82 -20.27 27.18
CA LEU A 221 26.72 -20.66 26.31
C LEU A 221 25.45 -20.94 27.11
N LYS A 222 25.58 -21.46 28.34
CA LYS A 222 24.41 -21.63 29.18
C LYS A 222 23.82 -20.29 29.61
N LEU A 223 24.66 -19.39 30.11
CA LEU A 223 24.17 -18.14 30.67
C LEU A 223 23.32 -17.38 29.65
N ILE A 224 23.85 -17.20 28.44
CA ILE A 224 23.11 -16.51 27.39
C ILE A 224 21.76 -17.20 27.18
N GLU A 225 21.77 -18.53 27.12
CA GLU A 225 20.52 -19.27 26.96
C GLU A 225 19.55 -18.94 28.09
N LYS A 226 20.06 -18.90 29.33
CA LYS A 226 19.21 -18.54 30.45
C LYS A 226 18.66 -17.13 30.29
N GLU A 227 19.45 -16.23 29.70
CA GLU A 227 18.97 -14.88 29.46
C GLU A 227 17.77 -14.87 28.52
N ARG A 228 17.61 -15.88 27.68
CA ARG A 228 16.47 -16.00 26.79
C ARG A 228 15.36 -16.87 27.37
N ASN A 229 15.52 -17.35 28.60
CA ASN A 229 14.52 -18.19 29.25
C ASN A 229 13.83 -17.48 30.40
N GLY A 230 13.94 -16.16 30.48
CA GLY A 230 13.32 -15.41 31.56
C GLY A 230 14.13 -15.34 32.83
N GLU A 231 15.43 -15.59 32.78
CA GLU A 231 16.30 -15.57 33.94
C GLU A 231 17.29 -14.41 33.83
N THR A 232 17.71 -13.91 34.99
CA THR A 232 18.65 -12.81 35.08
C THR A 232 20.04 -13.38 35.33
N ILE A 233 20.99 -13.02 34.47
CA ILE A 233 22.35 -13.51 34.56
C ILE A 233 23.30 -12.35 34.84
N ASN A 234 24.54 -12.67 35.19
CA ASN A 234 25.55 -11.67 35.48
C ASN A 234 26.29 -11.32 34.20
N THR A 235 26.10 -10.08 33.71
CA THR A 235 26.75 -9.64 32.49
C THR A 235 28.22 -9.31 32.69
N ARG A 236 28.64 -9.03 33.93
CA ARG A 236 30.03 -8.67 34.18
C ARG A 236 30.97 -9.82 33.82
N LEU A 237 30.60 -11.05 34.19
CA LEU A 237 31.46 -12.19 33.91
C LEU A 237 31.63 -12.39 32.41
N ILE A 238 30.53 -12.34 31.66
CA ILE A 238 30.61 -12.53 30.21
C ILE A 238 31.39 -11.39 29.58
N SER A 239 31.18 -10.17 30.06
CA SER A 239 31.91 -9.02 29.51
C SER A 239 33.42 -9.20 29.73
N GLY A 240 33.81 -9.62 30.93
CA GLY A 240 35.22 -9.85 31.19
C GLY A 240 35.80 -10.97 30.35
N VAL A 241 35.03 -12.06 30.19
CA VAL A 241 35.51 -13.18 29.37
C VAL A 241 35.70 -12.73 27.92
N VAL A 242 34.75 -11.98 27.38
CA VAL A 242 34.86 -11.51 26.00
C VAL A 242 36.04 -10.56 25.86
N GLN A 243 36.23 -9.67 26.85
CA GLN A 243 37.36 -8.75 26.81
C GLN A 243 38.69 -9.51 26.80
N SER A 244 38.80 -10.52 27.67
CA SER A 244 40.03 -11.31 27.70
C SER A 244 40.25 -12.04 26.37
N TYR A 245 39.18 -12.60 25.80
CA TYR A 245 39.32 -13.31 24.54
C TYR A 245 39.74 -12.39 23.40
N VAL A 246 39.13 -11.20 23.31
CA VAL A 246 39.49 -10.29 22.22
C VAL A 246 40.89 -9.75 22.41
N GLU A 247 41.28 -9.47 23.65
CA GLU A 247 42.61 -8.93 23.90
C GLU A 247 43.70 -9.90 23.49
N LEU A 248 43.47 -11.20 23.67
CA LEU A 248 44.44 -12.21 23.28
C LEU A 248 44.48 -12.35 21.75
N GLY A 249 45.48 -13.08 21.27
CA GLY A 249 45.65 -13.31 19.86
C GLY A 249 46.69 -12.46 19.17
N LEU A 250 47.45 -11.66 19.92
CA LEU A 250 48.48 -10.82 19.35
C LEU A 250 49.54 -11.66 18.63
N PRO A 260 42.97 -4.30 16.18
CA PRO A 260 43.19 -5.41 17.12
C PRO A 260 43.11 -6.78 16.46
N THR A 261 43.61 -7.80 17.14
CA THR A 261 43.59 -9.17 16.63
C THR A 261 42.38 -9.90 17.21
N LEU A 262 41.54 -10.42 16.32
CA LEU A 262 40.33 -11.14 16.71
C LEU A 262 40.35 -12.58 16.21
N THR A 263 41.54 -13.12 15.94
CA THR A 263 41.64 -14.48 15.42
C THR A 263 41.09 -15.49 16.42
N VAL A 264 41.57 -15.43 17.66
CA VAL A 264 41.12 -16.38 18.67
C VAL A 264 39.63 -16.18 18.97
N TYR A 265 39.20 -14.92 19.10
CA TYR A 265 37.79 -14.64 19.34
C TYR A 265 36.92 -15.15 18.20
N LYS A 266 37.43 -15.09 16.97
CA LYS A 266 36.66 -15.54 15.82
C LYS A 266 36.60 -17.06 15.72
N GLU A 267 37.70 -17.76 16.04
CA GLU A 267 37.75 -19.20 15.89
C GLU A 267 37.36 -19.97 17.14
N SER A 268 37.08 -19.28 18.26
CA SER A 268 36.80 -19.97 19.51
C SER A 268 35.33 -19.84 19.90
N PHE A 269 34.83 -18.62 20.00
CA PHE A 269 33.48 -18.39 20.48
C PHE A 269 32.54 -17.83 19.42
N GLU A 270 33.06 -17.10 18.43
CA GLU A 270 32.19 -16.47 17.43
C GLU A 270 31.41 -17.51 16.65
N SER A 271 32.11 -18.50 16.09
CA SER A 271 31.44 -19.50 15.26
C SER A 271 30.47 -20.34 16.08
N GLN A 272 30.91 -20.83 17.23
CA GLN A 272 30.05 -21.66 18.06
C GLN A 272 28.84 -20.88 18.55
N PHE A 273 29.07 -19.64 19.01
CA PHE A 273 27.95 -18.82 19.48
C PHE A 273 26.96 -18.55 18.36
N LEU A 274 27.47 -18.22 17.16
CA LEU A 274 26.58 -17.95 16.04
C LEU A 274 25.76 -19.19 15.68
N ALA A 275 26.40 -20.36 15.64
CA ALA A 275 25.67 -21.59 15.33
C ALA A 275 24.62 -21.88 16.38
N ASP A 276 24.95 -21.70 17.66
CA ASP A 276 23.98 -21.94 18.72
C ASP A 276 22.79 -21.00 18.60
N THR A 277 23.05 -19.71 18.34
CA THR A 277 21.96 -18.77 18.18
C THR A 277 21.09 -19.12 16.98
N GLU A 278 21.71 -19.49 15.86
CA GLU A 278 20.93 -19.90 14.69
C GLU A 278 20.03 -21.07 15.02
N ARG A 279 20.58 -22.11 15.66
CA ARG A 279 19.80 -23.29 15.95
C ARG A 279 18.65 -22.96 16.91
N PHE A 280 18.95 -22.21 17.97
CA PHE A 280 17.92 -21.87 18.94
C PHE A 280 16.81 -21.05 18.31
N TYR A 281 17.17 -20.06 17.47
CA TYR A 281 16.16 -19.21 16.86
C TYR A 281 15.33 -19.99 15.85
N THR A 282 15.97 -20.89 15.09
CA THR A 282 15.21 -21.71 14.15
C THR A 282 14.21 -22.59 14.90
N ARG A 283 14.66 -23.22 16.00
CA ARG A 283 13.75 -24.06 16.77
C ARG A 283 12.60 -23.25 17.36
N GLU A 284 12.91 -22.06 17.89
CA GLU A 284 11.86 -21.22 18.47
C GLU A 284 10.86 -20.78 17.41
N SER A 285 11.36 -20.38 16.24
CA SER A 285 10.46 -19.95 15.17
C SER A 285 9.57 -21.10 14.71
N THR A 286 10.15 -22.29 14.55
CA THR A 286 9.33 -23.44 14.15
C THR A 286 8.27 -23.74 15.20
N GLU A 287 8.65 -23.76 16.47
CA GLU A 287 7.68 -24.05 17.52
C GLU A 287 6.57 -23.01 17.56
N PHE A 288 6.92 -21.73 17.43
CA PHE A 288 5.90 -20.68 17.45
C PHE A 288 4.96 -20.81 16.26
N LEU A 289 5.52 -20.91 15.04
CA LEU A 289 4.68 -20.97 13.85
C LEU A 289 3.85 -22.24 13.80
N GLN A 290 4.25 -23.29 14.52
CA GLN A 290 3.45 -24.51 14.55
C GLN A 290 2.08 -24.31 15.18
N GLN A 291 1.94 -23.44 16.18
CA GLN A 291 0.66 -23.27 16.87
C GLN A 291 0.34 -21.81 17.21
N ASN A 292 0.78 -20.87 16.37
CA ASN A 292 0.46 -19.47 16.60
C ASN A 292 0.28 -18.80 15.24
N PRO A 293 -0.48 -17.68 15.19
CA PRO A 293 -0.62 -16.95 13.93
C PRO A 293 0.64 -16.16 13.57
N VAL A 294 0.56 -15.35 12.52
CA VAL A 294 1.73 -14.62 12.04
C VAL A 294 1.92 -13.28 12.74
N THR A 295 0.85 -12.64 13.21
CA THR A 295 0.99 -11.35 13.88
C THR A 295 1.78 -11.50 15.17
N GLU A 296 1.44 -12.51 15.97
CA GLU A 296 2.20 -12.77 17.19
C GLU A 296 3.65 -13.12 16.86
N TYR A 297 3.87 -13.89 15.80
CA TYR A 297 5.23 -14.23 15.39
C TYR A 297 6.02 -12.96 15.06
N MET A 298 5.40 -12.04 14.34
CA MET A 298 6.07 -10.78 14.01
C MET A 298 6.40 -9.99 15.28
N LYS A 299 5.46 -9.95 16.22
CA LYS A 299 5.72 -9.21 17.46
C LYS A 299 6.88 -9.81 18.24
N LYS A 300 6.90 -11.14 18.38
CA LYS A 300 8.00 -11.76 19.12
C LYS A 300 9.30 -11.66 18.34
N ALA A 301 9.24 -11.60 17.01
CA ALA A 301 10.44 -11.35 16.22
C ALA A 301 11.01 -9.97 16.52
N GLU A 302 10.15 -8.96 16.58
CA GLU A 302 10.60 -7.64 17.02
C GLU A 302 11.22 -7.68 18.40
N ALA A 303 10.56 -8.36 19.34
CA ALA A 303 11.09 -8.43 20.70
C ALA A 303 12.46 -9.09 20.72
N ARG A 304 12.61 -10.21 20.03
CA ARG A 304 13.88 -10.94 20.04
C ARG A 304 14.97 -10.13 19.33
N LEU A 305 14.65 -9.45 18.24
CA LEU A 305 15.65 -8.64 17.56
C LEU A 305 16.10 -7.49 18.45
N LEU A 306 15.16 -6.84 19.14
CA LEU A 306 15.54 -5.77 20.05
C LEU A 306 16.42 -6.29 21.18
N GLU A 307 16.07 -7.45 21.73
CA GLU A 307 16.88 -8.03 22.80
C GLU A 307 18.28 -8.38 22.30
N GLU A 308 18.38 -8.93 21.09
CA GLU A 308 19.67 -9.25 20.52
C GLU A 308 20.52 -8.00 20.30
N GLN A 309 19.89 -6.94 19.79
CA GLN A 309 20.63 -5.68 19.62
C GLN A 309 21.12 -5.15 20.95
N ARG A 310 20.27 -5.25 21.99
CA ARG A 310 20.68 -4.84 23.32
C ARG A 310 21.88 -5.64 23.80
N ARG A 311 21.82 -6.96 23.63
CA ARG A 311 22.94 -7.80 24.06
C ARG A 311 24.22 -7.43 23.33
N VAL A 312 24.13 -7.23 22.01
CA VAL A 312 25.31 -6.91 21.22
C VAL A 312 25.91 -5.59 21.68
N GLN A 313 25.05 -4.58 21.86
CA GLN A 313 25.54 -3.27 22.27
C GLN A 313 26.04 -3.26 23.71
N VAL A 314 25.61 -4.22 24.54
CA VAL A 314 26.00 -4.23 25.93
C VAL A 314 27.32 -4.98 26.12
N TYR A 315 27.34 -6.28 25.78
CA TYR A 315 28.46 -7.16 26.14
C TYR A 315 28.93 -7.96 24.92
N LEU A 316 29.16 -7.26 23.81
CA LEU A 316 29.77 -7.90 22.64
C LEU A 316 30.55 -6.85 21.87
N HIS A 317 31.46 -7.34 21.03
CA HIS A 317 32.30 -6.47 20.23
C HIS A 317 31.49 -5.78 19.14
N GLU A 318 31.96 -4.59 18.74
CA GLU A 318 31.28 -3.81 17.72
C GLU A 318 31.38 -4.46 16.34
N SER A 319 32.52 -5.10 16.03
CA SER A 319 32.70 -5.67 14.70
C SER A 319 31.65 -6.74 14.41
N THR A 320 31.12 -7.39 15.44
CA THR A 320 30.11 -8.42 15.25
C THR A 320 28.71 -7.85 15.05
N GLN A 321 28.52 -6.55 15.28
CA GLN A 321 27.18 -5.97 15.18
C GLN A 321 26.53 -6.29 13.84
N ASP A 322 27.25 -6.04 12.75
CA ASP A 322 26.71 -6.38 11.43
C ASP A 322 26.58 -7.88 11.26
N GLU A 323 27.55 -8.64 11.77
CA GLU A 323 27.56 -10.09 11.53
C GLU A 323 26.27 -10.74 12.02
N LEU A 324 25.81 -10.36 13.21
CA LEU A 324 24.58 -10.90 13.76
C LEU A 324 23.35 -10.10 13.34
N ALA A 325 23.53 -8.96 12.66
CA ALA A 325 22.39 -8.14 12.25
C ALA A 325 21.66 -8.76 11.06
N ARG A 326 22.35 -8.88 9.93
CA ARG A 326 21.75 -9.50 8.76
C ARG A 326 21.44 -10.97 9.02
N LYS A 327 22.35 -11.67 9.69
CA LYS A 327 22.19 -13.11 9.92
C LYS A 327 20.84 -13.40 10.56
N CYS A 328 20.50 -12.68 11.63
CA CYS A 328 19.21 -12.91 12.28
C CYS A 328 18.07 -12.65 11.30
N GLU A 329 18.17 -11.57 10.53
CA GLU A 329 17.14 -11.27 9.54
C GLU A 329 16.98 -12.40 8.53
N GLN A 330 18.02 -13.20 8.30
CA GLN A 330 17.93 -14.31 7.37
C GLN A 330 17.28 -15.54 7.99
N VAL A 331 17.15 -15.59 9.32
CA VAL A 331 16.60 -16.76 9.99
C VAL A 331 15.17 -16.54 10.48
N LEU A 332 14.77 -15.29 10.75
CA LEU A 332 13.45 -14.99 11.28
C LEU A 332 12.51 -14.39 10.24
N ILE A 333 13.02 -13.97 9.08
CA ILE A 333 12.19 -13.33 8.07
C ILE A 333 12.34 -14.07 6.74
N GLU A 334 13.59 -14.26 6.30
CA GLU A 334 13.82 -14.81 4.97
C GLU A 334 13.19 -16.19 4.83
N LYS A 335 13.54 -17.11 5.73
CA LYS A 335 13.12 -18.51 5.58
C LYS A 335 11.61 -18.63 5.54
N HIS A 336 10.89 -17.67 6.11
CA HIS A 336 9.44 -17.73 6.19
C HIS A 336 8.75 -16.73 5.26
N LEU A 337 9.49 -16.14 4.31
CA LEU A 337 8.90 -15.15 3.42
C LEU A 337 7.64 -15.68 2.76
N GLU A 338 7.71 -16.90 2.22
CA GLU A 338 6.54 -17.48 1.58
C GLU A 338 5.37 -17.54 2.56
N ILE A 339 5.62 -17.98 3.80
CA ILE A 339 4.56 -18.01 4.80
C ILE A 339 3.98 -16.63 5.01
N PHE A 340 4.84 -15.60 4.99
CA PHE A 340 4.34 -14.23 5.08
C PHE A 340 3.51 -13.84 3.87
N HIS A 341 3.90 -14.30 2.68
CA HIS A 341 3.19 -13.90 1.46
C HIS A 341 1.71 -14.26 1.55
N THR A 342 1.40 -15.51 1.90
CA THR A 342 0.01 -15.92 2.02
C THR A 342 -0.73 -15.07 3.04
N GLU A 343 -0.01 -14.56 4.05
CA GLU A 343 -0.64 -13.71 5.05
C GLU A 343 -1.01 -12.34 4.48
N PHE A 344 -0.22 -11.84 3.52
CA PHE A 344 -0.46 -10.49 3.00
C PHE A 344 -1.89 -10.33 2.51
N GLN A 345 -2.34 -11.25 1.64
CA GLN A 345 -3.71 -11.20 1.17
C GLN A 345 -4.69 -11.31 2.32
N ASN A 346 -4.41 -12.19 3.29
CA ASN A 346 -5.29 -12.31 4.45
C ASN A 346 -5.39 -10.98 5.20
N LEU A 347 -4.34 -10.16 5.15
CA LEU A 347 -4.37 -8.86 5.81
C LEU A 347 -5.00 -7.78 4.97
N LEU A 348 -5.26 -8.03 3.69
CA LEU A 348 -5.88 -7.04 2.81
C LEU A 348 -7.40 -7.13 2.82
N ASP A 349 -7.95 -8.34 2.93
CA ASP A 349 -9.41 -8.48 2.95
C ASP A 349 -10.02 -7.77 4.15
N ALA A 350 -9.39 -7.89 5.31
CA ALA A 350 -9.87 -7.27 6.55
C ALA A 350 -9.01 -6.04 6.84
N ASP A 351 -9.67 -4.95 7.23
CA ASP A 351 -8.99 -3.68 7.50
C ASP A 351 -8.17 -3.81 8.78
N LYS A 352 -6.85 -3.91 8.63
CA LYS A 352 -5.93 -3.97 9.77
C LYS A 352 -4.70 -3.15 9.40
N ASN A 353 -4.72 -1.86 9.74
CA ASN A 353 -3.61 -0.98 9.39
C ASN A 353 -2.34 -1.29 10.18
N GLU A 354 -2.49 -1.63 11.45
CA GLU A 354 -1.32 -1.91 12.28
C GLU A 354 -0.53 -3.11 11.75
N ASP A 355 -1.25 -4.16 11.34
CA ASP A 355 -0.58 -5.34 10.81
C ASP A 355 0.18 -5.01 9.54
N LEU A 356 -0.44 -4.25 8.63
CA LEU A 356 0.24 -3.86 7.40
C LEU A 356 1.47 -3.01 7.70
N GLY A 357 1.36 -2.07 8.63
CA GLY A 357 2.51 -1.25 8.98
C GLY A 357 3.65 -2.07 9.55
N ARG A 358 3.34 -2.99 10.47
CA ARG A 358 4.37 -3.83 11.06
C ARG A 358 5.02 -4.71 10.00
N MET A 359 4.22 -5.28 9.09
CA MET A 359 4.78 -6.13 8.05
C MET A 359 5.67 -5.33 7.11
N TYR A 360 5.25 -4.10 6.76
CA TYR A 360 6.08 -3.26 5.91
C TYR A 360 7.39 -2.92 6.60
N ASN A 361 7.33 -2.59 7.90
CA ASN A 361 8.56 -2.32 8.64
C ASN A 361 9.48 -3.53 8.66
N LEU A 362 8.93 -4.74 8.85
CA LEU A 362 9.75 -5.94 8.81
C LEU A 362 10.39 -6.14 7.44
N VAL A 363 9.61 -6.01 6.37
CA VAL A 363 10.12 -6.31 5.03
C VAL A 363 11.05 -5.22 4.52
N SER A 364 11.00 -4.02 5.10
CA SER A 364 11.91 -2.96 4.67
C SER A 364 13.36 -3.33 4.89
N ARG A 365 13.67 -3.99 6.02
CA ARG A 365 15.04 -4.38 6.31
C ARG A 365 15.56 -5.40 5.30
N ILE A 366 14.69 -6.11 4.61
CA ILE A 366 15.11 -7.11 3.64
C ILE A 366 15.32 -6.44 2.28
N GLN A 367 16.37 -6.86 1.58
CA GLN A 367 16.71 -6.29 0.29
C GLN A 367 15.97 -7.01 -0.83
N ASP A 368 15.65 -6.26 -1.89
CA ASP A 368 14.91 -6.77 -3.04
C ASP A 368 13.75 -7.67 -2.62
N GLY A 369 13.03 -7.28 -1.57
CA GLY A 369 11.91 -8.07 -1.08
C GLY A 369 10.62 -7.27 -0.99
N LEU A 370 10.44 -6.32 -1.91
CA LEU A 370 9.25 -5.48 -1.92
C LEU A 370 8.48 -5.50 -3.23
N GLY A 371 9.07 -6.00 -4.32
CA GLY A 371 8.34 -6.04 -5.58
C GLY A 371 7.12 -6.94 -5.51
N GLU A 372 7.25 -8.09 -4.86
CA GLU A 372 6.10 -9.00 -4.74
C GLU A 372 4.96 -8.35 -3.97
N LEU A 373 5.28 -7.64 -2.89
CA LEU A 373 4.24 -6.97 -2.12
C LEU A 373 3.55 -5.90 -2.96
N LYS A 374 4.32 -5.14 -3.73
CA LYS A 374 3.71 -4.12 -4.59
C LYS A 374 2.82 -4.75 -5.63
N LYS A 375 3.25 -5.87 -6.23
CA LYS A 375 2.43 -6.55 -7.22
C LYS A 375 1.13 -7.05 -6.60
N LEU A 376 1.22 -7.65 -5.40
CA LEU A 376 0.02 -8.12 -4.73
C LEU A 376 -0.92 -6.96 -4.41
N LEU A 377 -0.37 -5.83 -3.95
CA LEU A 377 -1.20 -4.67 -3.65
C LEU A 377 -1.89 -4.16 -4.91
N GLU A 378 -1.17 -4.10 -6.03
CA GLU A 378 -1.78 -3.66 -7.28
C GLU A 378 -2.88 -4.60 -7.73
N THR A 379 -2.64 -5.91 -7.61
CA THR A 379 -3.67 -6.88 -7.99
C THR A 379 -4.91 -6.74 -7.13
N HIS A 380 -4.71 -6.57 -5.81
CA HIS A 380 -5.85 -6.40 -4.91
C HIS A 380 -6.61 -5.13 -5.24
N ILE A 381 -5.89 -4.04 -5.52
CA ILE A 381 -6.54 -2.78 -5.87
C ILE A 381 -7.37 -2.94 -7.13
N HIS A 382 -6.80 -3.59 -8.15
CA HIS A 382 -7.54 -3.80 -9.39
C HIS A 382 -8.78 -4.65 -9.16
N ASN A 383 -8.64 -5.74 -8.39
CA ASN A 383 -9.79 -6.60 -8.13
C ASN A 383 -10.88 -5.85 -7.38
N GLN A 384 -10.50 -5.08 -6.35
CA GLN A 384 -11.50 -4.33 -5.59
C GLN A 384 -12.18 -3.28 -6.46
N GLY A 385 -11.42 -2.59 -7.30
CA GLY A 385 -12.03 -1.61 -8.19
C GLY A 385 -13.00 -2.24 -9.18
N LEU A 386 -12.61 -3.38 -9.76
CA LEU A 386 -13.50 -4.08 -10.67
C LEU A 386 -14.78 -4.53 -9.95
N ALA A 387 -14.63 -5.04 -8.73
CA ALA A 387 -15.81 -5.46 -7.97
C ALA A 387 -16.72 -4.28 -7.67
N ALA A 388 -16.14 -3.16 -7.26
CA ALA A 388 -16.95 -1.98 -6.95
C ALA A 388 -17.68 -1.47 -8.19
N ILE A 389 -17.00 -1.45 -9.34
CA ILE A 389 -17.63 -0.98 -10.56
C ILE A 389 -18.74 -1.94 -11.00
N GLU A 390 -18.52 -3.25 -10.86
CA GLU A 390 -19.53 -4.21 -11.27
C GLU A 390 -20.72 -4.24 -10.32
N LYS A 391 -20.52 -3.87 -9.06
CA LYS A 391 -21.63 -3.86 -8.11
C LYS A 391 -22.72 -2.89 -8.54
N CYS A 392 -22.32 -1.71 -9.02
CA CYS A 392 -23.27 -0.67 -9.44
C CYS A 392 -23.53 -0.70 -10.94
N GLY A 393 -23.48 -1.88 -11.55
CA GLY A 393 -23.71 -1.97 -12.98
C GLY A 393 -25.15 -1.68 -13.36
N GLU A 394 -25.31 -1.24 -14.61
CA GLU A 394 -26.63 -0.93 -15.16
C GLU A 394 -27.24 0.31 -14.50
N ALA A 395 -26.43 1.04 -13.74
CA ALA A 395 -26.89 2.25 -13.07
C ALA A 395 -25.92 3.40 -13.30
N ALA A 396 -24.64 3.08 -13.53
CA ALA A 396 -23.64 4.12 -13.73
C ALA A 396 -23.68 4.73 -15.12
N LEU A 397 -24.37 4.09 -16.07
CA LEU A 397 -24.41 4.62 -17.43
C LEU A 397 -25.08 5.98 -17.48
N ASN A 398 -26.18 6.15 -16.75
CA ASN A 398 -26.94 7.40 -16.75
C ASN A 398 -26.88 8.12 -15.40
N ASP A 399 -26.05 7.66 -14.48
CA ASP A 399 -25.91 8.26 -13.15
C ASP A 399 -24.44 8.53 -12.88
N PRO A 400 -23.93 9.69 -13.31
CA PRO A 400 -22.51 9.99 -13.12
C PRO A 400 -22.13 10.39 -11.70
N LYS A 401 -23.02 10.22 -10.72
CA LYS A 401 -22.75 10.62 -9.35
C LYS A 401 -22.23 9.49 -8.49
N MET A 402 -22.94 8.36 -8.44
CA MET A 402 -22.54 7.26 -7.58
C MET A 402 -21.20 6.67 -8.01
N TYR A 403 -20.98 6.53 -9.32
CA TYR A 403 -19.72 5.98 -9.80
C TYR A 403 -18.55 6.88 -9.40
N VAL A 404 -18.69 8.20 -9.59
CA VAL A 404 -17.63 9.12 -9.21
C VAL A 404 -17.40 9.09 -7.71
N GLN A 405 -18.47 9.07 -6.93
CA GLN A 405 -18.33 9.03 -5.47
C GLN A 405 -17.59 7.79 -5.03
N THR A 406 -17.95 6.63 -5.59
CA THR A 406 -17.28 5.38 -5.22
C THR A 406 -15.81 5.41 -5.63
N VAL A 407 -15.52 5.91 -6.83
CA VAL A 407 -14.13 5.98 -7.29
C VAL A 407 -13.31 6.86 -6.36
N LEU A 408 -13.85 8.03 -6.01
CA LEU A 408 -13.13 8.93 -5.13
C LEU A 408 -12.94 8.33 -3.75
N ASP A 409 -13.97 7.66 -3.21
CA ASP A 409 -13.85 7.04 -1.90
C ASP A 409 -12.76 5.96 -1.91
N VAL A 410 -12.75 5.13 -2.95
CA VAL A 410 -11.73 4.08 -3.04
C VAL A 410 -10.35 4.70 -3.15
N HIS A 411 -10.21 5.73 -3.99
CA HIS A 411 -8.91 6.36 -4.18
C HIS A 411 -8.39 6.96 -2.87
N LYS A 412 -9.24 7.69 -2.16
CA LYS A 412 -8.81 8.30 -0.91
C LYS A 412 -8.50 7.24 0.14
N LYS A 413 -9.30 6.18 0.21
CA LYS A 413 -9.02 5.11 1.16
C LYS A 413 -7.66 4.47 0.90
N TYR A 414 -7.37 4.16 -0.38
CA TYR A 414 -6.09 3.56 -0.71
C TYR A 414 -4.94 4.53 -0.44
N ASN A 415 -5.13 5.82 -0.75
CA ASN A 415 -4.09 6.80 -0.48
C ASN A 415 -3.78 6.88 1.00
N ALA A 416 -4.82 6.93 1.84
CA ALA A 416 -4.62 6.98 3.28
C ALA A 416 -3.94 5.71 3.79
N LEU A 417 -4.35 4.55 3.26
CA LEU A 417 -3.73 3.29 3.67
C LEU A 417 -2.26 3.27 3.32
N VAL A 418 -1.91 3.73 2.11
CA VAL A 418 -0.50 3.76 1.72
C VAL A 418 0.29 4.73 2.58
N MET A 419 -0.25 5.92 2.85
CA MET A 419 0.46 6.88 3.68
C MET A 419 0.66 6.40 5.11
N SER A 420 -0.36 5.77 5.70
CA SER A 420 -0.30 5.36 7.10
C SER A 420 0.45 4.05 7.29
N ALA A 421 0.17 3.04 6.47
CA ALA A 421 0.76 1.72 6.66
C ALA A 421 2.15 1.64 6.04
N PHE A 422 2.28 2.08 4.79
CA PHE A 422 3.54 1.98 4.06
C PHE A 422 4.41 3.22 4.20
N ASN A 423 3.98 4.21 4.99
CA ASN A 423 4.74 5.43 5.23
C ASN A 423 4.97 6.21 3.94
N ASN A 424 4.00 6.16 3.02
CA ASN A 424 4.07 6.91 1.77
C ASN A 424 5.38 6.62 1.02
N ASP A 425 5.65 5.34 0.83
CA ASP A 425 6.85 4.93 0.13
C ASP A 425 6.83 5.40 -1.31
N ALA A 426 8.01 5.76 -1.82
CA ALA A 426 8.11 6.25 -3.19
C ALA A 426 7.71 5.19 -4.20
N GLY A 427 8.09 3.93 -3.97
CA GLY A 427 7.77 2.87 -4.90
C GLY A 427 6.34 2.37 -4.84
N PHE A 428 5.60 2.75 -3.79
CA PHE A 428 4.22 2.29 -3.64
C PHE A 428 3.22 3.28 -4.20
N VAL A 429 3.49 4.59 -4.13
CA VAL A 429 2.58 5.56 -4.69
C VAL A 429 2.45 5.38 -6.21
N ALA A 430 3.56 5.04 -6.87
CA ALA A 430 3.50 4.79 -8.31
C ALA A 430 2.62 3.59 -8.63
N ALA A 431 2.65 2.55 -7.79
CA ALA A 431 1.82 1.38 -8.04
C ALA A 431 0.34 1.75 -8.05
N LEU A 432 -0.10 2.53 -7.07
CA LEU A 432 -1.49 2.96 -7.03
C LEU A 432 -1.83 3.83 -8.24
N ASP A 433 -0.92 4.72 -8.62
CA ASP A 433 -1.16 5.60 -9.76
C ASP A 433 -1.36 4.78 -11.04
N LYS A 434 -0.46 3.84 -11.31
CA LYS A 434 -0.59 3.01 -12.50
C LYS A 434 -1.84 2.15 -12.44
N ALA A 435 -2.14 1.59 -11.26
CA ALA A 435 -3.35 0.78 -11.14
C ALA A 435 -4.59 1.59 -11.47
N CYS A 436 -4.70 2.80 -10.90
CA CYS A 436 -5.84 3.65 -11.19
C CYS A 436 -5.91 4.00 -12.67
N GLY A 437 -4.78 4.39 -13.25
CA GLY A 437 -4.76 4.68 -14.67
C GLY A 437 -5.17 3.49 -15.51
N ARG A 438 -4.98 2.28 -14.99
CA ARG A 438 -5.36 1.07 -15.72
C ARG A 438 -6.84 0.75 -15.60
N PHE A 439 -7.39 0.72 -14.38
CA PHE A 439 -8.79 0.30 -14.25
C PHE A 439 -9.78 1.46 -14.23
N ILE A 440 -9.35 2.70 -14.47
CA ILE A 440 -10.31 3.78 -14.64
C ILE A 440 -10.82 3.82 -16.07
N ASN A 441 -9.92 3.72 -17.05
CA ASN A 441 -10.32 3.76 -18.44
C ASN A 441 -11.15 2.55 -18.82
N ASN A 442 -10.68 1.35 -18.46
CA ASN A 442 -11.37 0.11 -18.79
C ASN A 442 -12.09 -0.43 -17.56
N ASN A 443 -13.37 -0.74 -17.72
CA ASN A 443 -14.19 -1.26 -16.64
C ASN A 443 -15.49 -1.77 -17.25
N ALA A 444 -16.44 -2.17 -16.39
CA ALA A 444 -17.73 -2.65 -16.88
C ALA A 444 -18.48 -1.56 -17.64
N VAL A 445 -18.40 -0.32 -17.17
CA VAL A 445 -19.07 0.78 -17.85
C VAL A 445 -18.51 0.94 -19.26
N THR A 446 -17.18 0.87 -19.40
CA THR A 446 -16.58 0.99 -20.72
C THR A 446 -17.04 -0.14 -21.64
N LYS A 447 -17.09 -1.37 -21.13
CA LYS A 447 -17.53 -2.49 -21.94
C LYS A 447 -18.98 -2.31 -22.38
N MET A 448 -19.85 -1.88 -21.47
CA MET A 448 -21.26 -1.68 -21.83
C MET A 448 -21.41 -0.57 -22.85
N ALA A 449 -20.66 0.52 -22.69
CA ALA A 449 -20.75 1.65 -23.60
C ALA A 449 -19.95 1.44 -24.89
N GLN A 450 -19.11 0.41 -24.95
CA GLN A 450 -18.30 0.12 -26.13
C GLN A 450 -17.40 1.29 -26.50
N SER A 451 -16.99 2.07 -25.49
CA SER A 451 -16.12 3.22 -25.72
C SER A 451 -15.52 3.64 -24.39
N SER A 452 -14.26 4.07 -24.42
CA SER A 452 -13.54 4.51 -23.23
C SER A 452 -13.79 5.96 -22.89
N SER A 453 -14.61 6.67 -23.66
CA SER A 453 -14.91 8.07 -23.42
C SER A 453 -16.06 8.27 -22.45
N LYS A 454 -16.64 7.19 -21.93
CA LYS A 454 -17.75 7.33 -20.99
C LYS A 454 -17.31 7.93 -19.66
N SER A 455 -16.12 7.59 -19.17
CA SER A 455 -15.64 8.13 -17.91
C SER A 455 -15.51 9.65 -17.94
N PRO A 456 -14.83 10.26 -18.91
CA PRO A 456 -14.81 11.74 -18.97
C PRO A 456 -16.20 12.34 -19.15
N GLU A 457 -17.09 11.68 -19.88
CA GLU A 457 -18.45 12.19 -20.03
C GLU A 457 -19.15 12.24 -18.68
N LEU A 458 -19.04 11.16 -17.89
CA LEU A 458 -19.66 11.14 -16.58
C LEU A 458 -19.03 12.18 -15.66
N LEU A 459 -17.70 12.35 -15.75
CA LEU A 459 -17.04 13.36 -14.94
C LEU A 459 -17.54 14.75 -15.28
N ALA A 460 -17.67 15.05 -16.57
CA ALA A 460 -18.16 16.37 -16.98
C ALA A 460 -19.60 16.57 -16.53
N ARG A 461 -20.44 15.54 -16.66
CA ARG A 461 -21.83 15.66 -16.21
C ARG A 461 -21.88 15.92 -14.70
N TYR A 462 -21.07 15.22 -13.92
CA TYR A 462 -21.03 15.44 -12.48
C TYR A 462 -20.56 16.85 -12.16
N CYS A 463 -19.53 17.33 -12.85
CA CYS A 463 -19.05 18.68 -12.61
C CYS A 463 -20.13 19.71 -12.92
N ASP A 464 -20.86 19.52 -14.03
CA ASP A 464 -21.94 20.43 -14.36
C ASP A 464 -23.03 20.38 -13.29
N SER A 465 -23.35 19.18 -12.80
CA SER A 465 -24.38 19.05 -11.77
C SER A 465 -23.98 19.81 -10.51
N LEU A 466 -22.73 19.66 -10.06
CA LEU A 466 -22.28 20.41 -8.89
C LEU A 466 -22.29 21.91 -9.15
N LEU A 467 -21.79 22.35 -10.30
CA LEU A 467 -21.73 23.78 -10.58
C LEU A 467 -23.13 24.38 -10.66
N LYS A 468 -24.05 23.70 -11.33
CA LYS A 468 -25.41 24.21 -11.44
C LYS A 468 -26.16 24.00 -10.13
N LYS A 469 -27.00 24.97 -9.77
CA LYS A 469 -27.77 24.90 -8.54
C LYS A 469 -29.06 24.09 -8.75
N GLU A 478 -16.68 24.81 1.44
CA GLU A 478 -17.64 23.79 1.82
C GLU A 478 -17.79 22.75 0.71
N LEU A 479 -17.61 23.19 -0.54
CA LEU A 479 -17.71 22.32 -1.70
C LEU A 479 -16.40 22.22 -2.46
N GLU A 480 -15.34 22.89 -2.00
CA GLU A 480 -14.07 22.85 -2.70
C GLU A 480 -13.38 21.49 -2.63
N ASP A 481 -13.72 20.67 -1.63
CA ASP A 481 -13.09 19.36 -1.51
C ASP A 481 -13.39 18.48 -2.72
N THR A 482 -14.64 18.49 -3.19
CA THR A 482 -15.01 17.66 -4.33
C THR A 482 -14.27 18.08 -5.58
N LEU A 483 -14.10 19.39 -5.79
CA LEU A 483 -13.39 19.86 -6.98
C LEU A 483 -11.95 19.37 -6.97
N ASN A 484 -11.28 19.43 -5.81
CA ASN A 484 -9.91 18.95 -5.72
C ASN A 484 -9.84 17.45 -6.00
N GLN A 485 -10.80 16.69 -5.47
CA GLN A 485 -10.82 15.25 -5.70
C GLN A 485 -10.99 14.95 -7.19
N VAL A 486 -11.90 15.67 -7.85
CA VAL A 486 -12.11 15.46 -9.28
C VAL A 486 -10.85 15.83 -10.07
N MET A 487 -10.19 16.93 -9.70
CA MET A 487 -8.99 17.34 -10.42
C MET A 487 -7.87 16.31 -10.24
N VAL A 488 -7.67 15.83 -9.02
CA VAL A 488 -6.57 14.88 -8.79
C VAL A 488 -6.86 13.54 -9.45
N VAL A 489 -8.12 13.07 -9.38
CA VAL A 489 -8.46 11.81 -10.03
C VAL A 489 -8.54 11.94 -11.55
N PHE A 490 -8.78 13.15 -12.05
CA PHE A 490 -8.88 13.35 -13.50
C PHE A 490 -7.55 13.09 -14.20
N LYS A 491 -6.42 13.21 -13.50
CA LYS A 491 -5.12 13.00 -14.14
C LYS A 491 -5.01 11.61 -14.73
N TYR A 492 -5.71 10.62 -14.15
CA TYR A 492 -5.65 9.26 -14.65
C TYR A 492 -6.42 9.08 -15.95
N ILE A 493 -7.20 10.07 -16.38
CA ILE A 493 -7.98 9.96 -17.60
C ILE A 493 -7.09 10.27 -18.79
N GLU A 494 -7.00 9.33 -19.74
CA GLU A 494 -6.20 9.51 -20.92
C GLU A 494 -6.85 10.42 -21.96
N ASP A 495 -8.18 10.35 -22.09
CA ASP A 495 -8.90 11.16 -23.07
C ASP A 495 -9.33 12.46 -22.41
N LYS A 496 -8.64 13.55 -22.75
CA LYS A 496 -8.92 14.86 -22.17
C LYS A 496 -9.69 15.77 -23.12
N ASP A 497 -9.54 15.59 -24.43
CA ASP A 497 -10.26 16.46 -25.37
C ASP A 497 -11.77 16.31 -25.22
N VAL A 498 -12.25 15.08 -25.05
CA VAL A 498 -13.68 14.86 -24.90
C VAL A 498 -14.19 15.56 -23.64
N PHE A 499 -13.46 15.41 -22.53
CA PHE A 499 -13.88 16.06 -21.29
C PHE A 499 -13.86 17.57 -21.43
N GLN A 500 -12.84 18.12 -22.07
CA GLN A 500 -12.78 19.57 -22.26
C GLN A 500 -13.94 20.06 -23.12
N LYS A 501 -14.25 19.34 -24.19
CA LYS A 501 -15.36 19.75 -25.04
C LYS A 501 -16.68 19.69 -24.29
N PHE A 502 -16.91 18.63 -23.51
CA PHE A 502 -18.14 18.52 -22.75
C PHE A 502 -18.23 19.63 -21.71
N TYR A 503 -17.12 19.95 -21.03
CA TYR A 503 -17.15 21.02 -20.05
C TYR A 503 -17.44 22.37 -20.71
N ALA A 504 -16.84 22.62 -21.88
CA ALA A 504 -17.12 23.86 -22.59
C ALA A 504 -18.59 23.94 -22.99
N LYS A 505 -19.15 22.83 -23.49
CA LYS A 505 -20.57 22.83 -23.86
C LYS A 505 -21.45 23.09 -22.65
N MET A 506 -21.15 22.44 -21.52
CA MET A 506 -21.95 22.65 -20.31
C MET A 506 -21.85 24.09 -19.83
N LEU A 507 -20.65 24.67 -19.87
CA LEU A 507 -20.48 26.06 -19.46
C LEU A 507 -21.27 27.00 -20.37
N ALA A 508 -21.22 26.76 -21.68
CA ALA A 508 -21.99 27.57 -22.61
C ALA A 508 -23.49 27.46 -22.35
N LYS A 509 -23.96 26.24 -22.11
CA LYS A 509 -25.38 26.04 -21.82
C LYS A 509 -25.78 26.78 -20.55
N ARG A 510 -24.95 26.69 -19.51
CA ARG A 510 -25.26 27.39 -18.27
C ARG A 510 -25.24 28.90 -18.45
N LEU A 511 -24.30 29.43 -19.24
CA LEU A 511 -24.28 30.87 -19.49
C LEU A 511 -25.51 31.32 -20.26
N VAL A 512 -25.93 30.53 -21.26
CA VAL A 512 -27.10 30.93 -22.05
C VAL A 512 -28.34 30.98 -21.18
N HIS A 513 -28.55 29.97 -20.33
CA HIS A 513 -29.67 29.93 -19.41
C HIS A 513 -29.11 30.23 -18.01
N GLN A 514 -29.37 31.45 -17.54
CA GLN A 514 -28.76 31.92 -16.30
C GLN A 514 -29.33 31.19 -15.09
N ASN A 515 -28.68 30.11 -14.67
CA ASN A 515 -29.09 29.36 -13.50
C ASN A 515 -27.86 28.93 -12.69
N SER A 516 -26.78 29.71 -12.78
CA SER A 516 -25.55 29.38 -12.09
C SER A 516 -25.70 29.60 -10.58
N ALA A 517 -24.86 28.90 -9.82
CA ALA A 517 -24.89 29.02 -8.37
C ALA A 517 -24.24 30.31 -7.90
N SER A 518 -22.95 30.48 -8.21
CA SER A 518 -22.24 31.68 -7.83
C SER A 518 -21.02 31.84 -8.74
N ASP A 519 -20.54 33.09 -8.83
CA ASP A 519 -19.37 33.38 -9.64
C ASP A 519 -18.07 32.92 -8.98
N ASP A 520 -18.05 32.86 -7.64
CA ASP A 520 -16.84 32.44 -6.94
C ASP A 520 -16.48 31.00 -7.29
N ALA A 521 -17.49 30.11 -7.35
CA ALA A 521 -17.23 28.73 -7.71
C ALA A 521 -16.66 28.63 -9.13
N GLU A 522 -17.24 29.39 -10.07
CA GLU A 522 -16.74 29.37 -11.43
C GLU A 522 -15.29 29.87 -11.50
N ALA A 523 -14.99 30.95 -10.77
CA ALA A 523 -13.63 31.47 -10.77
C ALA A 523 -12.66 30.45 -10.19
N SER A 524 -13.04 29.79 -9.09
CA SER A 524 -12.18 28.78 -8.49
C SER A 524 -11.96 27.61 -9.45
N MET A 525 -13.01 27.18 -10.13
CA MET A 525 -12.87 26.09 -11.10
C MET A 525 -11.95 26.50 -12.25
N ILE A 526 -12.08 27.73 -12.73
CA ILE A 526 -11.22 28.20 -13.81
C ILE A 526 -9.77 28.23 -13.34
N SER A 527 -9.53 28.73 -12.13
CA SER A 527 -8.16 28.78 -11.62
C SER A 527 -7.58 27.37 -11.47
N LYS A 528 -8.38 26.42 -10.97
CA LYS A 528 -7.89 25.06 -10.83
C LYS A 528 -7.60 24.43 -12.19
N LEU A 529 -8.47 24.66 -13.17
CA LEU A 529 -8.26 24.11 -14.50
C LEU A 529 -7.09 24.75 -15.22
N LYS A 530 -6.73 25.98 -14.86
CA LYS A 530 -5.58 26.63 -15.49
C LYS A 530 -4.32 25.77 -15.36
N GLN A 531 -4.11 25.17 -14.19
CA GLN A 531 -2.92 24.34 -13.99
C GLN A 531 -3.01 23.03 -14.77
N ALA A 532 -4.18 22.41 -14.80
CA ALA A 532 -4.34 21.12 -15.47
C ALA A 532 -4.43 21.31 -16.98
N CYS A 533 -5.44 22.04 -17.44
CA CYS A 533 -5.61 22.26 -18.87
C CYS A 533 -4.57 23.26 -19.37
N GLY A 534 -4.47 23.35 -20.70
CA GLY A 534 -3.52 24.24 -21.33
C GLY A 534 -3.95 25.70 -21.26
N PHE A 535 -3.56 26.49 -22.25
CA PHE A 535 -3.89 27.91 -22.30
C PHE A 535 -4.95 28.25 -23.32
N GLU A 536 -5.08 27.45 -24.40
CA GLU A 536 -6.11 27.73 -25.39
C GLU A 536 -7.50 27.61 -24.80
N TYR A 537 -7.72 26.60 -23.96
CA TYR A 537 -9.03 26.43 -23.32
C TYR A 537 -9.37 27.62 -22.44
N THR A 538 -8.40 28.07 -21.63
CA THR A 538 -8.63 29.22 -20.76
C THR A 538 -8.88 30.49 -21.59
N SER A 539 -8.15 30.66 -22.70
CA SER A 539 -8.36 31.81 -23.55
C SER A 539 -9.76 31.78 -24.15
N LYS A 540 -10.22 30.62 -24.59
CA LYS A 540 -11.57 30.51 -25.14
C LYS A 540 -12.63 30.80 -24.08
N LEU A 541 -12.42 30.30 -22.86
CA LEU A 541 -13.37 30.59 -21.79
C LEU A 541 -13.41 32.07 -21.46
N GLN A 542 -12.25 32.73 -21.44
CA GLN A 542 -12.23 34.17 -21.21
C GLN A 542 -12.90 34.93 -22.35
N ARG A 543 -12.72 34.45 -23.58
CA ARG A 543 -13.39 35.06 -24.72
C ARG A 543 -14.91 34.95 -24.57
N MET A 544 -15.39 33.78 -24.15
CA MET A 544 -16.82 33.61 -23.92
C MET A 544 -17.31 34.53 -22.80
N PHE A 545 -16.52 34.66 -21.73
CA PHE A 545 -16.91 35.52 -20.62
C PHE A 545 -17.03 36.98 -21.06
N GLN A 546 -16.04 37.45 -21.83
CA GLN A 546 -16.12 38.83 -22.30
C GLN A 546 -17.24 39.01 -23.33
N ASP A 547 -17.52 37.99 -24.14
CA ASP A 547 -18.63 38.07 -25.07
C ASP A 547 -19.96 38.22 -24.33
N ILE A 548 -20.16 37.42 -23.29
CA ILE A 548 -21.40 37.53 -22.52
C ILE A 548 -21.45 38.86 -21.78
N GLY A 549 -20.31 39.38 -21.32
CA GLY A 549 -20.30 40.69 -20.71
C GLY A 549 -20.69 41.79 -21.68
N VAL A 550 -20.19 41.70 -22.92
CA VAL A 550 -20.58 42.67 -23.94
C VAL A 550 -22.06 42.54 -24.26
N SER A 551 -22.57 41.32 -24.30
CA SER A 551 -24.01 41.14 -24.49
C SER A 551 -24.78 41.83 -23.37
N LYS A 552 -24.34 41.64 -22.13
CA LYS A 552 -25.06 42.21 -20.99
C LYS A 552 -25.04 43.73 -21.01
N ASP A 553 -23.87 44.34 -21.27
CA ASP A 553 -23.82 45.80 -21.22
C ASP A 553 -24.50 46.41 -22.45
N LEU A 554 -24.47 45.72 -23.60
CA LEU A 554 -25.27 46.18 -24.73
C LEU A 554 -26.75 46.14 -24.40
N ASN A 555 -27.20 45.08 -23.73
CA ASN A 555 -28.61 45.00 -23.35
C ASN A 555 -28.99 46.10 -22.37
N GLU A 556 -28.13 46.37 -21.38
CA GLU A 556 -28.45 47.41 -20.41
C GLU A 556 -28.45 48.79 -21.08
N GLN A 557 -27.52 49.04 -22.00
CA GLN A 557 -27.52 50.30 -22.73
C GLN A 557 -28.79 50.44 -23.56
N PHE A 558 -29.22 49.34 -24.22
CA PHE A 558 -30.43 49.39 -25.01
C PHE A 558 -31.65 49.69 -24.14
N LYS A 559 -31.76 49.04 -22.99
CA LYS A 559 -32.90 49.28 -22.11
C LYS A 559 -32.86 50.70 -21.55
N LYS A 560 -31.68 51.22 -21.24
CA LYS A 560 -31.57 52.61 -20.78
C LYS A 560 -31.99 53.59 -21.88
N HIS A 561 -31.62 53.31 -23.13
CA HIS A 561 -31.97 54.21 -24.22
C HIS A 561 -33.48 54.34 -24.36
N LEU A 562 -34.21 53.24 -24.26
CA LEU A 562 -35.66 53.26 -24.38
C LEU A 562 -36.28 54.08 -23.24
N ASP A 571 -39.02 44.50 -20.26
CA ASP A 571 -39.66 43.20 -20.46
C ASP A 571 -39.18 42.55 -21.76
N PHE A 572 -37.91 42.78 -22.09
CA PHE A 572 -37.33 42.20 -23.30
C PHE A 572 -35.82 42.18 -23.14
N SER A 573 -35.25 40.97 -23.11
CA SER A 573 -33.80 40.81 -22.98
C SER A 573 -33.34 39.78 -24.01
N ILE A 574 -32.35 40.15 -24.81
CA ILE A 574 -31.80 39.28 -25.85
C ILE A 574 -30.29 39.29 -25.73
N GLN A 575 -29.69 38.12 -25.88
CA GLN A 575 -28.24 37.95 -25.79
C GLN A 575 -27.64 37.91 -27.18
N VAL A 576 -26.57 38.69 -27.38
CA VAL A 576 -25.86 38.75 -28.65
C VAL A 576 -24.48 38.14 -28.40
N LEU A 577 -24.23 36.98 -29.01
CA LEU A 577 -22.99 36.24 -28.84
C LEU A 577 -22.36 35.95 -30.20
N SER A 578 -21.11 35.50 -30.17
CA SER A 578 -20.38 35.18 -31.37
C SER A 578 -20.46 33.69 -31.68
N SER A 579 -20.78 33.38 -32.93
CA SER A 579 -20.90 31.99 -33.36
C SER A 579 -19.57 31.25 -33.34
N GLY A 580 -18.46 31.93 -33.66
CA GLY A 580 -17.18 31.27 -33.71
C GLY A 580 -16.68 30.79 -32.36
N SER A 581 -16.97 31.53 -31.30
CA SER A 581 -16.49 31.22 -29.96
C SER A 581 -17.54 30.50 -29.11
N TRP A 582 -18.65 30.07 -29.71
CA TRP A 582 -19.70 29.39 -28.99
C TRP A 582 -20.16 28.18 -29.81
N PRO A 583 -20.27 26.99 -29.20
CA PRO A 583 -20.69 25.82 -29.97
C PRO A 583 -22.19 25.73 -30.14
N PHE A 584 -22.73 26.48 -31.10
CA PHE A 584 -24.16 26.46 -31.39
C PHE A 584 -24.36 26.48 -32.89
N GLN A 585 -25.33 25.69 -33.36
CA GLN A 585 -25.62 25.58 -34.77
C GLN A 585 -26.74 26.54 -35.17
N GLN A 586 -26.94 26.68 -36.48
CA GLN A 586 -27.95 27.56 -37.01
C GLN A 586 -29.35 27.07 -36.66
N SER A 587 -30.23 27.99 -36.29
CA SER A 587 -31.60 27.66 -35.99
C SER A 587 -32.36 27.32 -37.26
N CYS A 588 -33.25 26.33 -37.15
CA CYS A 588 -34.04 25.90 -38.30
C CYS A 588 -35.12 26.94 -38.60
N THR A 589 -35.79 26.75 -39.74
CA THR A 589 -36.80 27.70 -40.17
C THR A 589 -37.92 27.81 -39.14
N PHE A 590 -38.38 29.04 -38.92
CA PHE A 590 -39.44 29.30 -37.94
C PHE A 590 -40.02 30.69 -38.14
N ALA A 591 -41.34 30.82 -38.00
CA ALA A 591 -42.02 32.09 -38.19
C ALA A 591 -42.39 32.69 -36.84
N LEU A 592 -42.02 33.96 -36.64
CA LEU A 592 -42.31 34.62 -35.38
C LEU A 592 -43.82 34.82 -35.21
N PRO A 593 -44.34 34.73 -33.97
CA PRO A 593 -45.74 35.08 -33.75
C PRO A 593 -45.99 36.57 -33.89
N SER A 594 -47.22 37.00 -33.66
CA SER A 594 -47.59 38.41 -33.83
C SER A 594 -47.09 39.26 -32.66
N GLU A 595 -47.45 38.89 -31.43
CA GLU A 595 -47.11 39.72 -30.28
C GLU A 595 -45.61 39.91 -30.12
N LEU A 596 -44.80 38.97 -30.61
CA LEU A 596 -43.36 39.04 -30.48
C LEU A 596 -42.69 39.67 -31.70
N GLU A 597 -43.47 40.07 -32.70
CA GLU A 597 -42.89 40.68 -33.90
C GLU A 597 -42.29 42.05 -33.62
N ARG A 598 -42.96 42.87 -32.79
CA ARG A 598 -42.47 44.22 -32.54
C ARG A 598 -41.04 44.20 -32.00
N SER A 599 -40.79 43.38 -30.99
CA SER A 599 -39.45 43.30 -30.43
C SER A 599 -38.42 42.88 -31.47
N TYR A 600 -38.82 42.14 -32.49
CA TYR A 600 -37.90 41.73 -33.54
C TYR A 600 -37.56 42.86 -34.50
N GLN A 601 -38.38 43.91 -34.57
CA GLN A 601 -38.16 45.00 -35.50
C GLN A 601 -37.36 46.14 -34.87
N ARG A 602 -37.90 46.73 -33.80
CA ARG A 602 -37.26 47.89 -33.19
C ARG A 602 -35.80 47.60 -32.86
N PHE A 603 -35.54 46.50 -32.15
CA PHE A 603 -34.17 46.16 -31.81
C PHE A 603 -33.30 46.09 -33.06
N THR A 604 -33.81 45.49 -34.13
CA THR A 604 -33.05 45.42 -35.37
C THR A 604 -32.63 46.81 -35.81
N ALA A 605 -33.56 47.77 -35.79
CA ALA A 605 -33.20 49.14 -36.12
C ALA A 605 -32.15 49.67 -35.16
N PHE A 606 -32.30 49.39 -33.86
CA PHE A 606 -31.28 49.81 -32.90
C PHE A 606 -29.92 49.23 -33.26
N TYR A 607 -29.90 48.05 -33.89
CA TYR A 607 -28.63 47.47 -34.32
C TYR A 607 -28.08 48.18 -35.54
N ALA A 608 -28.96 48.62 -36.46
CA ALA A 608 -28.49 49.24 -37.69
C ALA A 608 -27.68 50.50 -37.41
N SER A 609 -28.13 51.30 -36.45
CA SER A 609 -27.43 52.52 -36.06
C SER A 609 -26.21 52.23 -35.21
N ARG A 610 -26.02 51.00 -34.75
CA ARG A 610 -24.89 50.64 -33.90
C ARG A 610 -23.81 49.84 -34.63
N HIS A 611 -24.18 48.96 -35.54
CA HIS A 611 -23.21 48.13 -36.26
C HIS A 611 -23.68 47.98 -37.70
N SER A 612 -22.74 48.03 -38.64
CA SER A 612 -23.03 47.91 -40.06
C SER A 612 -22.22 46.78 -40.67
N GLY A 613 -22.77 46.14 -41.69
CA GLY A 613 -22.12 45.03 -42.35
C GLY A 613 -22.25 43.69 -41.65
N ARG A 614 -23.21 43.56 -40.73
CA ARG A 614 -23.39 42.34 -39.97
C ARG A 614 -24.84 42.24 -39.52
N LYS A 615 -25.38 41.03 -39.57
CA LYS A 615 -26.76 40.76 -39.17
C LYS A 615 -26.77 39.89 -37.92
N LEU A 616 -27.97 39.52 -37.48
CA LEU A 616 -28.17 38.67 -36.32
C LEU A 616 -28.93 37.42 -36.73
N THR A 617 -28.51 36.28 -36.17
CA THR A 617 -29.15 34.99 -36.42
C THR A 617 -29.84 34.59 -35.11
N TRP A 618 -31.12 34.93 -35.00
CA TRP A 618 -31.87 34.63 -33.79
C TRP A 618 -32.02 33.12 -33.63
N LEU A 619 -31.84 32.63 -32.40
CA LEU A 619 -31.98 31.23 -32.07
C LEU A 619 -33.21 31.04 -31.20
N TYR A 620 -34.03 30.04 -31.53
CA TYR A 620 -35.27 29.78 -30.81
C TYR A 620 -35.27 28.51 -30.00
N GLN A 621 -34.42 27.53 -30.34
CA GLN A 621 -34.36 26.30 -29.56
C GLN A 621 -33.90 26.57 -28.14
N LEU A 622 -33.07 27.60 -27.94
CA LEU A 622 -32.58 27.97 -26.62
C LEU A 622 -33.36 29.11 -25.98
N SER A 623 -34.26 29.76 -26.74
CA SER A 623 -35.02 30.88 -26.20
C SER A 623 -36.10 30.39 -25.26
N LYS A 624 -36.59 31.31 -24.42
CA LYS A 624 -37.63 30.99 -23.45
C LYS A 624 -38.46 32.24 -23.19
N GLY A 625 -39.68 32.02 -22.70
CA GLY A 625 -40.57 33.12 -22.37
C GLY A 625 -41.46 32.79 -21.19
N GLU A 626 -42.55 33.55 -21.04
CA GLU A 626 -43.48 33.32 -19.95
C GLU A 626 -44.83 33.90 -20.34
N LEU A 627 -45.90 33.21 -19.97
CA LEU A 627 -47.26 33.66 -20.27
C LEU A 627 -48.12 33.51 -19.03
N VAL A 628 -49.19 34.31 -18.97
CA VAL A 628 -50.10 34.34 -17.84
C VAL A 628 -51.51 34.10 -18.36
N THR A 629 -52.25 33.25 -17.64
CA THR A 629 -53.64 32.94 -17.98
C THR A 629 -54.52 33.14 -16.76
N ASN A 630 -55.76 33.56 -17.00
CA ASN A 630 -56.71 33.82 -15.93
C ASN A 630 -58.07 33.17 -16.14
N CYS A 631 -58.29 32.51 -17.29
CA CYS A 631 -59.58 31.88 -17.54
C CYS A 631 -59.87 30.77 -16.53
N PHE A 632 -58.82 30.15 -15.98
CA PHE A 632 -59.01 29.08 -15.01
C PHE A 632 -59.54 29.65 -13.69
N LYS A 633 -59.77 28.76 -12.73
CA LYS A 633 -60.27 29.18 -11.43
C LYS A 633 -59.30 30.10 -10.70
N ASN A 634 -58.01 30.04 -11.04
CA ASN A 634 -57.01 30.91 -10.44
C ASN A 634 -56.01 31.32 -11.51
N ARG A 635 -55.35 32.45 -11.28
CA ARG A 635 -54.38 32.96 -12.25
C ARG A 635 -53.14 32.09 -12.24
N TYR A 636 -52.71 31.65 -13.43
CA TYR A 636 -51.51 30.84 -13.58
C TYR A 636 -50.44 31.62 -14.34
N THR A 637 -49.22 31.54 -13.82
CA THR A 637 -48.05 32.21 -14.38
C THR A 637 -47.03 31.12 -14.71
N LEU A 638 -46.96 30.75 -15.99
CA LEU A 638 -46.16 29.60 -16.41
C LEU A 638 -45.12 30.01 -17.44
N GLN A 639 -43.94 29.38 -17.34
CA GLN A 639 -42.83 29.58 -18.27
C GLN A 639 -42.85 28.49 -19.33
N ALA A 640 -42.36 28.83 -20.52
CA ALA A 640 -42.35 27.89 -21.64
C ALA A 640 -41.26 28.29 -22.62
N SER A 641 -41.14 27.53 -23.70
CA SER A 641 -40.20 27.81 -24.77
C SER A 641 -40.94 28.53 -25.90
N THR A 642 -40.18 29.10 -26.85
CA THR A 642 -40.79 29.89 -27.92
C THR A 642 -41.77 29.06 -28.73
N PHE A 643 -41.40 27.83 -29.08
CA PHE A 643 -42.30 26.98 -29.84
C PHE A 643 -43.58 26.71 -29.06
N GLN A 644 -43.47 26.48 -27.75
CA GLN A 644 -44.65 26.20 -26.96
C GLN A 644 -45.61 27.39 -26.93
N MET A 645 -45.08 28.60 -26.71
CA MET A 645 -45.96 29.76 -26.71
C MET A 645 -46.55 30.01 -28.09
N ALA A 646 -45.77 29.79 -29.14
CA ALA A 646 -46.31 29.94 -30.49
C ALA A 646 -47.46 28.97 -30.73
N ILE A 647 -47.31 27.72 -30.30
CA ILE A 647 -48.36 26.73 -30.49
C ILE A 647 -49.60 27.12 -29.67
N LEU A 648 -49.40 27.50 -28.41
CA LEU A 648 -50.53 27.84 -27.54
C LEU A 648 -51.29 29.05 -28.05
N LEU A 649 -50.52 30.08 -28.42
CA LEU A 649 -51.04 31.36 -28.93
C LEU A 649 -51.83 31.19 -30.16
N GLN A 650 -52.07 29.94 -30.55
CA GLN A 650 -52.95 29.73 -31.64
C GLN A 650 -54.29 29.36 -31.07
N TYR A 651 -54.45 29.31 -29.73
CA TYR A 651 -55.71 28.92 -29.12
C TYR A 651 -56.72 30.03 -28.90
N ASN A 652 -56.36 31.23 -29.28
CA ASN A 652 -57.32 32.28 -29.27
C ASN A 652 -58.18 32.03 -30.49
N THR A 653 -59.47 32.28 -30.35
CA THR A 653 -60.42 32.12 -31.44
C THR A 653 -60.45 30.74 -32.07
N GLU A 654 -60.31 29.70 -31.24
CA GLU A 654 -60.40 28.32 -31.68
C GLU A 654 -60.62 27.41 -30.50
N ASP A 655 -60.93 26.15 -30.79
CA ASP A 655 -61.11 25.11 -29.78
C ASP A 655 -60.16 23.90 -29.96
N ALA A 656 -60.13 23.33 -31.15
CA ALA A 656 -59.29 22.18 -31.47
C ALA A 656 -58.59 22.33 -32.82
N TYR A 657 -57.53 21.57 -33.05
CA TYR A 657 -56.82 21.67 -34.28
C TYR A 657 -56.34 20.36 -34.92
N THR A 658 -55.78 20.53 -36.11
CA THR A 658 -55.19 19.47 -36.89
C THR A 658 -53.75 19.78 -36.87
N VAL A 659 -52.94 18.77 -36.80
CA VAL A 659 -51.54 18.95 -36.74
C VAL A 659 -50.97 19.64 -37.97
N GLN A 660 -51.50 19.39 -39.15
CA GLN A 660 -51.02 20.05 -40.35
C GLN A 660 -51.21 21.54 -40.37
N GLN A 661 -52.34 22.05 -39.89
CA GLN A 661 -52.50 23.49 -39.89
C GLN A 661 -51.46 24.01 -38.95
N LEU A 662 -51.27 23.31 -37.84
CA LEU A 662 -50.22 23.73 -36.93
C LEU A 662 -48.87 23.77 -37.64
N THR A 663 -48.56 22.73 -38.42
CA THR A 663 -47.28 22.68 -39.11
C THR A 663 -47.13 23.81 -40.11
N ASP A 664 -48.19 24.09 -40.88
CA ASP A 664 -48.10 25.11 -41.92
C ASP A 664 -48.27 26.53 -41.38
N SER A 665 -48.74 26.69 -40.14
CA SER A 665 -48.85 28.03 -39.55
C SER A 665 -47.68 28.36 -38.64
N THR A 666 -47.01 27.34 -38.09
CA THR A 666 -45.90 27.56 -37.18
C THR A 666 -44.54 27.31 -37.84
N GLN A 667 -44.51 26.56 -38.94
CA GLN A 667 -43.27 26.26 -39.66
C GLN A 667 -42.25 25.58 -38.74
N ILE A 668 -42.65 24.39 -38.27
CA ILE A 668 -41.79 23.56 -37.45
C ILE A 668 -41.77 22.15 -38.04
N LYS A 669 -40.59 21.54 -38.03
CA LYS A 669 -40.43 20.21 -38.62
C LYS A 669 -41.22 19.17 -37.82
N MET A 670 -41.59 18.09 -38.51
CA MET A 670 -42.50 17.12 -37.94
C MET A 670 -41.93 16.48 -36.68
N ASP A 671 -40.64 16.15 -36.69
CA ASP A 671 -40.03 15.53 -35.51
C ASP A 671 -40.11 16.45 -34.30
N ILE A 672 -39.68 17.71 -34.46
CA ILE A 672 -39.71 18.64 -33.35
C ILE A 672 -41.15 18.95 -32.95
N LEU A 673 -42.04 19.07 -33.94
CA LEU A 673 -43.45 19.33 -33.62
C LEU A 673 -44.04 18.21 -32.77
N ALA A 674 -43.78 16.96 -33.15
CA ALA A 674 -44.29 15.83 -32.37
C ALA A 674 -43.65 15.79 -30.99
N GLN A 675 -42.35 16.08 -30.91
CA GLN A 675 -41.68 16.08 -29.60
C GLN A 675 -42.26 17.13 -28.68
N VAL A 676 -42.60 18.30 -29.21
CA VAL A 676 -43.22 19.34 -28.39
C VAL A 676 -44.66 18.96 -28.03
N LEU A 677 -45.40 18.41 -28.98
CA LEU A 677 -46.81 18.07 -28.73
C LEU A 677 -46.94 16.98 -27.68
N GLN A 678 -46.07 15.96 -27.73
CA GLN A 678 -46.17 14.89 -26.73
C GLN A 678 -45.83 15.41 -25.34
N ILE A 679 -44.86 16.32 -25.25
CA ILE A 679 -44.55 16.94 -23.96
C ILE A 679 -45.76 17.73 -23.46
N LEU A 680 -46.39 18.51 -24.35
CA LEU A 680 -47.55 19.29 -23.94
C LEU A 680 -48.68 18.37 -23.45
N LEU A 681 -48.91 17.26 -24.16
CA LEU A 681 -49.94 16.33 -23.73
C LEU A 681 -49.60 15.72 -22.38
N LYS A 682 -48.33 15.36 -22.18
CA LYS A 682 -47.91 14.86 -20.87
C LYS A 682 -48.12 15.90 -19.78
N SER A 683 -48.02 17.19 -20.14
CA SER A 683 -48.22 18.26 -19.17
C SER A 683 -49.67 18.43 -18.78
N LYS A 684 -50.60 17.72 -19.42
CA LYS A 684 -52.03 17.83 -19.12
C LYS A 684 -52.51 19.27 -19.30
N LEU A 685 -52.07 19.90 -20.39
CA LEU A 685 -52.45 21.26 -20.73
C LEU A 685 -53.32 21.36 -21.97
N LEU A 686 -53.13 20.48 -22.95
CA LEU A 686 -53.92 20.50 -24.17
C LEU A 686 -55.01 19.43 -24.12
N ASN A 692 -57.41 10.81 -24.06
CA ASN A 692 -57.31 9.42 -24.50
C ASN A 692 -56.87 8.46 -23.40
N ALA A 693 -56.72 7.20 -23.75
CA ALA A 693 -56.30 6.26 -22.77
C ALA A 693 -54.92 6.65 -22.35
N ASN A 694 -54.04 6.88 -23.32
CA ASN A 694 -52.65 7.19 -22.98
C ASN A 694 -51.80 8.05 -23.90
N VAL A 695 -51.29 9.13 -23.33
CA VAL A 695 -50.37 10.13 -23.93
C VAL A 695 -48.91 9.74 -24.31
N ASP A 696 -48.26 8.91 -23.50
CA ASP A 696 -46.91 8.51 -23.80
C ASP A 696 -46.93 7.39 -24.81
N GLU A 697 -45.98 7.37 -25.73
CA GLU A 697 -45.88 6.30 -26.72
C GLU A 697 -47.13 6.01 -27.52
N VAL A 698 -47.86 7.03 -27.90
CA VAL A 698 -49.03 6.87 -28.67
C VAL A 698 -48.70 7.64 -29.94
N GLU A 699 -49.05 7.05 -31.05
CA GLU A 699 -48.77 7.58 -32.35
C GLU A 699 -49.42 8.89 -32.56
N LEU A 700 -48.69 9.77 -33.23
CA LEU A 700 -49.22 11.09 -33.55
C LEU A 700 -49.55 11.05 -35.04
N LYS A 701 -50.83 10.98 -35.30
CA LYS A 701 -51.34 10.88 -36.64
C LYS A 701 -51.70 12.24 -37.11
N PRO A 702 -51.15 12.66 -38.30
CA PRO A 702 -51.41 14.01 -38.80
C PRO A 702 -52.84 14.45 -38.69
N ASP A 703 -53.84 13.62 -38.86
CA ASP A 703 -55.17 14.12 -38.58
C ASP A 703 -55.16 13.92 -37.08
N THR A 704 -55.37 14.99 -36.33
CA THR A 704 -55.29 15.04 -34.85
C THR A 704 -54.33 14.08 -34.25
N LYS A 707 -58.43 19.20 -28.81
CA LYS A 707 -58.29 20.60 -28.44
C LYS A 707 -57.94 20.72 -26.95
N LEU A 708 -57.69 21.95 -26.51
CA LEU A 708 -57.34 22.19 -25.12
C LEU A 708 -58.48 21.78 -24.19
N TYR A 709 -58.11 21.15 -23.08
CA TYR A 709 -59.07 20.71 -22.07
C TYR A 709 -59.03 21.67 -20.89
N LEU A 710 -60.21 22.05 -20.40
CA LEU A 710 -60.29 22.98 -19.28
C LEU A 710 -59.94 22.28 -17.99
N GLY A 711 -58.65 22.08 -17.75
CA GLY A 711 -58.17 21.40 -16.56
C GLY A 711 -56.89 22.00 -16.02
N TYR A 712 -55.90 21.15 -15.75
CA TYR A 712 -54.60 21.58 -15.25
C TYR A 712 -54.76 22.26 -13.88
N LYS A 713 -55.28 21.49 -12.93
CA LYS A 713 -55.46 21.93 -11.56
C LYS A 713 -54.18 21.61 -10.79
N ASN A 714 -53.46 22.65 -10.37
CA ASN A 714 -52.21 22.50 -9.63
C ASN A 714 -52.22 23.43 -8.43
N LYS A 715 -51.56 22.99 -7.35
CA LYS A 715 -51.54 23.77 -6.12
C LYS A 715 -50.62 24.98 -6.21
N LYS A 716 -49.55 24.90 -7.01
CA LYS A 716 -48.58 25.97 -7.12
C LYS A 716 -49.05 27.02 -8.13
N LEU A 717 -48.98 28.29 -7.72
CA LEU A 717 -49.41 29.36 -8.61
C LEU A 717 -48.53 29.45 -9.85
N ARG A 718 -47.22 29.35 -9.67
CA ARG A 718 -46.25 29.44 -10.76
C ARG A 718 -45.60 28.09 -11.00
N VAL A 719 -45.62 27.63 -12.26
CA VAL A 719 -45.25 26.25 -12.63
C VAL A 719 -44.38 26.26 -13.88
N ASN A 720 -43.25 25.57 -13.83
CA ASN A 720 -42.34 25.49 -14.97
C ASN A 720 -42.56 24.17 -15.69
N ILE A 721 -42.77 24.25 -17.01
CA ILE A 721 -42.99 23.06 -17.83
C ILE A 721 -41.86 22.80 -18.82
N ASN A 722 -40.87 23.69 -18.90
CA ASN A 722 -39.75 23.49 -19.81
C ASN A 722 -38.86 22.37 -19.28
N VAL A 723 -38.82 21.25 -20.00
CA VAL A 723 -38.03 20.09 -19.61
C VAL A 723 -37.31 19.54 -20.83
N PRO A 724 -36.18 18.86 -20.62
CA PRO A 724 -35.46 18.29 -21.76
C PRO A 724 -36.30 17.23 -22.47
N MET A 725 -36.08 17.13 -23.78
CA MET A 725 -36.82 16.17 -24.59
C MET A 725 -36.46 14.74 -24.18
N LYS A 726 -37.21 13.79 -24.72
CA LYS A 726 -37.00 12.39 -24.36
C LYS A 726 -35.75 11.81 -24.99
N THR A 727 -35.45 12.20 -26.24
CA THR A 727 -34.35 11.60 -26.99
C THR A 727 -33.28 12.60 -27.42
N GLU A 728 -33.50 13.91 -27.26
CA GLU A 728 -32.52 14.88 -27.72
C GLU A 728 -31.18 14.69 -27.03
N GLN A 729 -31.18 14.16 -25.81
CA GLN A 729 -29.91 13.94 -25.10
C GLN A 729 -29.00 13.02 -25.88
N LYS A 730 -29.52 11.88 -26.33
CA LYS A 730 -28.70 10.93 -27.08
C LYS A 730 -28.23 11.53 -28.40
N GLN A 731 -29.12 12.24 -29.10
CA GLN A 731 -28.72 12.85 -30.36
C GLN A 731 -27.58 13.84 -30.16
N GLU A 732 -27.69 14.68 -29.13
CA GLU A 732 -26.60 15.58 -28.79
C GLU A 732 -25.34 14.79 -28.47
N GLN A 733 -25.48 13.67 -27.77
CA GLN A 733 -24.31 12.87 -27.42
C GLN A 733 -23.56 12.39 -28.66
N GLU A 734 -24.26 11.75 -29.59
CA GLU A 734 -23.53 11.19 -30.73
C GLU A 734 -23.07 12.29 -31.68
N THR A 735 -23.83 13.38 -31.83
CA THR A 735 -23.36 14.45 -32.70
C THR A 735 -22.11 15.11 -32.12
N THR A 736 -22.07 15.32 -30.80
CA THR A 736 -20.87 15.86 -30.17
C THR A 736 -19.70 14.89 -30.31
N HIS A 737 -19.96 13.59 -30.17
CA HIS A 737 -18.90 12.61 -30.35
C HIS A 737 -18.33 12.66 -31.76
N LYS A 738 -19.21 12.77 -32.76
CA LYS A 738 -18.74 12.85 -34.14
C LYS A 738 -17.96 14.14 -34.38
N ASN A 739 -18.41 15.25 -33.81
CA ASN A 739 -17.67 16.50 -33.93
C ASN A 739 -16.30 16.39 -33.30
N ILE A 740 -16.22 15.76 -32.13
CA ILE A 740 -14.93 15.59 -31.45
C ILE A 740 -14.01 14.70 -32.28
N GLU A 741 -14.56 13.64 -32.87
CA GLU A 741 -13.74 12.77 -33.72
C GLU A 741 -13.21 13.53 -34.94
N GLU A 742 -14.06 14.35 -35.56
CA GLU A 742 -13.61 15.15 -36.70
C GLU A 742 -12.53 16.15 -36.28
N ASP A 743 -12.71 16.78 -35.12
CA ASP A 743 -11.70 17.71 -34.62
C ASP A 743 -10.39 16.98 -34.35
N ARG A 744 -10.45 15.77 -33.79
CA ARG A 744 -9.24 15.00 -33.54
C ARG A 744 -8.54 14.66 -34.86
N LYS A 745 -9.30 14.26 -35.88
CA LYS A 745 -8.70 13.96 -37.17
C LYS A 745 -8.04 15.19 -37.77
N LEU A 746 -8.71 16.34 -37.70
CA LEU A 746 -8.13 17.57 -38.24
C LEU A 746 -6.87 17.96 -37.48
N LEU A 747 -6.89 17.82 -36.15
CA LEU A 747 -5.71 18.12 -35.36
C LEU A 747 -4.54 17.20 -35.72
N ILE A 748 -4.83 15.91 -35.92
CA ILE A 748 -3.77 14.99 -36.33
C ILE A 748 -3.20 15.39 -37.68
N GLN A 749 -4.07 15.74 -38.62
CA GLN A 749 -3.61 16.16 -39.94
C GLN A 749 -2.73 17.41 -39.83
N ALA A 750 -3.16 18.39 -39.03
CA ALA A 750 -2.37 19.61 -38.86
C ALA A 750 -1.03 19.31 -38.21
N ALA A 751 -1.02 18.43 -37.21
CA ALA A 751 0.24 18.07 -36.56
C ALA A 751 1.19 17.41 -37.54
N ILE A 752 0.67 16.50 -38.37
CA ILE A 752 1.51 15.85 -39.38
C ILE A 752 2.06 16.88 -40.35
N VAL A 753 1.20 17.81 -40.80
CA VAL A 753 1.63 18.80 -41.77
C VAL A 753 2.74 19.67 -41.19
N ARG A 754 2.55 20.15 -39.95
CA ARG A 754 3.54 21.02 -39.33
C ARG A 754 4.83 20.28 -38.99
N ILE A 755 4.75 18.99 -38.63
CA ILE A 755 5.95 18.21 -38.41
C ILE A 755 6.73 18.04 -39.70
N MET A 756 6.03 17.75 -40.80
CA MET A 756 6.70 17.53 -42.07
C MET A 756 7.20 18.82 -42.72
N LYS A 757 6.70 19.97 -42.32
CA LYS A 757 7.13 21.25 -42.90
C LYS A 757 8.53 21.54 -42.59
N MET A 758 8.89 21.30 -41.37
CA MET A 758 10.25 21.58 -40.95
C MET A 758 11.23 20.63 -41.61
N ARG A 759 10.92 19.33 -41.63
CA ARG A 759 11.82 18.33 -42.17
C ARG A 759 11.55 18.15 -43.66
N LYS A 760 12.57 18.40 -44.48
CA LYS A 760 12.41 18.25 -45.93
C LYS A 760 12.11 16.81 -46.29
N VAL A 761 12.76 15.84 -45.64
CA VAL A 761 12.59 14.42 -45.95
C VAL A 761 12.67 13.55 -44.76
N LEU A 762 11.61 12.91 -44.32
CA LEU A 762 11.66 12.18 -43.07
C LEU A 762 11.20 10.77 -43.19
N LYS A 763 11.77 9.87 -42.44
CA LYS A 763 11.34 8.51 -42.50
C LYS A 763 9.99 8.28 -41.91
N HIS A 764 9.37 7.24 -42.37
CA HIS A 764 8.10 6.86 -41.93
C HIS A 764 8.04 6.42 -40.54
N GLN A 765 9.04 5.77 -40.05
CA GLN A 765 9.01 5.35 -38.67
C GLN A 765 9.14 6.44 -37.63
N GLN A 766 10.01 7.39 -37.87
CA GLN A 766 10.25 8.46 -36.96
C GLN A 766 9.00 9.32 -36.95
N LEU A 767 8.45 9.64 -38.11
CA LEU A 767 7.23 10.40 -38.23
C LEU A 767 6.13 9.86 -37.35
N LEU A 768 5.91 8.58 -37.21
CA LEU A 768 4.86 8.14 -36.29
C LEU A 768 5.22 8.24 -34.81
N GLY A 769 6.48 8.25 -34.42
CA GLY A 769 6.90 8.54 -33.06
C GLY A 769 6.73 10.00 -32.70
N GLU A 770 7.09 10.90 -33.62
CA GLU A 770 6.93 12.32 -33.35
C GLU A 770 5.46 12.68 -33.17
N VAL A 771 4.58 12.13 -34.01
CA VAL A 771 3.16 12.42 -33.88
C VAL A 771 2.62 11.88 -32.56
N LEU A 772 3.02 10.66 -32.19
CA LEU A 772 2.53 10.08 -30.94
C LEU A 772 3.01 10.86 -29.72
N THR A 773 4.28 11.27 -29.70
CA THR A 773 4.81 11.97 -28.54
C THR A 773 4.34 13.42 -28.47
N GLN A 774 4.09 14.07 -29.61
CA GLN A 774 3.66 15.45 -29.59
C GLN A 774 2.21 15.62 -29.12
N LEU A 775 1.35 14.62 -29.35
CA LEU A 775 -0.04 14.68 -28.94
C LEU A 775 -0.36 13.75 -27.78
N SER A 776 0.66 13.12 -27.17
CA SER A 776 0.39 12.19 -26.07
C SER A 776 -0.29 12.89 -24.90
N SER A 777 0.02 14.17 -24.69
CA SER A 777 -0.59 14.90 -23.57
C SER A 777 -2.10 15.04 -23.72
N ARG A 778 -2.60 15.08 -24.96
CA ARG A 778 -4.03 15.23 -25.20
C ARG A 778 -4.71 13.87 -25.31
N PHE A 779 -4.25 13.04 -26.23
CA PHE A 779 -4.84 11.74 -26.48
C PHE A 779 -3.80 10.82 -27.09
N LYS A 780 -4.19 9.56 -27.26
CA LYS A 780 -3.32 8.53 -27.83
C LYS A 780 -3.88 8.11 -29.19
N PRO A 781 -3.48 8.76 -30.29
CA PRO A 781 -4.02 8.37 -31.59
C PRO A 781 -3.60 6.96 -31.99
N ARG A 782 -4.46 6.30 -32.75
CA ARG A 782 -4.20 4.96 -33.21
C ARG A 782 -3.41 4.99 -34.53
N VAL A 783 -2.82 3.83 -34.79
CA VAL A 783 -2.00 3.69 -35.95
C VAL A 783 -2.77 3.35 -37.17
N PRO A 784 -3.94 2.74 -37.04
CA PRO A 784 -4.74 2.58 -38.22
C PRO A 784 -5.23 3.95 -38.60
N VAL A 785 -5.58 4.80 -37.62
CA VAL A 785 -6.04 6.20 -37.83
C VAL A 785 -5.00 7.16 -38.34
N ILE A 786 -3.77 7.07 -37.92
CA ILE A 786 -2.75 7.92 -38.45
C ILE A 786 -2.47 7.57 -39.90
N LYS A 787 -2.66 6.33 -40.36
CA LYS A 787 -2.41 5.96 -41.74
C LYS A 787 -3.31 6.64 -42.71
N LYS A 788 -4.58 6.77 -42.42
CA LYS A 788 -5.49 7.39 -43.36
C LYS A 788 -5.13 8.79 -43.68
N CYS A 789 -4.77 9.53 -42.66
CA CYS A 789 -4.43 10.91 -42.75
C CYS A 789 -3.28 11.16 -43.62
N ILE A 790 -2.28 10.31 -43.61
CA ILE A 790 -1.20 10.51 -44.53
C ILE A 790 -1.67 10.35 -45.94
N ASP A 791 -2.55 9.39 -46.19
CA ASP A 791 -3.06 9.23 -47.50
C ASP A 791 -3.85 10.43 -47.92
N ILE A 792 -4.65 11.03 -47.04
CA ILE A 792 -5.41 12.17 -47.45
C ILE A 792 -4.53 13.28 -47.68
N LEU A 793 -3.58 13.49 -46.82
CA LEU A 793 -2.62 14.55 -47.11
C LEU A 793 -1.93 14.29 -48.45
N ILE A 794 -1.52 13.05 -48.70
CA ILE A 794 -0.88 12.72 -49.96
C ILE A 794 -1.83 12.97 -51.13
N GLU A 795 -3.11 12.62 -50.97
CA GLU A 795 -4.09 12.86 -52.01
C GLU A 795 -4.27 14.34 -52.31
N LYS A 796 -3.97 15.22 -51.36
CA LYS A 796 -4.12 16.66 -51.53
C LYS A 796 -2.81 17.34 -51.90
N GLU A 797 -1.84 16.59 -52.41
CA GLU A 797 -0.56 17.14 -52.84
C GLU A 797 0.19 17.80 -51.68
N TYR A 798 0.03 17.42 -50.43
CA TYR A 798 0.87 18.06 -49.41
C TYR A 798 2.22 17.42 -49.43
N LEU A 799 2.24 16.09 -49.53
CA LEU A 799 3.44 15.24 -49.50
C LEU A 799 3.67 14.29 -50.66
N GLU A 800 4.91 13.94 -50.89
CA GLU A 800 5.22 13.04 -51.92
C GLU A 800 6.08 11.90 -51.40
N ARG A 801 5.70 10.62 -51.61
CA ARG A 801 6.56 9.52 -51.21
C ARG A 801 7.69 9.65 -52.09
N VAL A 802 8.89 9.52 -51.61
CA VAL A 802 10.02 9.74 -52.48
C VAL A 802 10.09 8.76 -53.66
N ASP A 803 10.57 9.22 -54.82
CA ASP A 803 10.54 8.37 -56.00
C ASP A 803 11.34 7.07 -55.90
N GLY A 804 12.50 7.11 -55.29
CA GLY A 804 13.29 5.91 -55.18
C GLY A 804 12.64 4.83 -54.38
N GLU A 805 12.05 5.17 -53.25
CA GLU A 805 11.47 4.15 -52.42
C GLU A 805 10.31 4.62 -51.63
N LYS A 806 9.41 3.73 -51.32
CA LYS A 806 8.26 4.01 -50.53
C LYS A 806 8.63 4.03 -49.08
N ASP A 807 7.74 4.55 -48.26
CA ASP A 807 7.97 4.72 -46.81
C ASP A 807 9.09 5.68 -46.45
N THR A 808 9.17 6.75 -47.22
CA THR A 808 9.97 7.93 -46.97
C THR A 808 9.07 8.97 -47.62
N TYR A 809 8.81 10.06 -46.92
CA TYR A 809 7.93 11.07 -47.37
C TYR A 809 8.68 12.35 -47.42
N SER A 810 8.43 13.18 -48.37
CA SER A 810 9.09 14.45 -48.38
C SER A 810 8.06 15.54 -48.52
N TYR A 811 8.40 16.76 -48.14
CA TYR A 811 7.42 17.84 -48.22
C TYR A 811 7.64 18.62 -49.44
N LEU A 812 6.60 18.75 -50.24
CA LEU A 812 6.62 19.52 -51.44
C LEU A 812 5.58 20.55 -51.26
N ALA A 813 5.94 21.78 -51.52
CA ALA A 813 5.03 22.89 -51.36
C ALA A 813 3.76 22.68 -52.17
N LYS B 19 -60.69 28.41 -27.04
CA LYS B 19 -61.13 29.79 -26.84
C LYS B 19 -60.71 30.29 -25.46
N LYS B 20 -59.51 30.84 -25.37
CA LYS B 20 -58.99 31.35 -24.12
C LYS B 20 -58.08 32.55 -24.40
N ARG B 21 -57.83 33.33 -23.37
CA ARG B 21 -56.98 34.51 -23.46
C ARG B 21 -55.57 34.14 -23.00
N PHE B 22 -54.59 34.37 -23.86
CA PHE B 22 -53.20 34.04 -23.58
C PHE B 22 -52.34 35.28 -23.85
N GLU B 23 -51.75 35.83 -22.80
CA GLU B 23 -50.92 37.02 -22.90
C GLU B 23 -49.47 36.70 -22.59
N VAL B 24 -48.60 37.65 -22.92
CA VAL B 24 -47.16 37.51 -22.71
C VAL B 24 -46.67 38.73 -21.94
N LYS B 25 -45.88 38.48 -20.89
CA LYS B 25 -45.36 39.55 -20.05
C LYS B 25 -43.94 39.91 -20.44
N LYS B 26 -43.05 38.92 -20.45
CA LYS B 26 -41.65 39.10 -20.81
C LYS B 26 -41.20 38.00 -21.76
N TRP B 27 -40.02 38.18 -22.33
CA TRP B 27 -39.48 37.21 -23.28
C TRP B 27 -37.95 37.27 -23.23
N ASN B 28 -37.33 36.11 -23.41
CA ASN B 28 -35.87 35.98 -23.46
C ASN B 28 -35.51 35.27 -24.75
N ALA B 29 -34.56 35.83 -25.50
CA ALA B 29 -34.13 35.29 -26.78
C ALA B 29 -32.61 35.29 -26.86
N VAL B 30 -32.09 34.44 -27.74
CA VAL B 30 -30.65 34.32 -27.96
C VAL B 30 -30.39 34.46 -29.46
N ALA B 31 -29.47 35.34 -29.83
CA ALA B 31 -29.12 35.57 -31.23
C ALA B 31 -27.60 35.63 -31.37
N LEU B 32 -27.13 35.30 -32.57
CA LEU B 32 -25.72 35.30 -32.89
C LEU B 32 -25.44 36.29 -34.02
N TRP B 33 -24.35 37.05 -33.87
CA TRP B 33 -23.94 38.05 -34.85
C TRP B 33 -22.77 37.54 -35.67
N ALA B 34 -22.79 37.87 -36.96
CA ALA B 34 -21.72 37.50 -37.87
C ALA B 34 -21.75 38.43 -39.07
N TRP B 35 -20.61 38.53 -39.76
CA TRP B 35 -20.53 39.36 -40.96
C TRP B 35 -21.41 38.79 -42.06
N ASP B 36 -22.13 39.69 -42.74
CA ASP B 36 -23.05 39.25 -43.79
C ASP B 36 -22.32 38.80 -45.05
N ILE B 37 -21.31 39.56 -45.48
CA ILE B 37 -20.67 39.30 -46.76
C ILE B 37 -19.98 37.94 -46.77
N VAL B 38 -19.50 37.48 -45.62
CA VAL B 38 -18.84 36.19 -45.55
C VAL B 38 -19.79 35.04 -45.24
N VAL B 39 -20.81 35.28 -44.39
CA VAL B 39 -21.75 34.22 -44.06
C VAL B 39 -22.67 33.88 -45.23
N ASP B 40 -23.11 34.88 -46.00
CA ASP B 40 -23.98 34.61 -47.13
C ASP B 40 -23.26 33.86 -48.24
N ASN B 41 -21.97 34.13 -48.43
CA ASN B 41 -21.18 33.44 -49.46
C ASN B 41 -19.69 33.58 -49.18
N CYS B 42 -18.94 32.49 -49.30
CA CYS B 42 -17.52 32.54 -49.05
C CYS B 42 -16.81 33.43 -50.07
N ALA B 43 -15.79 34.15 -49.60
CA ALA B 43 -15.06 35.06 -50.46
C ALA B 43 -14.15 34.33 -51.43
N ILE B 44 -13.52 33.24 -51.00
CA ILE B 44 -12.60 32.48 -51.85
C ILE B 44 -13.39 31.72 -52.90
N CYS B 45 -14.28 30.84 -52.45
CA CYS B 45 -15.13 30.07 -53.35
C CYS B 45 -16.49 30.75 -53.45
N ARG B 46 -16.95 30.96 -54.68
CA ARG B 46 -18.21 31.67 -54.91
C ARG B 46 -19.44 30.79 -54.71
N ASN B 47 -19.27 29.48 -54.53
CA ASN B 47 -20.41 28.60 -54.29
C ASN B 47 -20.93 28.77 -52.88
N HIS B 48 -22.11 28.22 -52.63
CA HIS B 48 -22.74 28.30 -51.33
C HIS B 48 -21.89 27.55 -50.29
N ILE B 49 -21.83 28.12 -49.08
CA ILE B 49 -20.99 27.55 -48.03
C ILE B 49 -21.47 26.15 -47.67
N MET B 50 -22.78 25.97 -47.52
CA MET B 50 -23.30 24.66 -47.16
C MET B 50 -23.06 23.63 -48.26
N ASP B 51 -23.06 24.07 -49.52
CA ASP B 51 -22.81 23.18 -50.65
C ASP B 51 -21.32 22.86 -50.76
N LEU B 52 -21.01 21.86 -51.57
CA LEU B 52 -19.64 21.42 -51.73
C LEU B 52 -18.80 22.49 -52.42
N CYS B 53 -17.50 22.49 -52.10
CA CYS B 53 -16.56 23.45 -52.65
C CYS B 53 -16.20 23.06 -54.10
N ILE B 54 -15.54 23.98 -54.80
CA ILE B 54 -15.20 23.73 -56.20
C ILE B 54 -14.27 22.53 -56.32
N GLU B 55 -13.27 22.43 -55.44
CA GLU B 55 -12.38 21.27 -55.47
C GLU B 55 -13.15 19.99 -55.21
N CYS B 56 -14.09 20.03 -54.25
CA CYS B 56 -14.93 18.88 -53.96
C CYS B 56 -16.01 18.67 -55.02
N GLN B 57 -16.46 19.73 -55.68
CA GLN B 57 -17.47 19.58 -56.73
C GLN B 57 -16.88 18.99 -58.01
N ALA B 58 -15.61 19.26 -58.29
CA ALA B 58 -15.00 18.74 -59.51
C ALA B 58 -15.02 17.22 -59.53
N ASN B 59 -14.85 16.58 -58.37
CA ASN B 59 -14.90 15.13 -58.28
C ASN B 59 -15.66 14.73 -57.03
N GLN B 60 -16.53 13.73 -57.15
CA GLN B 60 -17.32 13.25 -56.03
C GLN B 60 -16.88 11.89 -55.53
N ALA B 61 -16.23 11.08 -56.37
CA ALA B 61 -15.75 9.76 -55.96
C ALA B 61 -14.51 9.84 -55.07
N SER B 62 -13.89 11.02 -54.97
CA SER B 62 -12.70 11.16 -54.15
C SER B 62 -13.05 10.98 -52.67
N ALA B 63 -12.06 10.52 -51.90
CA ALA B 63 -12.23 10.28 -50.48
C ALA B 63 -12.14 11.56 -49.65
N THR B 64 -11.81 12.70 -50.26
CA THR B 64 -11.71 13.97 -49.56
C THR B 64 -12.97 14.82 -49.68
N SER B 65 -14.05 14.26 -50.24
CA SER B 65 -15.26 15.03 -50.47
C SER B 65 -16.14 15.16 -49.23
N GLU B 66 -15.91 14.35 -48.20
CA GLU B 66 -16.71 14.38 -46.99
C GLU B 66 -16.02 15.08 -45.83
N GLU B 67 -14.89 15.72 -46.07
CA GLU B 67 -14.18 16.39 -45.01
C GLU B 67 -14.07 17.91 -45.20
N CYS B 68 -14.83 18.47 -46.13
CA CYS B 68 -14.84 19.91 -46.37
C CYS B 68 -15.94 20.53 -45.53
N THR B 69 -15.54 21.33 -44.53
CA THR B 69 -16.47 21.96 -43.60
C THR B 69 -16.09 23.43 -43.45
N VAL B 70 -16.93 24.16 -42.73
CA VAL B 70 -16.72 25.59 -42.49
C VAL B 70 -15.77 25.76 -41.31
N ALA B 71 -14.75 26.59 -41.51
CA ALA B 71 -13.74 26.86 -40.48
C ALA B 71 -13.89 28.32 -40.04
N TRP B 72 -14.02 28.53 -38.73
CA TRP B 72 -14.17 29.86 -38.17
C TRP B 72 -12.82 30.38 -37.68
N GLY B 73 -12.82 31.61 -37.18
CA GLY B 73 -11.60 32.21 -36.69
C GLY B 73 -11.90 33.34 -35.72
N VAL B 74 -10.84 34.03 -35.31
CA VAL B 74 -10.99 35.14 -34.38
C VAL B 74 -11.79 36.27 -35.01
N CYS B 75 -11.62 36.49 -36.31
CA CYS B 75 -12.33 37.56 -37.01
C CYS B 75 -13.78 37.21 -37.32
N ASN B 76 -14.26 36.05 -36.86
CA ASN B 76 -15.65 35.64 -37.08
C ASN B 76 -15.97 35.56 -38.58
N HIS B 77 -15.04 35.00 -39.34
CA HIS B 77 -15.21 34.81 -40.77
C HIS B 77 -15.34 33.32 -41.09
N ALA B 78 -16.24 33.01 -42.03
CA ALA B 78 -16.50 31.65 -42.45
C ALA B 78 -15.74 31.36 -43.74
N PHE B 79 -14.93 30.30 -43.73
CA PHE B 79 -14.15 29.91 -44.89
C PHE B 79 -14.07 28.39 -44.94
N HIS B 80 -14.09 27.85 -46.16
CA HIS B 80 -14.00 26.41 -46.33
C HIS B 80 -12.63 25.92 -45.87
N PHE B 81 -12.63 24.70 -45.30
CA PHE B 81 -11.38 24.14 -44.78
C PHE B 81 -10.34 23.99 -45.88
N HIS B 82 -10.71 23.39 -47.01
CA HIS B 82 -9.77 23.23 -48.11
C HIS B 82 -9.34 24.57 -48.69
N CYS B 83 -10.28 25.50 -48.84
CA CYS B 83 -9.94 26.79 -49.42
C CYS B 83 -8.95 27.54 -48.53
N ILE B 84 -9.21 27.59 -47.23
CA ILE B 84 -8.30 28.30 -46.32
C ILE B 84 -6.97 27.57 -46.22
N SER B 85 -6.99 26.24 -46.23
CA SER B 85 -5.73 25.49 -46.19
C SER B 85 -4.88 25.78 -47.40
N ARG B 86 -5.49 25.82 -48.59
CA ARG B 86 -4.74 26.14 -49.80
C ARG B 86 -4.27 27.59 -49.80
N TRP B 87 -5.08 28.52 -49.29
CA TRP B 87 -4.68 29.92 -49.27
C TRP B 87 -3.53 30.16 -48.29
N LEU B 88 -3.48 29.39 -47.19
CA LEU B 88 -2.42 29.57 -46.20
C LEU B 88 -1.05 29.16 -46.71
N LYS B 89 -0.98 28.49 -47.86
CA LYS B 89 0.30 28.06 -48.40
C LYS B 89 1.23 29.25 -48.64
N THR B 90 0.82 30.17 -49.52
CA THR B 90 1.66 31.31 -49.86
C THR B 90 1.51 32.43 -48.82
N ARG B 91 0.30 32.94 -48.65
CA ARG B 91 0.03 34.03 -47.73
C ARG B 91 -0.83 33.55 -46.57
N GLN B 92 -0.14 33.90 -45.34
CA GLN B 92 -0.85 33.53 -44.12
C GLN B 92 -1.85 34.57 -43.65
N VAL B 93 -1.96 35.98 -43.95
CA VAL B 93 -2.88 37.01 -43.50
C VAL B 93 -4.22 36.85 -44.22
N CYS B 94 -5.30 36.98 -43.45
CA CYS B 94 -6.63 36.87 -44.03
C CYS B 94 -6.89 38.03 -44.98
N PRO B 95 -7.42 37.77 -46.18
CA PRO B 95 -7.62 38.86 -47.15
C PRO B 95 -8.65 39.90 -46.73
N LEU B 96 -9.53 39.57 -45.77
CA LEU B 96 -10.61 40.50 -45.39
C LEU B 96 -10.09 41.58 -44.44
N ASP B 97 -9.61 41.17 -43.27
CA ASP B 97 -9.11 42.12 -42.28
C ASP B 97 -7.61 42.34 -42.35
N ASN B 98 -6.91 41.64 -43.24
CA ASN B 98 -5.47 41.81 -43.44
C ASN B 98 -4.71 41.58 -42.13
N ARG B 99 -4.85 40.37 -41.61
CA ARG B 99 -4.15 39.96 -40.40
C ARG B 99 -4.09 38.44 -40.38
N GLU B 100 -3.30 37.93 -39.40
CA GLU B 100 -3.03 36.52 -39.12
C GLU B 100 -4.19 35.58 -38.87
N TRP B 101 -4.52 34.61 -39.73
CA TRP B 101 -5.71 33.80 -39.51
C TRP B 101 -5.44 32.73 -38.48
N GLU B 102 -6.42 32.48 -37.61
CA GLU B 102 -6.31 31.48 -36.57
C GLU B 102 -7.57 30.62 -36.56
N PHE B 103 -7.39 29.34 -36.21
CA PHE B 103 -8.50 28.40 -36.16
C PHE B 103 -9.09 28.35 -34.74
N GLN B 104 -10.43 28.30 -34.68
CA GLN B 104 -11.12 28.26 -33.40
C GLN B 104 -12.03 27.03 -33.33
N LYS B 105 -12.67 26.68 -34.44
CA LYS B 105 -13.57 25.54 -34.48
C LYS B 105 -13.78 25.14 -35.94
N TYR B 106 -14.59 24.10 -36.14
CA TYR B 106 -14.89 23.61 -37.48
C TYR B 106 -16.36 23.26 -37.60
N ALA C 12 25.72 23.46 -31.59
CA ALA C 12 26.76 24.35 -32.12
C ALA C 12 26.23 25.77 -32.20
N SER C 13 27.15 26.73 -32.40
CA SER C 13 26.75 28.13 -32.50
C SER C 13 25.84 28.36 -33.69
N TYR C 14 26.17 27.75 -34.83
CA TYR C 14 25.34 27.92 -36.03
C TYR C 14 23.95 27.34 -35.82
N HIS C 15 23.84 26.22 -35.10
CA HIS C 15 22.53 25.63 -34.83
C HIS C 15 21.63 26.61 -34.09
N ILE C 16 22.14 27.19 -32.99
CA ILE C 16 21.34 28.14 -32.23
C ILE C 16 21.07 29.39 -33.05
N SER C 17 22.04 29.83 -33.85
CA SER C 17 21.84 31.01 -34.67
C SER C 17 20.69 30.82 -35.64
N ASN C 18 20.67 29.68 -36.35
CA ASN C 18 19.60 29.43 -37.30
C ASN C 18 18.27 29.19 -36.60
N LEU C 19 18.30 28.56 -35.42
CA LEU C 19 17.06 28.39 -34.65
C LEU C 19 16.47 29.75 -34.29
N LEU C 20 17.31 30.67 -33.80
CA LEU C 20 16.83 32.00 -33.46
C LEU C 20 16.33 32.74 -34.70
N GLU C 21 17.03 32.59 -35.82
CA GLU C 21 16.60 33.24 -37.05
C GLU C 21 15.23 32.73 -37.50
N LYS C 22 15.01 31.42 -37.40
CA LYS C 22 13.73 30.83 -37.80
C LYS C 22 12.64 31.03 -36.75
N MET C 23 12.99 31.44 -35.54
CA MET C 23 11.99 31.68 -34.50
C MET C 23 11.14 32.91 -34.79
N THR C 24 11.56 33.90 -35.56
CA THR C 24 10.68 35.03 -35.79
C THR C 24 10.19 34.90 -37.19
N SER C 25 9.74 33.71 -37.51
CA SER C 25 9.38 33.38 -38.86
C SER C 25 8.16 33.83 -39.52
N SER C 26 7.18 34.31 -38.79
CA SER C 26 5.90 34.83 -39.34
C SER C 26 4.93 33.86 -39.92
N ASP C 27 5.18 32.57 -39.68
CA ASP C 27 4.38 31.41 -40.08
C ASP C 27 4.07 30.73 -38.80
N LYS C 28 2.84 30.39 -38.53
CA LYS C 28 2.51 29.79 -37.27
C LYS C 28 3.24 28.50 -37.01
N ASP C 29 3.49 27.69 -38.02
CA ASP C 29 4.16 26.39 -37.85
C ASP C 29 5.63 26.41 -37.81
N PHE C 30 6.26 27.49 -38.17
CA PHE C 30 7.69 27.62 -38.10
C PHE C 30 8.09 28.23 -36.75
N ARG C 31 7.11 28.60 -35.94
CA ARG C 31 7.36 29.12 -34.62
C ARG C 31 6.82 28.19 -33.60
N PHE C 32 6.48 27.00 -33.95
CA PHE C 32 6.05 26.02 -33.01
C PHE C 32 7.09 24.89 -33.13
N MET C 33 7.78 24.74 -34.27
CA MET C 33 8.84 23.75 -34.42
C MET C 33 10.13 24.21 -33.77
N ALA C 34 10.51 25.48 -33.97
CA ALA C 34 11.73 25.99 -33.37
C ALA C 34 11.65 25.95 -31.84
N THR C 35 10.50 26.36 -31.30
CA THR C 35 10.34 26.34 -29.84
C THR C 35 10.40 24.92 -29.30
N ASN C 36 9.78 23.96 -29.99
CA ASN C 36 9.84 22.57 -29.56
C ASN C 36 11.27 22.04 -29.61
N ASP C 37 12.01 22.38 -30.66
CA ASP C 37 13.40 21.95 -30.76
C ASP C 37 14.23 22.55 -29.64
N LEU C 38 14.02 23.84 -29.33
CA LEU C 38 14.74 24.46 -28.23
C LEU C 38 14.41 23.80 -26.91
N MET C 39 13.14 23.49 -26.68
CA MET C 39 12.75 22.82 -25.43
C MET C 39 13.41 21.45 -25.33
N THR C 40 13.42 20.69 -26.44
CA THR C 40 14.04 19.38 -26.41
C THR C 40 15.54 19.48 -26.14
N GLU C 41 16.20 20.46 -26.77
CA GLU C 41 17.64 20.62 -26.55
C GLU C 41 17.95 21.05 -25.13
N LEU C 42 17.09 21.89 -24.53
CA LEU C 42 17.31 22.33 -23.16
C LEU C 42 17.01 21.24 -22.15
N GLN C 43 16.05 20.36 -22.44
CA GLN C 43 15.71 19.30 -21.50
C GLN C 43 16.88 18.36 -21.27
N LYS C 44 17.57 17.97 -22.33
CA LYS C 44 18.71 17.08 -22.20
C LYS C 44 19.92 17.84 -21.68
N ASP C 45 20.82 17.11 -21.03
CA ASP C 45 22.03 17.69 -20.47
C ASP C 45 23.08 17.89 -21.55
N LEU C 49 26.59 26.40 -24.22
CA LEU C 49 25.76 27.57 -24.54
C LEU C 49 26.43 28.84 -24.00
N ASP C 50 26.85 29.71 -24.92
CA ASP C 50 27.61 30.89 -24.55
C ASP C 50 26.69 31.91 -23.87
N ASP C 51 27.33 32.88 -23.20
CA ASP C 51 26.58 33.92 -22.51
C ASP C 51 25.76 34.75 -23.48
N ASP C 52 26.34 35.11 -24.62
CA ASP C 52 25.59 35.86 -25.63
C ASP C 52 24.41 35.05 -26.15
N SER C 53 24.63 33.76 -26.41
CA SER C 53 23.53 32.91 -26.86
C SER C 53 22.45 32.80 -25.79
N GLU C 54 22.86 32.67 -24.51
CA GLU C 54 21.88 32.62 -23.43
C GLU C 54 21.06 33.90 -23.38
N ARG C 55 21.71 35.05 -23.47
CA ARG C 55 20.97 36.31 -23.44
C ARG C 55 20.02 36.42 -24.63
N LYS C 56 20.48 36.03 -25.82
CA LYS C 56 19.63 36.12 -27.01
C LYS C 56 18.42 35.21 -26.88
N VAL C 57 18.61 33.98 -26.42
CA VAL C 57 17.49 33.05 -26.33
C VAL C 57 16.52 33.50 -25.23
N VAL C 58 17.05 34.02 -24.12
CA VAL C 58 16.17 34.53 -23.07
C VAL C 58 15.34 35.70 -23.59
N LYS C 59 15.98 36.62 -24.32
CA LYS C 59 15.25 37.76 -24.86
C LYS C 59 14.19 37.31 -25.85
N MET C 60 14.53 36.35 -26.72
CA MET C 60 13.55 35.86 -27.68
C MET C 60 12.38 35.19 -26.99
N ILE C 61 12.66 34.40 -25.95
CA ILE C 61 11.58 33.72 -25.22
C ILE C 61 10.67 34.75 -24.55
N LEU C 62 11.27 35.77 -23.92
CA LEU C 62 10.46 36.79 -23.28
C LEU C 62 9.61 37.55 -24.30
N LYS C 63 10.19 37.88 -25.46
CA LYS C 63 9.41 38.57 -26.49
C LYS C 63 8.27 37.68 -26.99
N LEU C 64 8.53 36.39 -27.18
CA LEU C 64 7.54 35.47 -27.68
C LEU C 64 6.48 35.12 -26.64
N LEU C 65 6.75 35.37 -25.36
CA LEU C 65 5.77 35.07 -24.33
C LEU C 65 4.43 35.76 -24.59
N GLU C 66 4.47 36.93 -25.24
CA GLU C 66 3.26 37.66 -25.63
C GLU C 66 3.10 37.52 -27.13
N ASP C 67 2.14 36.69 -27.55
CA ASP C 67 1.88 36.43 -28.95
C ASP C 67 0.38 36.36 -29.18
N LYS C 68 -0.01 36.27 -30.46
CA LYS C 68 -1.41 36.24 -30.86
C LYS C 68 -1.92 34.81 -31.06
N ASN C 69 -1.26 33.82 -30.45
CA ASN C 69 -1.68 32.43 -30.56
C ASN C 69 -1.46 31.74 -29.24
N GLY C 70 -2.42 30.89 -28.86
CA GLY C 70 -2.36 30.22 -27.57
C GLY C 70 -1.38 29.07 -27.51
N GLU C 71 -1.21 28.34 -28.62
CA GLU C 71 -0.32 27.19 -28.61
C GLU C 71 1.12 27.61 -28.34
N VAL C 72 1.60 28.62 -29.06
CA VAL C 72 2.97 29.08 -28.89
C VAL C 72 3.16 29.68 -27.50
N GLN C 73 2.17 30.41 -27.00
CA GLN C 73 2.24 30.96 -25.66
C GLN C 73 2.37 29.85 -24.62
N ASN C 74 1.56 28.80 -24.76
CA ASN C 74 1.62 27.68 -23.81
C ASN C 74 2.97 26.97 -23.90
N LEU C 75 3.49 26.77 -25.12
CA LEU C 75 4.77 26.12 -25.25
C LEU C 75 5.88 26.94 -24.60
N ALA C 76 5.85 28.26 -24.80
CA ALA C 76 6.85 29.12 -24.16
C ALA C 76 6.72 29.09 -22.65
N VAL C 77 5.48 29.09 -22.13
CA VAL C 77 5.29 29.03 -20.69
C VAL C 77 5.85 27.73 -20.14
N LYS C 78 5.61 26.62 -20.82
CA LYS C 78 6.17 25.34 -20.40
C LYS C 78 7.69 25.36 -20.44
N CYS C 79 8.26 25.93 -21.50
CA CYS C 79 9.72 25.96 -21.63
C CYS C 79 10.35 26.86 -20.57
N LEU C 80 9.63 27.86 -20.07
CA LEU C 80 10.19 28.73 -19.04
C LEU C 80 10.64 27.94 -17.82
N GLY C 81 9.97 26.83 -17.52
CA GLY C 81 10.32 26.02 -16.39
C GLY C 81 11.73 25.45 -16.49
N PRO C 82 11.95 24.58 -17.48
CA PRO C 82 13.30 24.01 -17.66
C PRO C 82 14.36 25.05 -17.94
N LEU C 83 13.99 26.22 -18.48
CA LEU C 83 14.98 27.23 -18.80
C LEU C 83 15.75 27.68 -17.57
N VAL C 84 15.04 27.93 -16.47
CA VAL C 84 15.69 28.39 -15.25
C VAL C 84 16.50 27.27 -14.58
N SER C 85 16.27 26.02 -14.97
CA SER C 85 17.00 24.91 -14.36
C SER C 85 18.50 24.99 -14.62
N LYS C 86 18.92 25.54 -15.78
CA LYS C 86 20.33 25.66 -16.14
C LYS C 86 20.55 27.09 -16.65
N VAL C 87 20.81 28.01 -15.71
CA VAL C 87 21.08 29.39 -16.06
C VAL C 87 21.70 30.07 -14.84
N LYS C 88 22.41 31.17 -15.07
CA LYS C 88 23.03 31.92 -13.99
C LYS C 88 21.94 32.66 -13.21
N GLU C 89 22.35 33.34 -12.14
CA GLU C 89 21.42 34.02 -11.25
C GLU C 89 20.87 35.32 -11.84
N TYR C 90 21.70 36.07 -12.58
CA TYR C 90 21.25 37.35 -13.12
C TYR C 90 20.11 37.16 -14.12
N GLN C 91 20.18 36.11 -14.93
CA GLN C 91 19.09 35.84 -15.87
C GLN C 91 17.78 35.58 -15.14
N VAL C 92 17.83 34.80 -14.08
CA VAL C 92 16.62 34.52 -13.30
C VAL C 92 16.10 35.81 -12.66
N GLU C 93 17.00 36.64 -12.13
CA GLU C 93 16.59 37.89 -11.53
C GLU C 93 15.87 38.79 -12.53
N THR C 94 16.45 38.95 -13.72
CA THR C 94 15.82 39.81 -14.72
C THR C 94 14.52 39.21 -15.23
N ILE C 95 14.45 37.89 -15.38
CA ILE C 95 13.21 37.25 -15.80
C ILE C 95 12.11 37.49 -14.78
N VAL C 96 12.44 37.33 -13.50
CA VAL C 96 11.47 37.58 -12.44
C VAL C 96 11.03 39.04 -12.45
N ASP C 97 11.99 39.96 -12.62
CA ASP C 97 11.66 41.38 -12.63
C ASP C 97 10.70 41.71 -13.76
N THR C 98 10.99 41.24 -14.98
CA THR C 98 10.11 41.54 -16.10
C THR C 98 8.76 40.88 -15.94
N LEU C 99 8.72 39.66 -15.40
CA LEU C 99 7.43 39.00 -15.17
C LEU C 99 6.59 39.79 -14.17
N CYS C 100 7.22 40.27 -13.09
CA CYS C 100 6.49 41.05 -12.10
C CYS C 100 6.00 42.37 -12.69
N THR C 101 6.83 43.04 -13.49
CA THR C 101 6.38 44.29 -14.12
C THR C 101 5.22 44.04 -15.06
N ASN C 102 5.27 42.96 -15.85
CA ASN C 102 4.16 42.64 -16.74
C ASN C 102 2.91 42.27 -15.96
N MET C 103 3.07 41.67 -14.78
CA MET C 103 1.91 41.30 -13.99
C MET C 103 1.08 42.52 -13.59
N LEU C 104 1.69 43.69 -13.54
CA LEU C 104 0.99 44.92 -13.20
C LEU C 104 0.25 45.52 -14.39
N SER C 105 0.39 44.95 -15.58
CA SER C 105 -0.29 45.47 -16.76
C SER C 105 -1.80 45.22 -16.65
N ASP C 106 -2.57 46.03 -17.37
CA ASP C 106 -4.02 45.93 -17.35
C ASP C 106 -4.56 44.82 -18.24
N LYS C 107 -3.72 44.18 -19.03
CA LYS C 107 -4.16 43.11 -19.92
C LYS C 107 -4.34 41.83 -19.12
N GLU C 108 -5.55 41.26 -19.16
CA GLU C 108 -5.82 40.03 -18.41
C GLU C 108 -4.97 38.88 -18.90
N GLN C 109 -4.82 38.75 -20.23
CA GLN C 109 -4.05 37.65 -20.79
C GLN C 109 -2.60 37.72 -20.33
N LEU C 110 -1.99 38.91 -20.40
CA LEU C 110 -0.60 39.05 -19.98
C LEU C 110 -0.45 38.77 -18.49
N ARG C 111 -1.40 39.25 -17.69
CA ARG C 111 -1.33 39.00 -16.24
C ARG C 111 -1.40 37.51 -15.95
N ASP C 112 -2.32 36.79 -16.62
CA ASP C 112 -2.44 35.36 -16.40
C ASP C 112 -1.18 34.64 -16.85
N ILE C 113 -0.62 35.04 -17.99
CA ILE C 113 0.60 34.39 -18.47
C ILE C 113 1.74 34.60 -17.50
N SER C 114 1.89 35.82 -16.99
CA SER C 114 2.95 36.11 -16.03
C SER C 114 2.75 35.31 -14.74
N SER C 115 1.51 35.23 -14.26
CA SER C 115 1.25 34.46 -13.04
C SER C 115 1.57 32.99 -13.23
N ILE C 116 1.18 32.42 -14.38
CA ILE C 116 1.46 31.01 -14.65
C ILE C 116 2.96 30.78 -14.74
N GLY C 117 3.68 31.69 -15.42
CA GLY C 117 5.12 31.54 -15.52
C GLY C 117 5.80 31.62 -14.18
N LEU C 118 5.37 32.56 -13.32
CA LEU C 118 5.96 32.67 -11.99
C LEU C 118 5.66 31.43 -11.16
N LYS C 119 4.44 30.90 -11.26
CA LYS C 119 4.11 29.67 -10.54
C LYS C 119 4.98 28.50 -11.01
N THR C 120 5.18 28.38 -12.32
CA THR C 120 6.03 27.33 -12.85
C THR C 120 7.47 27.49 -12.38
N VAL C 121 7.97 28.72 -12.37
CA VAL C 121 9.34 28.96 -11.90
C VAL C 121 9.47 28.58 -10.43
N ILE C 122 8.48 28.95 -9.62
CA ILE C 122 8.51 28.62 -8.19
C ILE C 122 8.49 27.10 -8.01
N GLY C 123 7.63 26.41 -8.76
CA GLY C 123 7.57 24.96 -8.66
C GLY C 123 8.85 24.29 -9.08
N GLU C 124 9.51 24.81 -10.11
CA GLU C 124 10.77 24.22 -10.57
C GLU C 124 11.85 24.33 -9.51
N LEU C 125 11.87 25.43 -8.76
CA LEU C 125 12.89 25.64 -7.75
C LEU C 125 12.70 24.63 -6.61
N PRO C 126 13.76 24.36 -5.83
CA PRO C 126 13.68 23.40 -4.72
C PRO C 126 12.51 23.67 -3.78
N ALA C 135 19.50 32.10 -5.60
CA ALA C 135 18.28 31.40 -5.22
C ALA C 135 17.53 32.17 -4.15
N ALA C 136 18.21 32.42 -3.03
CA ALA C 136 17.61 33.15 -1.92
C ALA C 136 17.24 34.58 -2.29
N ASN C 137 18.10 35.27 -3.04
CA ASN C 137 17.80 36.64 -3.44
C ASN C 137 16.56 36.71 -4.30
N VAL C 138 16.39 35.74 -5.20
CA VAL C 138 15.21 35.73 -6.07
C VAL C 138 13.95 35.61 -5.22
N CYS C 139 13.94 34.71 -4.24
CA CYS C 139 12.78 34.55 -3.40
C CYS C 139 12.49 35.82 -2.60
N LYS C 140 13.53 36.46 -2.07
CA LYS C 140 13.33 37.70 -1.32
C LYS C 140 12.74 38.79 -2.20
N LYS C 141 13.26 38.94 -3.43
CA LYS C 141 12.72 39.95 -4.33
C LYS C 141 11.27 39.64 -4.69
N ILE C 142 10.95 38.38 -4.95
CA ILE C 142 9.58 38.00 -5.28
C ILE C 142 8.65 38.33 -4.10
N THR C 143 9.05 37.96 -2.89
CA THR C 143 8.22 38.23 -1.73
C THR C 143 8.03 39.73 -1.52
N GLY C 144 9.09 40.51 -1.73
CA GLY C 144 8.95 41.96 -1.62
C GLY C 144 7.98 42.52 -2.64
N ARG C 145 8.05 42.03 -3.87
CA ARG C 145 7.14 42.51 -4.91
C ARG C 145 5.69 42.16 -4.58
N LEU C 146 5.44 40.93 -4.11
CA LEU C 146 4.08 40.57 -3.72
C LEU C 146 3.62 41.39 -2.52
N THR C 147 4.50 41.65 -1.56
CA THR C 147 4.12 42.48 -0.43
C THR C 147 3.74 43.89 -0.87
N SER C 148 4.50 44.47 -1.80
CA SER C 148 4.18 45.79 -2.31
C SER C 148 2.88 45.80 -3.10
N ALA C 149 2.64 44.78 -3.91
CA ALA C 149 1.48 44.77 -4.79
C ALA C 149 0.18 44.45 -4.04
N ILE C 150 0.24 43.57 -3.04
CA ILE C 150 -0.96 43.15 -2.33
C ILE C 150 -1.60 44.27 -1.52
N ALA C 151 -0.89 45.38 -1.33
CA ALA C 151 -1.42 46.51 -0.58
C ALA C 151 -2.78 46.93 -1.13
N LYS C 152 -3.57 47.62 -0.32
CA LYS C 152 -4.92 48.01 -0.71
C LYS C 152 -4.91 48.74 -2.04
N GLN C 153 -5.60 48.15 -3.04
CA GLN C 153 -5.67 48.72 -4.37
C GLN C 153 -7.06 48.48 -4.94
N GLU C 154 -7.44 49.33 -5.89
CA GLU C 154 -8.77 49.22 -6.50
C GLU C 154 -8.93 47.90 -7.24
N ASP C 155 -7.92 47.50 -8.01
CA ASP C 155 -8.02 46.25 -8.76
C ASP C 155 -8.00 45.06 -7.81
N VAL C 156 -8.69 43.99 -8.22
CA VAL C 156 -8.83 42.79 -7.40
C VAL C 156 -8.13 41.61 -8.06
N SER C 157 -8.05 41.63 -9.39
CA SER C 157 -7.43 40.51 -10.10
C SER C 157 -5.97 40.36 -9.72
N VAL C 158 -5.23 41.48 -9.67
CA VAL C 158 -3.82 41.42 -9.30
C VAL C 158 -3.67 40.96 -7.85
N GLN C 159 -4.57 41.41 -6.98
CA GLN C 159 -4.51 40.98 -5.59
C GLN C 159 -4.72 39.47 -5.47
N LEU C 160 -5.70 38.94 -6.19
CA LEU C 160 -5.93 37.49 -6.15
C LEU C 160 -4.75 36.73 -6.72
N GLU C 161 -4.16 37.22 -7.82
CA GLU C 161 -3.01 36.55 -8.41
C GLU C 161 -1.84 36.55 -7.43
N ALA C 162 -1.59 37.68 -6.77
CA ALA C 162 -0.50 37.75 -5.80
C ALA C 162 -0.75 36.82 -4.63
N LEU C 163 -1.99 36.76 -4.15
CA LEU C 163 -2.31 35.85 -3.04
C LEU C 163 -2.09 34.40 -3.46
N ASP C 164 -2.51 34.04 -4.68
CA ASP C 164 -2.30 32.68 -5.15
C ASP C 164 -0.81 32.36 -5.25
N ILE C 165 -0.02 33.29 -5.77
CA ILE C 165 1.42 33.06 -5.89
C ILE C 165 2.05 32.88 -4.51
N MET C 166 1.66 33.74 -3.56
CA MET C 166 2.20 33.63 -2.21
C MET C 166 1.82 32.30 -1.57
N ALA C 167 0.56 31.88 -1.74
CA ALA C 167 0.14 30.60 -1.18
C ALA C 167 0.92 29.44 -1.79
N ASP C 168 1.12 29.47 -3.10
CA ASP C 168 1.88 28.41 -3.76
C ASP C 168 3.32 28.39 -3.26
N MET C 169 3.94 29.57 -3.12
CA MET C 169 5.31 29.62 -2.62
C MET C 169 5.39 29.08 -1.20
N LEU C 170 4.44 29.46 -0.34
CA LEU C 170 4.44 28.96 1.03
C LEU C 170 4.27 27.45 1.07
N SER C 171 3.38 26.91 0.24
CA SER C 171 3.19 25.47 0.17
C SER C 171 4.45 24.76 -0.30
N ARG C 172 5.14 25.34 -1.28
CA ARG C 172 6.36 24.72 -1.80
C ARG C 172 7.53 24.91 -0.86
N GLN C 173 7.86 26.17 -0.55
CA GLN C 173 8.98 26.50 0.32
C GLN C 173 8.46 27.17 1.58
N GLY C 174 8.92 26.68 2.74
CA GLY C 174 8.52 27.24 4.01
C GLY C 174 9.63 27.25 5.04
N GLY C 175 10.87 27.16 4.58
CA GLY C 175 12.01 27.14 5.48
C GLY C 175 12.78 28.45 5.50
N LEU C 176 12.91 29.08 4.33
CA LEU C 176 13.64 30.34 4.23
C LEU C 176 12.74 31.51 4.58
N LEU C 177 13.26 32.73 4.41
CA LEU C 177 12.51 33.96 4.66
C LEU C 177 12.05 34.02 6.12
N VAL C 178 12.96 33.71 7.04
CA VAL C 178 12.63 33.76 8.46
C VAL C 178 12.38 35.20 8.90
N ASN C 179 13.14 36.16 8.37
CA ASN C 179 13.03 37.55 8.75
C ASN C 179 12.04 38.32 7.88
N PHE C 180 11.08 37.63 7.25
CA PHE C 180 10.06 38.27 6.43
C PHE C 180 8.65 37.91 6.86
N HIS C 181 8.48 37.01 7.83
CA HIS C 181 7.13 36.62 8.24
C HIS C 181 6.33 37.79 8.78
N PRO C 182 6.86 38.66 9.65
CA PRO C 182 6.04 39.78 10.15
C PRO C 182 5.51 40.67 9.04
N SER C 183 6.32 40.95 8.02
CA SER C 183 5.85 41.79 6.92
C SER C 183 4.72 41.13 6.15
N ILE C 184 4.85 39.82 5.89
CA ILE C 184 3.80 39.10 5.19
C ILE C 184 2.51 39.11 6.00
N LEU C 185 2.63 38.86 7.31
CA LEU C 185 1.43 38.86 8.16
C LEU C 185 0.78 40.23 8.17
N THR C 186 1.58 41.30 8.28
CA THR C 186 1.02 42.64 8.29
C THR C 186 0.33 42.98 6.97
N CYS C 187 0.93 42.58 5.84
CA CYS C 187 0.31 42.87 4.55
C CYS C 187 -0.93 42.06 4.31
N LEU C 188 -0.99 40.82 4.84
CA LEU C 188 -2.16 39.96 4.65
C LEU C 188 -3.30 40.27 5.61
N LEU C 189 -3.02 40.84 6.77
CA LEU C 189 -4.08 41.09 7.74
C LEU C 189 -5.19 41.98 7.20
N PRO C 190 -4.90 43.09 6.52
CA PRO C 190 -6.00 43.93 5.99
C PRO C 190 -6.93 43.19 5.05
N GLN C 191 -6.46 42.15 4.35
CA GLN C 191 -7.30 41.41 3.43
C GLN C 191 -8.39 40.62 4.14
N LEU C 192 -8.28 40.43 5.46
CA LEU C 192 -9.29 39.65 6.18
C LEU C 192 -10.65 40.32 6.10
N THR C 193 -10.71 41.65 6.23
CA THR C 193 -11.96 42.38 6.22
C THR C 193 -12.38 42.79 4.81
N SER C 194 -11.86 42.12 3.78
CA SER C 194 -12.24 42.44 2.42
C SER C 194 -13.71 42.10 2.17
N PRO C 195 -14.42 42.93 1.40
CA PRO C 195 -15.85 42.65 1.14
C PRO C 195 -16.08 41.35 0.39
N ARG C 196 -15.09 40.82 -0.30
CA ARG C 196 -15.25 39.61 -1.09
C ARG C 196 -14.92 38.39 -0.23
N LEU C 197 -15.87 37.46 -0.13
CA LEU C 197 -15.63 36.27 0.67
C LEU C 197 -14.50 35.43 0.09
N ALA C 198 -14.33 35.44 -1.23
CA ALA C 198 -13.23 34.71 -1.84
C ALA C 198 -11.89 35.23 -1.36
N VAL C 199 -11.75 36.55 -1.24
CA VAL C 199 -10.51 37.12 -0.73
C VAL C 199 -10.27 36.69 0.71
N ARG C 200 -11.32 36.67 1.52
CA ARG C 200 -11.19 36.25 2.91
C ARG C 200 -10.73 34.79 3.00
N LYS C 201 -11.34 33.92 2.19
CA LYS C 201 -10.93 32.52 2.20
C LYS C 201 -9.49 32.37 1.73
N ARG C 202 -9.11 33.10 0.68
CA ARG C 202 -7.74 32.99 0.17
C ARG C 202 -6.72 33.46 1.20
N THR C 203 -6.99 34.58 1.87
CA THR C 203 -6.05 35.06 2.88
C THR C 203 -6.02 34.14 4.10
N ILE C 204 -7.15 33.53 4.45
CA ILE C 204 -7.15 32.56 5.54
C ILE C 204 -6.27 31.36 5.17
N ILE C 205 -6.40 30.87 3.94
CA ILE C 205 -5.58 29.74 3.50
C ILE C 205 -4.11 30.12 3.49
N ALA C 206 -3.80 31.34 3.01
CA ALA C 206 -2.41 31.78 2.98
C ALA C 206 -1.84 31.88 4.39
N LEU C 207 -2.61 32.42 5.33
CA LEU C 207 -2.14 32.51 6.71
C LEU C 207 -1.93 31.12 7.31
N GLY C 208 -2.84 30.19 7.04
CA GLY C 208 -2.67 28.84 7.53
C GLY C 208 -1.42 28.18 6.99
N HIS C 209 -1.16 28.36 5.69
CA HIS C 209 0.06 27.81 5.10
C HIS C 209 1.31 28.46 5.67
N LEU C 210 1.28 29.78 5.89
CA LEU C 210 2.44 30.48 6.41
C LEU C 210 2.71 30.14 7.87
N VAL C 211 1.67 29.74 8.61
CA VAL C 211 1.86 29.42 10.02
C VAL C 211 2.87 28.28 10.17
N MET C 212 2.85 27.32 9.25
CA MET C 212 3.83 26.24 9.29
C MET C 212 5.25 26.73 9.12
N SER C 213 5.48 27.69 8.22
CA SER C 213 6.83 28.19 7.97
C SER C 213 7.42 28.85 9.21
N CYS C 214 6.63 29.66 9.91
CA CYS C 214 7.11 30.37 11.09
C CYS C 214 7.17 29.43 12.29
N PHE C 219 9.24 34.79 13.04
CA PHE C 219 9.56 33.44 13.48
C PHE C 219 8.58 33.00 14.57
N VAL C 220 9.04 32.19 15.53
CA VAL C 220 8.14 31.64 16.54
C VAL C 220 7.47 32.74 17.36
N ASP C 221 8.06 33.93 17.42
CA ASP C 221 7.47 35.03 18.18
C ASP C 221 6.22 35.61 17.52
N LEU C 222 6.02 35.36 16.23
CA LEU C 222 4.88 35.93 15.51
C LEU C 222 3.57 35.25 15.85
N ILE C 223 3.60 33.97 16.24
CA ILE C 223 2.36 33.24 16.50
C ILE C 223 1.64 33.85 17.70
N GLU C 224 2.40 34.22 18.74
CA GLU C 224 1.78 34.83 19.91
C GLU C 224 1.12 36.16 19.55
N HIS C 225 1.80 36.97 18.75
CA HIS C 225 1.22 38.25 18.33
C HIS C 225 -0.04 38.04 17.52
N LEU C 226 -0.02 37.08 16.60
CA LEU C 226 -1.20 36.80 15.78
C LEU C 226 -2.36 36.33 16.66
N LEU C 227 -2.09 35.45 17.62
CA LEU C 227 -3.15 34.96 18.50
C LEU C 227 -3.72 36.10 19.33
N SER C 228 -2.86 36.97 19.86
CA SER C 228 -3.35 38.09 20.65
C SER C 228 -4.20 39.03 19.80
N GLU C 229 -3.75 39.30 18.57
CA GLU C 229 -4.51 40.17 17.69
C GLU C 229 -5.89 39.57 17.39
N LEU C 230 -5.93 38.27 17.09
CA LEU C 230 -7.20 37.62 16.83
C LEU C 230 -8.10 37.66 18.05
N SER C 231 -7.54 37.42 19.24
CA SER C 231 -8.34 37.44 20.46
C SER C 231 -8.94 38.83 20.70
N LYS C 232 -8.15 39.88 20.49
CA LYS C 232 -8.67 41.23 20.71
C LYS C 232 -9.66 41.63 19.62
N ASN C 233 -9.51 41.09 18.42
CA ASN C 233 -10.43 41.38 17.32
C ASN C 233 -11.68 40.51 17.34
N ASP C 234 -11.73 39.48 18.20
CA ASP C 234 -12.91 38.64 18.27
C ASP C 234 -14.15 39.45 18.64
N SER C 235 -13.98 40.54 19.38
CA SER C 235 -15.10 41.40 19.72
C SER C 235 -15.53 42.21 18.51
N MET C 236 -16.36 41.62 17.66
CA MET C 236 -16.76 42.22 16.39
C MET C 236 -18.23 41.89 16.12
N SER C 237 -18.77 42.52 15.08
CA SER C 237 -20.15 42.27 14.67
C SER C 237 -20.22 40.94 13.93
N THR C 238 -21.32 40.69 13.22
CA THR C 238 -21.54 39.39 12.62
C THR C 238 -20.58 39.18 11.46
N THR C 239 -19.36 38.75 11.78
CA THR C 239 -18.33 38.45 10.78
C THR C 239 -17.72 37.11 11.16
N ARG C 240 -17.91 36.11 10.29
CA ARG C 240 -17.43 34.76 10.54
C ARG C 240 -16.00 34.54 10.06
N THR C 241 -15.35 35.57 9.51
CA THR C 241 -14.00 35.42 9.01
C THR C 241 -13.01 35.09 10.12
N TYR C 242 -13.15 35.74 11.28
CA TYR C 242 -12.21 35.49 12.37
C TYR C 242 -12.28 34.05 12.85
N ILE C 243 -13.49 33.50 12.99
CA ILE C 243 -13.64 32.13 13.43
C ILE C 243 -13.05 31.16 12.40
N GLN C 244 -13.28 31.44 11.12
CA GLN C 244 -12.71 30.60 10.07
C GLN C 244 -11.18 30.62 10.11
N CYS C 245 -10.59 31.81 10.30
CA CYS C 245 -9.14 31.90 10.40
C CYS C 245 -8.62 31.14 11.62
N ILE C 246 -9.33 31.25 12.74
CA ILE C 246 -8.92 30.54 13.95
C ILE C 246 -8.95 29.04 13.71
N ALA C 247 -10.02 28.56 13.08
CA ALA C 247 -10.12 27.13 12.79
C ALA C 247 -9.02 26.69 11.84
N ALA C 248 -8.72 27.49 10.82
CA ALA C 248 -7.69 27.13 9.86
C ALA C 248 -6.32 27.05 10.54
N ILE C 249 -5.99 28.04 11.37
CA ILE C 249 -4.69 28.03 12.04
C ILE C 249 -4.63 26.88 13.04
N SER C 250 -5.73 26.58 13.72
CA SER C 250 -5.73 25.44 14.64
C SER C 250 -5.50 24.12 13.89
N ARG C 251 -6.17 23.95 12.75
CA ARG C 251 -5.98 22.73 11.97
C ARG C 251 -4.57 22.61 11.43
N GLN C 252 -4.00 23.72 10.93
CA GLN C 252 -2.64 23.70 10.42
C GLN C 252 -1.60 23.49 11.52
N ALA C 253 -1.89 23.94 12.74
CA ALA C 253 -0.96 23.76 13.85
C ALA C 253 -1.71 23.73 15.18
N GLY C 254 -1.89 22.53 15.72
CA GLY C 254 -2.62 22.37 16.97
C GLY C 254 -1.72 22.36 18.20
N HIS C 255 -0.49 21.86 18.04
CA HIS C 255 0.44 21.81 19.15
C HIS C 255 0.93 23.20 19.57
N ARG C 256 0.81 24.20 18.69
CA ARG C 256 1.23 25.56 19.00
C ARG C 256 0.10 26.45 19.51
N ILE C 257 -1.13 25.93 19.60
CA ILE C 257 -2.27 26.71 20.05
C ILE C 257 -2.93 26.13 21.29
N GLY C 258 -2.48 24.98 21.78
CA GLY C 258 -3.09 24.37 22.95
C GLY C 258 -2.96 25.19 24.22
N GLU C 259 -2.07 26.18 24.22
CA GLU C 259 -1.83 27.00 25.40
C GLU C 259 -2.74 28.22 25.47
N TYR C 260 -3.67 28.39 24.51
CA TYR C 260 -4.54 29.55 24.49
C TYR C 260 -6.00 29.14 24.34
N LEU C 261 -6.35 27.93 24.77
CA LEU C 261 -7.74 27.47 24.67
C LEU C 261 -8.63 28.14 25.72
N GLU C 262 -8.10 28.44 26.90
CA GLU C 262 -8.90 29.07 27.94
C GLU C 262 -9.41 30.44 27.54
N LYS C 263 -8.74 31.11 26.60
CA LYS C 263 -9.17 32.42 26.13
C LYS C 263 -10.01 32.37 24.86
N ILE C 264 -10.16 31.18 24.25
CA ILE C 264 -10.90 31.04 23.00
C ILE C 264 -12.23 30.35 23.27
N ILE C 265 -12.21 29.33 24.11
CA ILE C 265 -13.41 28.53 24.38
C ILE C 265 -14.51 29.41 24.96
N PRO C 266 -14.22 30.27 25.95
CA PRO C 266 -15.29 31.12 26.48
C PRO C 266 -15.92 32.01 25.42
N LEU C 267 -15.13 32.54 24.49
CA LEU C 267 -15.67 33.42 23.46
C LEU C 267 -16.69 32.69 22.61
N VAL C 268 -16.34 31.50 22.11
CA VAL C 268 -17.27 30.74 21.28
C VAL C 268 -18.48 30.29 22.10
N VAL C 269 -18.27 29.94 23.37
CA VAL C 269 -19.38 29.52 24.21
C VAL C 269 -20.38 30.66 24.36
N LYS C 270 -19.88 31.88 24.61
CA LYS C 270 -20.77 33.02 24.73
C LYS C 270 -21.43 33.40 23.41
N PHE C 271 -20.69 33.28 22.30
CA PHE C 271 -21.24 33.63 20.99
C PHE C 271 -22.23 32.60 20.48
N CYS C 272 -22.23 31.39 21.03
CA CYS C 272 -23.18 30.37 20.58
C CYS C 272 -24.63 30.77 20.86
N ASN C 273 -24.85 31.76 21.72
CA ASN C 273 -26.20 32.19 22.07
C ASN C 273 -26.83 33.08 21.01
N VAL C 274 -26.08 33.50 19.99
CA VAL C 274 -26.65 34.36 18.96
C VAL C 274 -27.81 33.67 18.27
N ASP C 275 -28.71 34.48 17.71
CA ASP C 275 -29.89 33.96 17.01
C ASP C 275 -29.59 33.53 15.57
N ASP C 276 -28.68 34.23 14.89
CA ASP C 276 -28.36 33.87 13.51
C ASP C 276 -27.73 32.50 13.45
N ASP C 277 -28.02 31.77 12.37
CA ASP C 277 -27.53 30.40 12.20
C ASP C 277 -26.06 30.43 11.84
N GLU C 278 -25.20 30.41 12.87
CA GLU C 278 -23.75 30.38 12.62
C GLU C 278 -23.03 29.41 13.54
N LEU C 279 -23.72 28.44 14.13
CA LEU C 279 -23.07 27.45 14.99
C LEU C 279 -22.23 26.45 14.20
N ARG C 280 -22.31 26.48 12.87
CA ARG C 280 -21.54 25.53 12.06
C ARG C 280 -20.05 25.69 12.30
N GLU C 281 -19.58 26.94 12.33
CA GLU C 281 -18.15 27.19 12.53
C GLU C 281 -17.71 26.74 13.92
N TYR C 282 -18.53 26.99 14.94
CA TYR C 282 -18.19 26.54 16.29
C TYR C 282 -18.12 25.02 16.35
N CYS C 283 -19.08 24.33 15.73
CA CYS C 283 -19.02 22.87 15.71
C CYS C 283 -17.79 22.38 14.98
N ILE C 284 -17.46 23.00 13.85
CA ILE C 284 -16.31 22.56 13.06
C ILE C 284 -15.02 22.75 13.83
N GLN C 285 -14.86 23.91 14.47
CA GLN C 285 -13.63 24.15 15.24
C GLN C 285 -13.55 23.26 16.47
N ALA C 286 -14.69 22.98 17.12
CA ALA C 286 -14.67 22.03 18.22
C ALA C 286 -14.24 20.64 17.77
N PHE C 287 -14.77 20.19 16.62
CA PHE C 287 -14.37 18.89 16.09
C PHE C 287 -12.88 18.87 15.74
N GLU C 288 -12.39 19.96 15.14
CA GLU C 288 -10.97 20.03 14.79
C GLU C 288 -10.10 19.98 16.05
N SER C 289 -10.48 20.73 17.09
CA SER C 289 -9.73 20.70 18.32
C SER C 289 -9.75 19.31 18.95
N PHE C 290 -10.91 18.65 18.92
CA PHE C 290 -11.00 17.31 19.49
C PHE C 290 -10.12 16.33 18.73
N VAL C 291 -10.12 16.41 17.40
CA VAL C 291 -9.31 15.49 16.60
C VAL C 291 -7.82 15.75 16.82
N ARG C 292 -7.41 17.01 16.75
CA ARG C 292 -5.99 17.34 16.83
C ARG C 292 -5.51 17.40 18.29
N ARG C 293 -6.09 18.30 19.07
CA ARG C 293 -5.66 18.51 20.45
C ARG C 293 -6.39 17.56 21.37
N CYS C 294 -5.72 16.48 21.77
CA CYS C 294 -6.31 15.49 22.68
C CYS C 294 -6.29 15.99 24.13
N PRO C 295 -5.24 16.70 24.58
CA PRO C 295 -5.18 17.05 26.01
C PRO C 295 -6.04 18.26 26.36
N LYS C 296 -7.15 18.02 27.06
CA LYS C 296 -8.01 19.11 27.52
C LYS C 296 -9.11 18.56 28.41
N GLU C 297 -9.67 19.40 29.28
CA GLU C 297 -10.69 18.98 30.23
C GLU C 297 -11.91 19.89 30.16
N VAL C 298 -12.39 20.16 28.94
CA VAL C 298 -13.53 21.04 28.74
C VAL C 298 -14.62 20.27 28.01
N TYR C 299 -14.51 18.95 28.00
CA TYR C 299 -15.45 18.10 27.27
C TYR C 299 -16.88 18.27 27.77
N PRO C 300 -17.14 18.14 29.07
CA PRO C 300 -18.53 18.28 29.55
C PRO C 300 -19.10 19.67 29.33
N HIS C 301 -18.28 20.71 29.25
CA HIS C 301 -18.79 22.06 29.04
C HIS C 301 -19.50 22.17 27.69
N VAL C 302 -18.94 21.57 26.65
CA VAL C 302 -19.52 21.64 25.31
C VAL C 302 -20.38 20.43 24.97
N SER C 303 -20.30 19.35 25.76
CA SER C 303 -21.11 18.17 25.47
C SER C 303 -22.60 18.51 25.59
N THR C 304 -22.98 19.20 26.65
CA THR C 304 -24.38 19.59 26.81
C THR C 304 -24.82 20.55 25.72
N ILE C 305 -23.94 21.49 25.34
CA ILE C 305 -24.27 22.43 24.28
C ILE C 305 -24.54 21.68 22.98
N ILE C 306 -23.68 20.72 22.65
CA ILE C 306 -23.88 19.94 21.43
C ILE C 306 -25.16 19.13 21.51
N ASN C 307 -25.43 18.53 22.68
CA ASN C 307 -26.64 17.72 22.83
C ASN C 307 -27.89 18.56 22.61
N ILE C 308 -27.93 19.76 23.19
CA ILE C 308 -29.10 20.61 23.01
C ILE C 308 -29.17 21.12 21.57
N CYS C 309 -28.02 21.42 20.96
CA CYS C 309 -28.02 21.90 19.58
C CYS C 309 -28.56 20.86 18.61
N LEU C 310 -28.20 19.59 18.80
CA LEU C 310 -28.66 18.54 17.90
C LEU C 310 -30.16 18.31 17.97
N LYS C 311 -30.80 18.69 19.09
CA LYS C 311 -32.21 18.43 19.30
C LYS C 311 -33.13 19.48 18.67
N TYR C 312 -32.80 20.76 18.80
CA TYR C 312 -33.71 21.79 18.32
C TYR C 312 -33.85 21.73 16.80
N LEU C 313 -35.05 22.06 16.33
CA LEU C 313 -35.33 22.08 14.90
C LEU C 313 -36.53 22.99 14.65
N THR C 314 -36.46 23.76 13.57
CA THR C 314 -37.53 24.67 13.21
C THR C 314 -37.46 25.04 11.73
N ASP C 352 -35.33 24.70 4.52
CA ASP C 352 -34.73 25.68 5.42
C ASP C 352 -33.24 25.42 5.59
N MET C 353 -32.57 26.30 6.34
CA MET C 353 -31.13 26.23 6.57
C MET C 353 -30.78 25.59 7.90
N SER C 354 -31.69 24.77 8.45
CA SER C 354 -31.52 24.21 9.78
C SER C 354 -31.05 22.75 9.77
N TRP C 355 -30.79 22.18 8.60
CA TRP C 355 -30.37 20.80 8.49
C TRP C 355 -28.86 20.62 8.58
N LYS C 356 -28.08 21.51 7.97
CA LYS C 356 -26.62 21.37 8.00
C LYS C 356 -26.05 21.70 9.37
N VAL C 357 -26.71 22.58 10.12
CA VAL C 357 -26.30 22.80 11.51
C VAL C 357 -26.47 21.51 12.31
N ARG C 358 -27.59 20.81 12.10
CA ARG C 358 -27.78 19.52 12.74
C ARG C 358 -26.71 18.53 12.29
N ARG C 359 -26.37 18.55 11.01
CA ARG C 359 -25.34 17.65 10.50
C ARG C 359 -24.00 17.91 11.18
N ALA C 360 -23.62 19.19 11.31
CA ALA C 360 -22.37 19.53 11.97
C ALA C 360 -22.40 19.12 13.44
N ALA C 361 -23.51 19.36 14.12
CA ALA C 361 -23.62 18.95 15.52
C ALA C 361 -23.46 17.45 15.67
N ALA C 362 -24.10 16.68 14.78
CA ALA C 362 -23.98 15.23 14.84
C ALA C 362 -22.55 14.78 14.57
N LYS C 363 -21.89 15.37 13.58
CA LYS C 363 -20.53 14.98 13.24
C LYS C 363 -19.52 15.39 14.31
N CYS C 364 -19.84 16.42 15.09
CA CYS C 364 -18.90 16.86 16.13
C CYS C 364 -18.60 15.76 17.12
N LEU C 365 -19.58 14.89 17.40
CA LEU C 365 -19.39 13.81 18.36
C LEU C 365 -18.51 12.69 17.83
N ASP C 366 -18.18 12.70 16.54
CA ASP C 366 -17.35 11.64 15.98
C ASP C 366 -15.97 11.61 16.65
N ALA C 367 -15.35 12.77 16.79
CA ALA C 367 -14.06 12.83 17.47
C ALA C 367 -14.18 12.40 18.92
N VAL C 368 -15.26 12.81 19.58
CA VAL C 368 -15.47 12.43 20.98
C VAL C 368 -15.52 10.92 21.11
N VAL C 369 -16.27 10.26 20.22
CA VAL C 369 -16.45 8.81 20.35
C VAL C 369 -15.23 8.04 19.84
N SER C 370 -14.43 8.62 18.95
CA SER C 370 -13.30 7.90 18.38
C SER C 370 -12.02 8.10 19.19
N THR C 371 -11.58 9.35 19.33
CA THR C 371 -10.31 9.64 19.97
C THR C 371 -10.27 9.17 21.42
N ARG C 372 -11.14 9.74 22.26
CA ARG C 372 -11.13 9.40 23.67
C ARG C 372 -11.68 8.01 23.90
N HIS C 373 -10.98 7.22 24.71
CA HIS C 373 -11.38 5.86 25.05
C HIS C 373 -11.48 5.60 26.55
N GLU C 374 -10.69 6.28 27.37
CA GLU C 374 -10.80 6.10 28.81
C GLU C 374 -12.14 6.60 29.34
N MET C 375 -12.78 7.52 28.63
CA MET C 375 -14.06 8.08 29.02
C MET C 375 -15.25 7.30 28.46
N LEU C 376 -15.06 6.02 28.15
CA LEU C 376 -16.17 5.22 27.66
C LEU C 376 -17.31 5.11 28.67
N PRO C 377 -17.07 4.78 29.94
CA PRO C 377 -18.20 4.63 30.86
C PRO C 377 -19.00 5.90 31.05
N GLU C 378 -18.37 7.08 31.05
CA GLU C 378 -19.13 8.30 31.25
C GLU C 378 -19.99 8.60 30.01
N PHE C 379 -19.52 8.23 28.82
CA PHE C 379 -20.42 8.25 27.66
C PHE C 379 -21.59 7.31 27.85
N TYR C 380 -21.35 6.09 28.34
CA TYR C 380 -22.44 5.13 28.48
C TYR C 380 -23.48 5.60 29.49
N LYS C 381 -23.03 6.14 30.63
CA LYS C 381 -23.96 6.57 31.66
C LYS C 381 -24.69 7.85 31.26
N THR C 382 -24.06 8.71 30.46
CA THR C 382 -24.69 9.94 30.03
C THR C 382 -25.81 9.63 29.04
N VAL C 383 -26.47 10.68 28.56
CA VAL C 383 -27.61 10.54 27.66
C VAL C 383 -27.15 10.59 26.21
N SER C 384 -25.84 10.49 25.98
CA SER C 384 -25.32 10.54 24.61
C SER C 384 -25.84 9.38 23.76
N PRO C 385 -25.61 8.12 24.12
CA PRO C 385 -26.18 7.03 23.31
C PRO C 385 -27.69 7.05 23.26
N ALA C 386 -28.35 7.44 24.35
CA ALA C 386 -29.81 7.50 24.34
C ALA C 386 -30.31 8.48 23.28
N LEU C 387 -29.75 9.69 23.26
CA LEU C 387 -30.13 10.66 22.24
C LEU C 387 -29.75 10.18 20.85
N ILE C 388 -28.58 9.55 20.70
CA ILE C 388 -28.15 9.08 19.39
C ILE C 388 -29.15 8.06 18.85
N SER C 389 -29.60 7.13 19.69
CA SER C 389 -30.58 6.15 19.26
C SER C 389 -31.94 6.79 19.02
N ARG C 390 -32.34 7.76 19.85
CA ARG C 390 -33.63 8.40 19.69
C ARG C 390 -33.72 9.15 18.36
N PHE C 391 -32.65 9.86 17.99
CA PHE C 391 -32.64 10.64 16.75
C PHE C 391 -32.28 9.75 15.56
N LYS C 392 -33.18 8.80 15.29
CA LYS C 392 -33.01 7.87 14.18
C LYS C 392 -34.15 7.95 13.16
N GLU C 393 -35.02 8.96 13.26
CA GLU C 393 -36.15 9.11 12.35
C GLU C 393 -36.13 10.52 11.74
N ARG C 394 -34.95 10.91 11.26
CA ARG C 394 -34.76 12.23 10.65
C ARG C 394 -34.34 12.08 9.19
N GLU C 395 -33.99 13.20 8.57
CA GLU C 395 -33.63 13.18 7.15
C GLU C 395 -32.35 12.36 6.94
N GLU C 396 -32.15 11.96 5.69
CA GLU C 396 -31.09 10.99 5.38
C GLU C 396 -29.70 11.55 5.69
N ASN C 397 -29.47 12.83 5.39
CA ASN C 397 -28.13 13.39 5.53
C ASN C 397 -27.64 13.30 6.97
N VAL C 398 -28.50 13.62 7.94
CA VAL C 398 -28.12 13.52 9.34
C VAL C 398 -28.21 12.09 9.85
N LYS C 399 -29.13 11.29 9.30
CA LYS C 399 -29.24 9.90 9.73
C LYS C 399 -27.97 9.12 9.41
N ALA C 400 -27.40 9.34 8.23
CA ALA C 400 -26.17 8.64 7.86
C ALA C 400 -25.03 9.00 8.80
N ASP C 401 -24.90 10.29 9.14
CA ASP C 401 -23.83 10.70 10.04
C ASP C 401 -24.06 10.14 11.45
N VAL C 402 -25.33 10.09 11.90
CA VAL C 402 -25.62 9.49 13.19
C VAL C 402 -25.23 8.00 13.19
N PHE C 403 -25.56 7.30 12.10
CA PHE C 403 -25.18 5.89 11.99
C PHE C 403 -23.67 5.73 12.04
N HIS C 404 -22.94 6.59 11.30
CA HIS C 404 -21.49 6.51 11.30
C HIS C 404 -20.92 6.79 12.68
N ALA C 405 -21.47 7.79 13.39
CA ALA C 405 -20.98 8.11 14.72
C ALA C 405 -21.20 6.95 15.68
N TYR C 406 -22.38 6.33 15.63
CA TYR C 406 -22.63 5.22 16.56
C TYR C 406 -21.80 4.00 16.18
N LEU C 407 -21.53 3.81 14.88
CA LEU C 407 -20.63 2.75 14.46
C LEU C 407 -19.23 2.98 15.00
N SER C 408 -18.76 4.22 14.95
CA SER C 408 -17.45 4.54 15.51
C SER C 408 -17.43 4.30 17.02
N LEU C 409 -18.52 4.66 17.71
CA LEU C 409 -18.62 4.39 19.14
C LEU C 409 -18.54 2.89 19.42
N LEU C 410 -19.26 2.09 18.63
CA LEU C 410 -19.23 0.65 18.82
C LEU C 410 -17.83 0.10 18.57
N LYS C 411 -17.15 0.59 17.53
CA LYS C 411 -15.79 0.14 17.25
C LYS C 411 -14.86 0.49 18.40
N GLN C 412 -14.99 1.71 18.94
CA GLN C 412 -14.18 2.10 20.09
C GLN C 412 -14.52 1.31 21.34
N THR C 413 -15.73 0.75 21.41
CA THR C 413 -16.10 -0.03 22.59
C THR C 413 -15.19 -1.24 22.76
N ARG C 414 -14.88 -1.92 21.66
CA ARG C 414 -14.02 -3.10 21.70
C ARG C 414 -12.66 -2.73 22.30
N PRO C 415 -12.31 -3.25 23.47
CA PRO C 415 -11.02 -2.91 24.09
C PRO C 415 -9.90 -3.71 23.45
N VAL C 416 -8.67 -3.38 23.86
CA VAL C 416 -7.48 -4.06 23.36
C VAL C 416 -7.39 -5.46 23.95
N GLY C 429 -17.36 -1.64 38.53
CA GLY C 429 -18.68 -2.17 38.82
C GLY C 429 -19.26 -2.93 37.64
N GLU C 430 -19.54 -2.21 36.55
CA GLU C 430 -20.10 -2.79 35.34
C GLU C 430 -19.21 -2.47 34.16
N THR C 431 -18.88 -3.49 33.37
CA THR C 431 -18.04 -3.31 32.20
C THR C 431 -18.85 -2.69 31.06
N PRO C 432 -18.17 -2.10 30.07
CA PRO C 432 -18.92 -1.48 28.96
C PRO C 432 -19.83 -2.45 28.23
N LEU C 433 -19.42 -3.72 28.11
CA LEU C 433 -20.26 -4.69 27.41
C LEU C 433 -21.59 -4.89 28.13
N THR C 434 -21.56 -4.99 29.46
CA THR C 434 -22.79 -5.16 30.21
C THR C 434 -23.72 -3.96 30.03
N MET C 435 -23.18 -2.75 30.08
CA MET C 435 -24.00 -1.57 29.89
C MET C 435 -24.58 -1.51 28.48
N LEU C 436 -23.79 -1.91 27.47
CA LEU C 436 -24.29 -1.87 26.10
C LEU C 436 -25.49 -2.80 25.92
N GLN C 437 -25.44 -3.99 26.53
CA GLN C 437 -26.54 -4.93 26.39
C GLN C 437 -27.84 -4.36 26.95
N SER C 438 -27.77 -3.63 28.06
CA SER C 438 -28.98 -3.08 28.67
C SER C 438 -29.75 -2.20 27.69
N GLN C 439 -29.03 -1.49 26.82
CA GLN C 439 -29.67 -0.61 25.84
C GLN C 439 -30.03 -1.31 24.54
N VAL C 440 -29.61 -2.57 24.36
CA VAL C 440 -29.88 -3.28 23.10
C VAL C 440 -31.38 -3.28 22.78
N PRO C 441 -32.28 -3.57 23.72
CA PRO C 441 -33.71 -3.55 23.38
C PRO C 441 -34.18 -2.22 22.84
N ASN C 442 -33.54 -1.12 23.22
CA ASN C 442 -33.92 0.21 22.73
C ASN C 442 -33.41 0.49 21.32
N ILE C 443 -32.52 -0.34 20.79
CA ILE C 443 -31.97 -0.13 19.45
C ILE C 443 -32.81 -0.83 18.39
N VAL C 444 -33.08 -2.12 18.58
CA VAL C 444 -33.81 -2.89 17.57
C VAL C 444 -35.14 -2.22 17.24
N LYS C 445 -35.89 -1.86 18.28
CA LYS C 445 -37.15 -1.15 18.06
C LYS C 445 -36.93 0.11 17.24
N ALA C 446 -35.92 0.90 17.62
CA ALA C 446 -35.63 2.12 16.88
C ALA C 446 -35.30 1.82 15.42
N LEU C 447 -34.72 0.65 15.15
CA LEU C 447 -34.42 0.25 13.78
C LEU C 447 -35.59 -0.45 13.10
N HIS C 448 -36.57 -0.92 13.86
CA HIS C 448 -37.68 -1.66 13.26
C HIS C 448 -38.38 -0.82 12.19
N LYS C 449 -38.77 0.40 12.55
CA LYS C 449 -39.38 1.29 11.58
C LYS C 449 -38.42 1.58 10.42
N GLN C 450 -37.12 1.67 10.73
CA GLN C 450 -36.14 1.91 9.68
C GLN C 450 -36.13 0.78 8.65
N MET C 451 -36.58 -0.41 9.03
CA MET C 451 -36.66 -1.51 8.07
C MET C 451 -37.77 -1.34 7.06
N LYS C 452 -38.76 -0.48 7.35
CA LYS C 452 -39.86 -0.24 6.42
C LYS C 452 -39.59 0.90 5.45
N GLU C 453 -38.48 1.62 5.62
CA GLU C 453 -38.17 2.72 4.72
C GLU C 453 -37.82 2.20 3.33
N LYS C 454 -38.21 2.98 2.31
CA LYS C 454 -37.94 2.60 0.93
C LYS C 454 -36.55 3.01 0.47
N SER C 455 -35.80 3.75 1.28
CA SER C 455 -34.46 4.18 0.91
C SER C 455 -33.48 3.05 1.15
N VAL C 456 -32.72 2.69 0.10
CA VAL C 456 -31.75 1.60 0.22
C VAL C 456 -30.64 1.98 1.19
N LYS C 457 -30.33 3.28 1.29
CA LYS C 457 -29.26 3.71 2.20
C LYS C 457 -29.61 3.37 3.65
N THR C 458 -30.85 3.63 4.05
CA THR C 458 -31.26 3.33 5.42
C THR C 458 -31.19 1.84 5.71
N ARG C 459 -31.65 1.02 4.77
CA ARG C 459 -31.60 -0.43 4.96
C ARG C 459 -30.16 -0.92 5.06
N GLN C 460 -29.27 -0.40 4.20
CA GLN C 460 -27.87 -0.78 4.27
C GLN C 460 -27.25 -0.37 5.59
N CYS C 461 -27.57 0.83 6.07
CA CYS C 461 -27.05 1.28 7.36
C CYS C 461 -27.55 0.39 8.49
N CYS C 462 -28.84 0.02 8.46
CA CYS C 462 -29.37 -0.86 9.49
C CYS C 462 -28.70 -2.22 9.47
N PHE C 463 -28.47 -2.77 8.27
CA PHE C 463 -27.81 -4.07 8.17
C PHE C 463 -26.38 -4.00 8.69
N ASN C 464 -25.66 -2.92 8.36
CA ASN C 464 -24.30 -2.75 8.86
C ASN C 464 -24.31 -2.61 10.39
N MET C 465 -25.28 -1.87 10.93
CA MET C 465 -25.38 -1.73 12.38
C MET C 465 -25.62 -3.08 13.05
N LEU C 466 -26.53 -3.88 12.49
CA LEU C 466 -26.79 -5.20 13.06
C LEU C 466 -25.55 -6.08 12.99
N THR C 467 -24.85 -6.06 11.85
CA THR C 467 -23.64 -6.86 11.72
C THR C 467 -22.59 -6.44 12.74
N GLU C 468 -22.39 -5.13 12.91
CA GLU C 468 -21.41 -4.65 13.87
C GLU C 468 -21.79 -5.01 15.29
N LEU C 469 -23.08 -4.87 15.63
CA LEU C 469 -23.52 -5.21 16.98
C LEU C 469 -23.34 -6.69 17.26
N VAL C 470 -23.63 -7.55 16.28
CA VAL C 470 -23.43 -8.98 16.48
C VAL C 470 -21.94 -9.30 16.60
N ASN C 471 -21.09 -8.61 15.82
CA ASN C 471 -19.67 -8.92 15.84
C ASN C 471 -19.00 -8.47 17.15
N VAL C 472 -19.36 -7.30 17.66
CA VAL C 472 -18.70 -6.77 18.85
C VAL C 472 -18.93 -7.70 20.05
N LEU C 473 -20.17 -8.17 20.22
CA LEU C 473 -20.46 -9.13 21.28
C LEU C 473 -21.53 -10.11 20.81
N PRO C 474 -21.25 -11.42 20.78
CA PRO C 474 -22.32 -12.38 20.41
C PRO C 474 -23.34 -12.55 21.52
N GLY C 475 -24.48 -13.14 21.19
CA GLY C 475 -25.51 -13.38 22.19
C GLY C 475 -26.29 -12.15 22.59
N ALA C 476 -26.26 -11.10 21.78
CA ALA C 476 -26.99 -9.87 22.08
C ALA C 476 -28.40 -9.89 21.51
N LEU C 477 -28.56 -10.28 20.24
CA LEU C 477 -29.86 -10.32 19.59
C LEU C 477 -30.44 -11.74 19.67
N THR C 478 -30.71 -12.17 20.90
CA THR C 478 -31.28 -13.49 21.14
C THR C 478 -32.80 -13.47 21.14
N GLN C 479 -33.39 -12.45 21.75
CA GLN C 479 -34.85 -12.30 21.82
C GLN C 479 -35.37 -11.29 20.82
N HIS C 480 -34.71 -11.16 19.67
CA HIS C 480 -35.15 -10.22 18.64
C HIS C 480 -35.14 -10.83 17.25
N ILE C 481 -34.78 -12.10 17.10
CA ILE C 481 -34.78 -12.78 15.81
C ILE C 481 -36.19 -12.79 15.24
N PRO C 482 -37.22 -13.10 16.03
CA PRO C 482 -38.59 -13.13 15.46
C PRO C 482 -39.01 -11.80 14.86
N VAL C 483 -38.57 -10.68 15.42
CA VAL C 483 -38.96 -9.37 14.93
C VAL C 483 -38.01 -8.83 13.86
N LEU C 484 -36.82 -9.41 13.72
CA LEU C 484 -35.86 -8.95 12.73
C LEU C 484 -35.86 -9.78 11.45
N VAL C 485 -36.18 -11.07 11.54
CA VAL C 485 -36.19 -11.95 10.38
C VAL C 485 -37.18 -11.43 9.35
N PRO C 486 -38.41 -11.06 9.74
CA PRO C 486 -39.36 -10.54 8.74
C PRO C 486 -38.83 -9.36 7.97
N GLY C 487 -38.11 -8.45 8.63
CA GLY C 487 -37.52 -7.33 7.91
C GLY C 487 -36.49 -7.77 6.89
N ILE C 488 -35.66 -8.75 7.26
CA ILE C 488 -34.66 -9.26 6.33
C ILE C 488 -35.34 -9.89 5.12
N ILE C 489 -36.39 -10.68 5.36
CA ILE C 489 -37.10 -11.32 4.25
C ILE C 489 -37.73 -10.28 3.35
N PHE C 490 -38.36 -9.25 3.95
CA PHE C 490 -38.98 -8.20 3.14
C PHE C 490 -37.95 -7.47 2.30
N SER C 491 -36.80 -7.14 2.90
CA SER C 491 -35.75 -6.46 2.14
C SER C 491 -35.21 -7.33 1.01
N LEU C 492 -34.99 -8.63 1.27
CA LEU C 492 -34.49 -9.51 0.23
C LEU C 492 -35.49 -9.68 -0.91
N ASN C 493 -36.78 -9.79 -0.58
CA ASN C 493 -37.79 -10.00 -1.60
C ASN C 493 -38.09 -8.75 -2.42
N ASP C 494 -37.70 -7.58 -1.93
CA ASP C 494 -37.96 -6.33 -2.65
C ASP C 494 -37.23 -6.35 -3.99
N LYS C 495 -37.96 -5.98 -5.06
CA LYS C 495 -37.35 -5.93 -6.38
C LYS C 495 -36.47 -4.70 -6.56
N SER C 496 -36.83 -3.57 -5.93
CA SER C 496 -36.05 -2.35 -6.07
C SER C 496 -34.73 -2.41 -5.32
N SER C 497 -34.52 -3.41 -4.47
CA SER C 497 -33.27 -3.52 -3.74
C SER C 497 -32.11 -3.69 -4.70
N SER C 498 -31.04 -2.93 -4.48
CA SER C 498 -29.87 -3.01 -5.33
C SER C 498 -28.99 -4.19 -4.93
N SER C 499 -27.96 -4.45 -5.73
CA SER C 499 -27.05 -5.55 -5.43
C SER C 499 -26.33 -5.34 -4.11
N ASN C 500 -25.91 -4.10 -3.84
CA ASN C 500 -25.20 -3.81 -2.58
C ASN C 500 -26.10 -4.09 -1.38
N LEU C 501 -27.36 -3.68 -1.46
CA LEU C 501 -28.27 -3.91 -0.34
C LEU C 501 -28.47 -5.41 -0.09
N LYS C 502 -28.65 -6.19 -1.16
CA LYS C 502 -28.82 -7.63 -1.01
C LYS C 502 -27.57 -8.26 -0.43
N ILE C 503 -26.39 -7.82 -0.89
CA ILE C 503 -25.15 -8.37 -0.36
C ILE C 503 -25.01 -8.06 1.13
N ASP C 504 -25.33 -6.81 1.52
CA ASP C 504 -25.25 -6.45 2.93
C ASP C 504 -26.22 -7.26 3.76
N ALA C 505 -27.45 -7.45 3.27
CA ALA C 505 -28.43 -8.23 4.01
C ALA C 505 -27.98 -9.68 4.17
N LEU C 506 -27.43 -10.26 3.11
CA LEU C 506 -26.95 -11.64 3.19
C LEU C 506 -25.78 -11.76 4.16
N SER C 507 -24.86 -10.79 4.13
CA SER C 507 -23.73 -10.81 5.06
C SER C 507 -24.21 -10.69 6.50
N CYS C 508 -25.19 -9.80 6.75
CA CYS C 508 -25.72 -9.65 8.10
C CYS C 508 -26.39 -10.93 8.56
N LEU C 509 -27.17 -11.57 7.68
CA LEU C 509 -27.83 -12.82 8.04
C LEU C 509 -26.79 -13.91 8.35
N TYR C 510 -25.75 -14.00 7.54
CA TYR C 510 -24.71 -15.00 7.79
C TYR C 510 -24.01 -14.74 9.12
N VAL C 511 -23.71 -13.48 9.42
CA VAL C 511 -23.06 -13.15 10.68
C VAL C 511 -23.96 -13.50 11.85
N ILE C 512 -25.25 -13.18 11.74
CA ILE C 512 -26.19 -13.49 12.81
C ILE C 512 -26.26 -15.00 13.02
N LEU C 513 -26.36 -15.77 11.93
CA LEU C 513 -26.44 -17.22 12.07
C LEU C 513 -25.18 -17.82 12.66
N CYS C 514 -24.00 -17.29 12.27
CA CYS C 514 -22.73 -17.82 12.74
C CYS C 514 -22.40 -17.40 14.17
N ASN C 515 -23.15 -16.46 14.75
CA ASN C 515 -22.90 -15.96 16.10
C ASN C 515 -24.17 -16.01 16.93
N HIS C 516 -24.95 -17.08 16.79
CA HIS C 516 -26.18 -17.25 17.55
C HIS C 516 -26.43 -18.73 17.74
N SER C 517 -27.22 -19.06 18.77
CA SER C 517 -27.55 -20.44 19.06
C SER C 517 -28.48 -21.00 17.98
N PRO C 518 -28.28 -22.24 17.54
CA PRO C 518 -29.20 -22.83 16.56
C PRO C 518 -30.62 -22.99 17.06
N GLN C 519 -30.83 -22.98 18.38
CA GLN C 519 -32.14 -23.26 18.97
C GLN C 519 -33.15 -22.14 18.73
N VAL C 520 -32.73 -20.99 18.21
CA VAL C 520 -33.63 -19.86 18.01
C VAL C 520 -33.76 -19.58 16.51
N PHE C 521 -33.63 -20.62 15.69
CA PHE C 521 -33.76 -20.47 14.24
C PHE C 521 -34.63 -21.54 13.60
N HIS C 522 -35.05 -22.57 14.35
CA HIS C 522 -35.87 -23.62 13.74
C HIS C 522 -37.18 -23.08 13.19
N PRO C 523 -37.95 -22.25 13.92
CA PRO C 523 -39.22 -21.76 13.37
C PRO C 523 -39.06 -20.92 12.11
N HIS C 524 -37.89 -20.32 11.90
CA HIS C 524 -37.66 -19.43 10.76
C HIS C 524 -37.09 -20.15 9.55
N VAL C 525 -36.92 -21.48 9.62
CA VAL C 525 -36.39 -22.22 8.49
C VAL C 525 -37.30 -22.11 7.29
N GLN C 526 -38.62 -22.25 7.50
CA GLN C 526 -39.57 -22.17 6.40
C GLN C 526 -39.58 -20.79 5.75
N ALA C 527 -39.24 -19.75 6.51
CA ALA C 527 -39.18 -18.40 5.96
C ALA C 527 -37.79 -18.00 5.51
N LEU C 528 -36.77 -18.81 5.78
CA LEU C 528 -35.39 -18.49 5.40
C LEU C 528 -34.87 -19.36 4.27
N VAL C 529 -35.49 -20.51 4.01
CA VAL C 529 -35.03 -21.42 2.96
C VAL C 529 -35.52 -20.94 1.59
N PRO C 530 -36.78 -20.55 1.44
CA PRO C 530 -37.26 -20.10 0.12
C PRO C 530 -36.47 -18.90 -0.39
N PRO C 531 -36.30 -17.84 0.42
CA PRO C 531 -35.53 -16.69 -0.07
C PRO C 531 -34.09 -17.02 -0.39
N VAL C 532 -33.44 -17.89 0.40
CA VAL C 532 -32.07 -18.28 0.10
C VAL C 532 -32.01 -19.03 -1.23
N VAL C 533 -32.94 -19.96 -1.44
CA VAL C 533 -32.96 -20.70 -2.69
C VAL C 533 -33.17 -19.76 -3.87
N ALA C 534 -34.07 -18.78 -3.71
CA ALA C 534 -34.31 -17.82 -4.77
C ALA C 534 -33.06 -16.99 -5.05
N CYS C 535 -32.36 -16.57 -3.99
CA CYS C 535 -31.14 -15.78 -4.18
C CYS C 535 -30.04 -16.61 -4.84
N VAL C 536 -30.06 -17.93 -4.64
CA VAL C 536 -29.05 -18.78 -5.27
C VAL C 536 -29.10 -18.65 -6.79
N GLY C 537 -30.31 -18.57 -7.35
CA GLY C 537 -30.46 -18.40 -8.78
C GLY C 537 -30.41 -16.95 -9.21
N ASP C 538 -29.21 -16.36 -9.14
CA ASP C 538 -29.01 -14.96 -9.48
C ASP C 538 -27.86 -14.82 -10.47
N PRO C 539 -28.06 -14.12 -11.59
CA PRO C 539 -26.95 -13.94 -12.53
C PRO C 539 -25.72 -13.31 -11.88
N PHE C 540 -25.91 -12.39 -10.94
CA PHE C 540 -24.78 -11.76 -10.28
C PHE C 540 -24.04 -12.77 -9.41
N TYR C 541 -22.72 -12.82 -9.57
CA TYR C 541 -21.94 -13.91 -8.96
C TYR C 541 -21.76 -13.71 -7.46
N LYS C 542 -21.59 -12.47 -7.00
CA LYS C 542 -21.39 -12.25 -5.56
C LYS C 542 -22.64 -12.65 -4.77
N ILE C 543 -23.82 -12.34 -5.31
CA ILE C 543 -25.05 -12.74 -4.63
C ILE C 543 -25.16 -14.25 -4.58
N THR C 544 -24.77 -14.93 -5.65
CA THR C 544 -24.78 -16.39 -5.65
C THR C 544 -23.83 -16.95 -4.59
N SER C 545 -22.63 -16.36 -4.48
CA SER C 545 -21.68 -16.81 -3.47
C SER C 545 -22.23 -16.59 -2.07
N GLU C 546 -22.84 -15.42 -1.82
CA GLU C 546 -23.43 -15.15 -0.52
C GLU C 546 -24.54 -16.13 -0.20
N ALA C 547 -25.40 -16.42 -1.19
CA ALA C 547 -26.48 -17.38 -0.97
C ALA C 547 -25.93 -18.78 -0.68
N LEU C 548 -24.87 -19.18 -1.38
CA LEU C 548 -24.25 -20.47 -1.12
C LEU C 548 -23.67 -20.53 0.29
N LEU C 549 -23.02 -19.45 0.73
CA LEU C 549 -22.49 -19.41 2.09
C LEU C 549 -23.61 -19.49 3.11
N VAL C 550 -24.71 -18.78 2.87
CA VAL C 550 -25.84 -18.82 3.79
C VAL C 550 -26.42 -20.23 3.85
N THR C 551 -26.52 -20.90 2.69
CA THR C 551 -27.01 -22.27 2.66
C THR C 551 -26.08 -23.21 3.44
N GLN C 552 -24.77 -23.04 3.27
CA GLN C 552 -23.81 -23.87 3.99
C GLN C 552 -23.95 -23.67 5.49
N GLN C 553 -24.10 -22.41 5.93
CA GLN C 553 -24.29 -22.14 7.34
C GLN C 553 -25.59 -22.75 7.85
N LEU C 554 -26.67 -22.63 7.09
CA LEU C 554 -27.96 -23.17 7.50
C LEU C 554 -27.93 -24.69 7.58
N VAL C 555 -27.11 -25.33 6.74
CA VAL C 555 -27.00 -26.79 6.79
C VAL C 555 -26.52 -27.23 8.17
N LYS C 556 -25.55 -26.53 8.74
CA LYS C 556 -25.05 -26.85 10.08
C LYS C 556 -26.01 -26.37 11.17
N VAL C 557 -26.62 -25.19 10.99
CA VAL C 557 -27.51 -24.66 12.01
C VAL C 557 -28.73 -25.55 12.19
N ILE C 558 -29.32 -26.02 11.09
CA ILE C 558 -30.52 -26.84 11.18
C ILE C 558 -30.26 -28.21 11.80
N ARG C 559 -29.12 -28.83 11.48
CA ARG C 559 -28.79 -30.17 11.97
C ARG C 559 -27.38 -30.15 12.54
N PRO C 560 -27.20 -29.52 13.70
CA PRO C 560 -25.86 -29.48 14.32
C PRO C 560 -25.51 -30.84 14.91
N LEU C 561 -24.37 -31.38 14.46
CA LEU C 561 -23.91 -32.67 14.95
C LEU C 561 -23.22 -32.59 16.31
N ASP C 562 -22.85 -31.39 16.76
CA ASP C 562 -22.17 -31.26 18.04
C ASP C 562 -23.14 -31.42 19.21
N GLN C 563 -24.40 -31.04 19.02
CA GLN C 563 -25.43 -31.12 20.04
C GLN C 563 -26.67 -31.82 19.50
N PRO C 564 -27.46 -32.44 20.37
CA PRO C 564 -28.67 -33.12 19.90
C PRO C 564 -29.70 -32.12 19.37
N SER C 565 -30.52 -32.61 18.43
CA SER C 565 -31.55 -31.78 17.82
C SER C 565 -32.75 -32.65 17.48
N SER C 566 -33.91 -32.01 17.33
CA SER C 566 -35.15 -32.70 16.98
C SER C 566 -35.97 -31.75 16.12
N PHE C 567 -35.84 -31.91 14.80
CA PHE C 567 -36.55 -31.07 13.85
C PHE C 567 -36.56 -31.77 12.50
N ASP C 568 -37.74 -32.00 11.95
CA ASP C 568 -37.90 -32.68 10.67
C ASP C 568 -37.51 -31.74 9.54
N ALA C 569 -36.26 -31.85 9.08
CA ALA C 569 -35.75 -31.04 7.99
C ALA C 569 -35.87 -31.72 6.64
N THR C 570 -36.45 -32.92 6.60
CA THR C 570 -36.54 -33.66 5.33
C THR C 570 -37.20 -32.85 4.22
N PRO C 571 -38.26 -32.07 4.46
CA PRO C 571 -38.86 -31.33 3.34
C PRO C 571 -37.90 -30.36 2.68
N TYR C 572 -36.87 -29.91 3.38
CA TYR C 572 -35.89 -28.98 2.84
C TYR C 572 -34.73 -29.70 2.16
N ILE C 573 -34.73 -31.03 2.13
CA ILE C 573 -33.63 -31.78 1.54
C ILE C 573 -33.58 -31.60 0.02
N LYS C 574 -34.73 -31.57 -0.65
CA LYS C 574 -34.74 -31.50 -2.11
C LYS C 574 -34.32 -30.13 -2.61
N ASP C 575 -35.08 -29.09 -2.28
CA ASP C 575 -34.83 -27.77 -2.83
C ASP C 575 -33.41 -27.32 -2.55
N LEU C 576 -32.95 -27.48 -1.30
CA LEU C 576 -31.60 -27.07 -0.96
C LEU C 576 -30.58 -27.80 -1.82
N PHE C 577 -30.79 -29.09 -2.08
CA PHE C 577 -29.95 -29.81 -3.01
C PHE C 577 -30.10 -29.28 -4.43
N THR C 578 -31.34 -29.02 -4.86
CA THR C 578 -31.58 -28.60 -6.23
C THR C 578 -30.86 -27.31 -6.55
N CYS C 579 -30.91 -26.34 -5.65
CA CYS C 579 -30.21 -25.08 -5.84
C CYS C 579 -28.70 -25.22 -5.74
N THR C 580 -28.19 -26.30 -5.17
CA THR C 580 -26.76 -26.51 -4.99
C THR C 580 -26.15 -27.35 -6.11
N ILE C 581 -26.76 -28.50 -6.42
CA ILE C 581 -26.22 -29.37 -7.46
C ILE C 581 -26.19 -28.63 -8.79
N LYS C 582 -27.21 -27.80 -9.05
CA LYS C 582 -27.22 -27.01 -10.28
C LYS C 582 -25.99 -26.14 -10.41
N ARG C 583 -25.47 -25.66 -9.27
CA ARG C 583 -24.27 -24.83 -9.28
C ARG C 583 -22.98 -25.63 -9.30
N LEU C 584 -23.06 -26.95 -9.09
CA LEU C 584 -21.84 -27.77 -9.10
C LEU C 584 -21.19 -27.76 -10.48
N LYS C 585 -22.00 -27.83 -11.55
CA LYS C 585 -21.48 -27.80 -12.90
C LYS C 585 -21.04 -26.38 -13.26
N ALA C 586 -19.75 -26.08 -13.08
CA ALA C 586 -19.23 -24.74 -13.32
C ALA C 586 -19.42 -24.32 -14.76
N ALA C 587 -18.79 -25.05 -15.69
CA ALA C 587 -18.86 -24.74 -17.12
C ALA C 587 -18.37 -23.32 -17.40
N ASP C 588 -17.09 -23.11 -17.11
CA ASP C 588 -16.44 -21.83 -17.33
C ASP C 588 -17.13 -20.72 -16.53
N ILE C 589 -17.07 -20.82 -15.20
CA ILE C 589 -17.68 -19.82 -14.32
C ILE C 589 -16.59 -19.26 -13.41
N ASP C 590 -16.95 -18.25 -12.61
CA ASP C 590 -15.97 -17.60 -11.76
C ASP C 590 -15.40 -18.59 -10.75
N GLN C 591 -14.11 -18.43 -10.44
CA GLN C 591 -13.43 -19.33 -9.52
C GLN C 591 -14.05 -19.29 -8.13
N GLU C 592 -14.41 -18.09 -7.66
CA GLU C 592 -15.02 -17.98 -6.34
C GLU C 592 -16.34 -18.74 -6.28
N VAL C 593 -17.14 -18.66 -7.33
CA VAL C 593 -18.40 -19.39 -7.37
C VAL C 593 -18.14 -20.89 -7.31
N LYS C 594 -17.15 -21.36 -8.07
CA LYS C 594 -16.81 -22.78 -8.04
C LYS C 594 -16.40 -23.22 -6.64
N GLU C 595 -15.55 -22.43 -5.98
CA GLU C 595 -15.10 -22.79 -4.65
C GLU C 595 -16.25 -22.82 -3.66
N ARG C 596 -17.13 -21.81 -3.73
CA ARG C 596 -18.28 -21.78 -2.82
C ARG C 596 -19.20 -22.96 -3.05
N ALA C 597 -19.46 -23.29 -4.31
CA ALA C 597 -20.32 -24.44 -4.62
C ALA C 597 -19.69 -25.73 -4.12
N ILE C 598 -18.39 -25.90 -4.30
CA ILE C 598 -17.72 -27.11 -3.85
C ILE C 598 -17.80 -27.21 -2.33
N SER C 599 -17.55 -26.11 -1.62
CA SER C 599 -17.62 -26.13 -0.17
C SER C 599 -19.04 -26.45 0.31
N CYS C 600 -20.05 -25.85 -0.33
CA CYS C 600 -21.43 -26.12 0.06
C CYS C 600 -21.78 -27.59 -0.17
N MET C 601 -21.37 -28.14 -1.32
CA MET C 601 -21.65 -29.55 -1.60
C MET C 601 -20.95 -30.45 -0.59
N GLY C 602 -19.70 -30.15 -0.25
CA GLY C 602 -19.01 -30.95 0.73
C GLY C 602 -19.67 -30.90 2.10
N GLN C 603 -20.09 -29.71 2.53
CA GLN C 603 -20.77 -29.58 3.80
C GLN C 603 -22.09 -30.35 3.80
N ILE C 604 -22.85 -30.25 2.70
CA ILE C 604 -24.12 -30.96 2.61
C ILE C 604 -23.88 -32.47 2.68
N ILE C 605 -22.89 -32.96 1.95
CA ILE C 605 -22.59 -34.39 1.98
C ILE C 605 -22.18 -34.82 3.38
N CYS C 606 -21.34 -34.03 4.05
CA CYS C 606 -20.90 -34.41 5.39
C CYS C 606 -22.05 -34.43 6.38
N ASN C 607 -22.92 -33.43 6.34
CA ASN C 607 -23.98 -33.30 7.35
C ASN C 607 -25.17 -34.20 7.00
N LEU C 608 -25.86 -33.90 5.90
CA LEU C 608 -27.03 -34.67 5.49
C LEU C 608 -26.66 -35.74 4.46
N GLY C 609 -25.73 -36.62 4.82
CA GLY C 609 -25.31 -37.67 3.91
C GLY C 609 -26.28 -38.83 3.84
N ASP C 610 -26.99 -39.11 4.93
CA ASP C 610 -27.92 -40.23 4.93
C ASP C 610 -29.21 -39.91 4.19
N ASN C 611 -29.66 -38.66 4.24
CA ASN C 611 -30.92 -38.30 3.59
C ASN C 611 -30.85 -38.50 2.08
N LEU C 612 -29.74 -38.14 1.46
CA LEU C 612 -29.61 -38.29 0.02
C LEU C 612 -29.80 -39.75 -0.39
N GLY C 613 -30.54 -39.96 -1.48
CA GLY C 613 -30.82 -41.30 -1.96
C GLY C 613 -29.86 -41.76 -3.03
N SER C 614 -30.37 -41.94 -4.25
CA SER C 614 -29.55 -42.41 -5.37
C SER C 614 -28.71 -41.30 -6.00
N ASP C 615 -28.90 -40.06 -5.57
CA ASP C 615 -28.15 -38.93 -6.12
C ASP C 615 -26.85 -38.67 -5.37
N LEU C 616 -26.53 -39.46 -4.35
CA LEU C 616 -25.32 -39.27 -3.56
C LEU C 616 -24.09 -39.74 -4.33
N PRO C 617 -24.11 -40.95 -4.90
CA PRO C 617 -22.89 -41.44 -5.58
C PRO C 617 -22.50 -40.61 -6.80
N ASN C 618 -23.43 -40.44 -7.74
CA ASN C 618 -23.08 -39.82 -9.02
C ASN C 618 -22.48 -38.44 -8.83
N THR C 619 -23.13 -37.59 -8.03
CA THR C 619 -22.61 -36.25 -7.80
C THR C 619 -21.21 -36.32 -7.19
N LEU C 620 -20.98 -37.29 -6.31
CA LEU C 620 -19.67 -37.43 -5.70
C LEU C 620 -18.60 -37.67 -6.75
N GLN C 621 -18.94 -38.38 -7.82
CA GLN C 621 -17.97 -38.62 -8.89
C GLN C 621 -17.46 -37.31 -9.47
N ILE C 622 -18.30 -36.27 -9.47
CA ILE C 622 -17.88 -34.98 -10.03
C ILE C 622 -16.65 -34.45 -9.30
N PHE C 623 -16.52 -34.78 -8.00
CA PHE C 623 -15.35 -34.34 -7.25
C PHE C 623 -14.06 -34.78 -7.93
N LEU C 624 -14.05 -35.95 -8.56
CA LEU C 624 -12.86 -36.42 -9.26
C LEU C 624 -12.47 -35.43 -10.35
N GLU C 625 -13.45 -34.93 -11.11
CA GLU C 625 -13.16 -33.95 -12.14
C GLU C 625 -12.56 -32.68 -11.56
N ARG C 626 -12.79 -32.40 -10.28
CA ARG C 626 -12.21 -31.23 -9.63
C ARG C 626 -10.80 -31.48 -9.11
N LEU C 627 -10.34 -32.74 -9.09
CA LEU C 627 -9.01 -33.05 -8.61
C LEU C 627 -7.94 -32.93 -9.69
N LYS C 628 -8.34 -32.80 -10.96
CA LYS C 628 -7.37 -32.66 -12.04
C LYS C 628 -6.90 -31.21 -12.17
N ASN C 629 -7.85 -30.29 -12.37
CA ASN C 629 -7.50 -28.89 -12.49
C ASN C 629 -6.98 -28.35 -11.16
N GLU C 630 -6.03 -27.44 -11.25
CA GLU C 630 -5.42 -26.81 -10.08
C GLU C 630 -6.23 -25.64 -9.55
N ILE C 631 -7.30 -25.24 -10.25
CA ILE C 631 -8.09 -24.11 -9.80
C ILE C 631 -8.86 -24.45 -8.51
N THR C 632 -9.37 -25.68 -8.41
CA THR C 632 -10.15 -26.11 -7.26
C THR C 632 -9.55 -27.38 -6.65
N ARG C 633 -8.22 -27.41 -6.54
CA ARG C 633 -7.56 -28.58 -5.95
C ARG C 633 -7.55 -28.51 -4.43
N LEU C 634 -7.16 -27.36 -3.86
CA LEU C 634 -7.14 -27.22 -2.42
C LEU C 634 -8.55 -27.34 -1.85
N THR C 635 -9.53 -26.70 -2.49
CA THR C 635 -10.91 -26.78 -2.02
C THR C 635 -11.42 -28.22 -2.07
N THR C 636 -11.12 -28.94 -3.16
CA THR C 636 -11.55 -30.33 -3.27
C THR C 636 -10.91 -31.19 -2.19
N VAL C 637 -9.61 -30.98 -1.93
CA VAL C 637 -8.93 -31.75 -0.90
C VAL C 637 -9.55 -31.46 0.47
N LYS C 638 -9.81 -30.19 0.76
CA LYS C 638 -10.42 -29.83 2.04
C LYS C 638 -11.81 -30.45 2.18
N ALA C 639 -12.60 -30.42 1.11
CA ALA C 639 -13.93 -31.03 1.16
C ALA C 639 -13.84 -32.52 1.39
N LEU C 640 -12.91 -33.20 0.72
CA LEU C 640 -12.75 -34.63 0.93
C LEU C 640 -12.33 -34.94 2.36
N THR C 641 -11.39 -34.14 2.91
CA THR C 641 -10.96 -34.35 4.28
C THR C 641 -12.12 -34.16 5.26
N LEU C 642 -12.92 -33.11 5.04
CA LEU C 642 -14.06 -32.86 5.91
C LEU C 642 -15.09 -33.99 5.81
N ILE C 643 -15.35 -34.48 4.61
CA ILE C 643 -16.32 -35.57 4.43
C ILE C 643 -15.83 -36.83 5.12
N ALA C 644 -14.53 -37.13 4.99
CA ALA C 644 -13.99 -38.36 5.56
C ALA C 644 -14.17 -38.39 7.07
N GLY C 645 -13.91 -37.26 7.73
CA GLY C 645 -14.07 -37.18 9.17
C GLY C 645 -15.43 -36.64 9.57
N SER C 646 -16.35 -37.54 9.93
CA SER C 646 -17.68 -37.15 10.35
C SER C 646 -18.34 -38.33 11.04
N PRO C 647 -19.26 -38.10 11.98
CA PRO C 647 -19.93 -39.25 12.63
C PRO C 647 -20.67 -40.13 11.65
N LEU C 648 -21.28 -39.54 10.62
CA LEU C 648 -22.02 -40.32 9.65
C LEU C 648 -21.07 -41.19 8.81
N LYS C 649 -21.60 -42.33 8.36
CA LYS C 649 -20.83 -43.27 7.54
C LYS C 649 -21.17 -42.99 6.08
N ILE C 650 -20.22 -42.43 5.34
CA ILE C 650 -20.38 -42.10 3.93
C ILE C 650 -19.51 -43.04 3.11
N ASP C 651 -20.10 -43.66 2.09
CA ASP C 651 -19.38 -44.61 1.26
C ASP C 651 -18.57 -43.87 0.20
N LEU C 652 -17.25 -43.93 0.30
CA LEU C 652 -16.35 -43.33 -0.67
C LEU C 652 -15.51 -44.34 -1.42
N ARG C 653 -15.70 -45.63 -1.16
CA ARG C 653 -14.88 -46.66 -1.80
C ARG C 653 -14.83 -46.54 -3.31
N PRO C 654 -15.94 -46.27 -4.02
CA PRO C 654 -15.86 -46.19 -5.48
C PRO C 654 -14.87 -45.16 -5.98
N VAL C 655 -14.55 -44.14 -5.17
CA VAL C 655 -13.61 -43.10 -5.59
C VAL C 655 -12.30 -43.21 -4.82
N LEU C 656 -12.07 -44.32 -4.12
CA LEU C 656 -10.81 -44.53 -3.39
C LEU C 656 -9.70 -45.00 -4.31
N GLY C 657 -9.92 -46.11 -5.01
CA GLY C 657 -8.89 -46.63 -5.90
C GLY C 657 -8.44 -45.63 -6.94
N GLU C 658 -9.38 -44.87 -7.50
CA GLU C 658 -9.07 -43.81 -8.46
C GLU C 658 -8.73 -42.49 -7.78
N GLY C 659 -8.98 -42.36 -6.47
CA GLY C 659 -8.74 -41.10 -5.79
C GLY C 659 -7.41 -41.05 -5.07
N VAL C 660 -7.03 -42.15 -4.43
CA VAL C 660 -5.77 -42.16 -3.68
C VAL C 660 -4.57 -41.90 -4.58
N PRO C 661 -4.44 -42.55 -5.73
CA PRO C 661 -3.25 -42.27 -6.58
C PRO C 661 -3.12 -40.80 -6.97
N ILE C 662 -4.24 -40.15 -7.30
CA ILE C 662 -4.18 -38.75 -7.71
C ILE C 662 -3.61 -37.90 -6.58
N LEU C 663 -4.05 -38.15 -5.35
CA LEU C 663 -3.49 -37.43 -4.20
C LEU C 663 -1.98 -37.63 -4.13
N ALA C 664 -1.50 -38.83 -4.44
CA ALA C 664 -0.07 -39.08 -4.39
C ALA C 664 0.70 -38.20 -5.36
N SER C 665 0.04 -37.69 -6.40
CA SER C 665 0.70 -36.80 -7.35
C SER C 665 0.86 -35.38 -6.81
N PHE C 666 0.15 -35.02 -5.74
CA PHE C 666 0.24 -33.68 -5.18
C PHE C 666 1.44 -33.49 -4.26
N LEU C 667 2.10 -34.59 -3.86
CA LEU C 667 3.25 -34.48 -2.97
C LEU C 667 4.53 -34.11 -3.71
N ARG C 668 4.54 -34.21 -5.04
CA ARG C 668 5.75 -33.89 -5.80
C ARG C 668 5.92 -32.39 -5.97
N LYS C 669 4.90 -31.70 -6.47
CA LYS C 669 4.96 -30.26 -6.64
C LYS C 669 5.16 -29.59 -5.28
N ASN C 670 6.01 -28.56 -5.26
CA ASN C 670 6.32 -27.85 -4.03
C ASN C 670 5.15 -26.99 -3.59
N GLN C 671 4.30 -27.52 -2.72
CA GLN C 671 3.15 -26.80 -2.18
C GLN C 671 2.94 -27.23 -0.74
N ARG C 672 3.37 -26.41 0.20
CA ARG C 672 3.26 -26.76 1.61
C ARG C 672 1.80 -26.98 2.01
N ALA C 673 0.92 -26.03 1.69
CA ALA C 673 -0.48 -26.16 2.05
C ALA C 673 -1.12 -27.37 1.37
N LEU C 674 -0.86 -27.54 0.07
CA LEU C 674 -1.42 -28.67 -0.65
C LEU C 674 -0.86 -29.99 -0.11
N LYS C 675 0.44 -30.02 0.19
CA LYS C 675 1.05 -31.24 0.73
C LYS C 675 0.40 -31.62 2.06
N LEU C 676 0.24 -30.64 2.95
CA LEU C 676 -0.39 -30.93 4.24
C LEU C 676 -1.84 -31.38 4.04
N GLY C 677 -2.56 -30.72 3.15
CA GLY C 677 -3.96 -31.10 2.93
C GLY C 677 -4.09 -32.51 2.40
N THR C 678 -3.28 -32.86 1.40
CA THR C 678 -3.36 -34.21 0.84
C THR C 678 -2.90 -35.26 1.85
N LEU C 679 -1.86 -34.96 2.63
CA LEU C 679 -1.43 -35.90 3.66
C LEU C 679 -2.54 -36.15 4.68
N SER C 680 -3.19 -35.07 5.14
CA SER C 680 -4.28 -35.22 6.08
C SER C 680 -5.44 -36.00 5.48
N ALA C 681 -5.77 -35.72 4.22
CA ALA C 681 -6.87 -36.41 3.56
C ALA C 681 -6.58 -37.91 3.46
N LEU C 682 -5.35 -38.26 3.04
CA LEU C 682 -4.99 -39.67 2.95
C LEU C 682 -5.04 -40.34 4.31
N ASP C 683 -4.53 -39.66 5.34
CA ASP C 683 -4.52 -40.24 6.68
C ASP C 683 -5.94 -40.50 7.17
N ILE C 684 -6.83 -39.52 6.99
CA ILE C 684 -8.20 -39.70 7.48
C ILE C 684 -8.92 -40.77 6.68
N LEU C 685 -8.69 -40.82 5.36
CA LEU C 685 -9.33 -41.85 4.54
C LEU C 685 -8.87 -43.25 4.96
N ILE C 686 -7.57 -43.41 5.20
CA ILE C 686 -7.08 -44.72 5.63
C ILE C 686 -7.62 -45.07 7.00
N LYS C 687 -7.65 -44.10 7.93
CA LYS C 687 -8.15 -44.38 9.27
C LYS C 687 -9.61 -44.81 9.26
N ASN C 688 -10.45 -44.08 8.52
CA ASN C 688 -11.87 -44.42 8.45
C ASN C 688 -12.15 -45.60 7.53
N TYR C 689 -11.37 -45.76 6.45
CA TYR C 689 -11.59 -46.81 5.46
C TYR C 689 -10.29 -47.62 5.34
N SER C 690 -10.17 -48.64 6.19
CA SER C 690 -9.00 -49.52 6.18
C SER C 690 -9.29 -50.91 5.63
N ASP C 691 -10.53 -51.36 5.67
CA ASP C 691 -10.85 -52.69 5.14
C ASP C 691 -10.71 -52.74 3.63
N SER C 692 -11.01 -51.64 2.94
CA SER C 692 -10.93 -51.57 1.48
C SER C 692 -9.63 -50.86 1.11
N LEU C 693 -8.57 -51.64 0.95
CA LEU C 693 -7.28 -51.10 0.57
C LEU C 693 -6.57 -52.09 -0.35
N THR C 694 -5.68 -51.57 -1.18
CA THR C 694 -4.92 -52.38 -2.12
C THR C 694 -3.46 -51.94 -2.08
N ALA C 695 -2.56 -52.92 -2.20
CA ALA C 695 -1.13 -52.63 -2.17
C ALA C 695 -0.68 -51.78 -3.35
N ALA C 696 -1.43 -51.80 -4.46
CA ALA C 696 -1.02 -51.03 -5.64
C ALA C 696 -0.91 -49.55 -5.32
N MET C 697 -2.02 -48.93 -4.93
CA MET C 697 -2.01 -47.50 -4.62
C MET C 697 -1.15 -47.21 -3.38
N ILE C 698 -1.06 -48.16 -2.46
CA ILE C 698 -0.23 -47.95 -1.27
C ILE C 698 1.23 -47.80 -1.66
N ASP C 699 1.69 -48.62 -2.61
CA ASP C 699 3.08 -48.51 -3.06
C ASP C 699 3.34 -47.14 -3.69
N ALA C 700 2.40 -46.66 -4.51
CA ALA C 700 2.57 -45.35 -5.12
C ALA C 700 2.60 -44.25 -4.06
N VAL C 701 1.72 -44.35 -3.06
CA VAL C 701 1.71 -43.35 -2.00
C VAL C 701 3.02 -43.37 -1.23
N LEU C 702 3.54 -44.56 -0.90
CA LEU C 702 4.78 -44.66 -0.15
C LEU C 702 5.99 -44.12 -0.90
N ASP C 703 5.91 -44.02 -2.23
CA ASP C 703 7.06 -43.55 -3.00
C ASP C 703 7.34 -42.07 -2.80
N GLU C 704 6.36 -41.29 -2.36
CA GLU C 704 6.52 -39.86 -2.17
C GLU C 704 6.89 -39.49 -0.74
N LEU C 705 7.09 -40.48 0.14
CA LEU C 705 7.45 -40.23 1.53
C LEU C 705 8.94 -39.93 1.69
N PRO C 706 9.83 -40.68 1.05
CA PRO C 706 11.27 -40.48 1.29
C PRO C 706 11.71 -39.05 1.06
N PRO C 707 11.23 -38.37 0.02
CA PRO C 707 11.61 -36.97 -0.20
C PRO C 707 10.82 -35.97 0.63
N LEU C 708 9.99 -36.41 1.56
CA LEU C 708 9.22 -35.53 2.43
C LEU C 708 9.75 -35.47 3.85
N ILE C 709 10.36 -36.54 4.35
CA ILE C 709 10.90 -36.58 5.70
C ILE C 709 12.32 -36.05 5.64
N SER C 710 12.51 -34.79 6.04
CA SER C 710 13.82 -34.16 6.02
C SER C 710 13.87 -33.07 7.08
N GLU C 711 15.09 -32.68 7.45
CA GLU C 711 15.27 -31.64 8.45
C GLU C 711 14.92 -30.26 7.94
N SER C 712 14.72 -30.10 6.63
CA SER C 712 14.37 -28.79 6.08
C SER C 712 13.04 -28.29 6.63
N ASP C 713 12.04 -29.18 6.70
CA ASP C 713 10.72 -28.82 7.22
C ASP C 713 10.34 -29.79 8.32
N MET C 714 9.88 -29.24 9.45
CA MET C 714 9.49 -30.06 10.59
C MET C 714 8.00 -30.39 10.59
N HIS C 715 7.16 -29.47 10.13
CA HIS C 715 5.72 -29.71 10.13
C HIS C 715 5.36 -30.89 9.23
N VAL C 716 5.97 -30.95 8.04
CA VAL C 716 5.68 -32.04 7.13
C VAL C 716 6.19 -33.36 7.68
N SER C 717 7.33 -33.35 8.38
CA SER C 717 7.86 -34.59 8.94
C SER C 717 6.91 -35.20 9.95
N GLN C 718 6.31 -34.37 10.81
CA GLN C 718 5.36 -34.89 11.79
C GLN C 718 4.14 -35.49 11.11
N MET C 719 3.62 -34.82 10.08
CA MET C 719 2.47 -35.35 9.37
C MET C 719 2.81 -36.68 8.70
N ALA C 720 3.99 -36.78 8.10
CA ALA C 720 4.40 -38.02 7.46
C ALA C 720 4.53 -39.14 8.49
N ILE C 721 5.11 -38.83 9.65
CA ILE C 721 5.27 -39.84 10.71
C ILE C 721 3.90 -40.31 11.18
N SER C 722 2.96 -39.38 11.37
CA SER C 722 1.62 -39.76 11.80
C SER C 722 0.93 -40.61 10.74
N PHE C 723 1.09 -40.26 9.46
CA PHE C 723 0.49 -41.06 8.40
C PHE C 723 1.05 -42.46 8.38
N LEU C 724 2.38 -42.59 8.53
CA LEU C 724 2.99 -43.92 8.56
C LEU C 724 2.50 -44.72 9.76
N THR C 725 2.39 -44.07 10.92
CA THR C 725 1.91 -44.76 12.11
C THR C 725 0.48 -45.26 11.92
N THR C 726 -0.39 -44.42 11.36
CA THR C 726 -1.76 -44.83 11.11
C THR C 726 -1.82 -45.99 10.11
N LEU C 727 -1.03 -45.90 9.03
CA LEU C 727 -1.02 -46.98 8.06
C LEU C 727 -0.57 -48.29 8.68
N ALA C 728 0.47 -48.24 9.51
CA ALA C 728 0.92 -49.45 10.21
C ALA C 728 -0.14 -49.97 11.16
N LYS C 729 -0.84 -49.07 11.86
CA LYS C 729 -1.82 -49.50 12.85
C LYS C 729 -3.02 -50.18 12.20
N VAL C 730 -3.58 -49.57 11.15
CA VAL C 730 -4.77 -50.14 10.52
C VAL C 730 -4.44 -51.04 9.34
N TYR C 731 -3.18 -51.08 8.90
CA TYR C 731 -2.76 -51.94 7.79
C TYR C 731 -1.31 -52.35 8.02
N PRO C 732 -1.06 -53.25 8.96
CA PRO C 732 0.31 -53.69 9.24
C PRO C 732 0.89 -54.63 8.18
N SER C 733 0.09 -55.09 7.23
CA SER C 733 0.58 -56.03 6.22
C SER C 733 1.64 -55.39 5.34
N SER C 734 1.41 -54.15 4.90
CA SER C 734 2.32 -53.47 3.96
C SER C 734 3.33 -52.66 4.75
N LEU C 735 4.30 -53.38 5.35
CA LEU C 735 5.37 -52.76 6.11
C LEU C 735 6.75 -53.16 5.63
N SER C 736 6.86 -54.04 4.64
CA SER C 736 8.15 -54.47 4.12
C SER C 736 8.70 -53.56 3.03
N LYS C 737 7.90 -52.61 2.55
CA LYS C 737 8.35 -51.70 1.49
C LYS C 737 9.03 -50.45 2.03
N ILE C 738 8.72 -50.04 3.26
CA ILE C 738 9.32 -48.84 3.82
C ILE C 738 10.82 -48.99 4.07
N SER C 739 11.34 -50.21 4.06
CA SER C 739 12.75 -50.44 4.31
C SER C 739 13.66 -49.84 3.25
N GLY C 740 13.11 -49.44 2.10
CA GLY C 740 13.91 -48.87 1.04
C GLY C 740 14.72 -47.66 1.45
N SER C 741 14.03 -46.55 1.75
CA SER C 741 14.72 -45.33 2.14
C SER C 741 14.06 -44.65 3.33
N ILE C 742 12.82 -45.03 3.65
CA ILE C 742 12.10 -44.37 4.73
C ILE C 742 12.81 -44.61 6.07
N LEU C 743 13.25 -45.84 6.32
CA LEU C 743 13.96 -46.12 7.57
C LEU C 743 15.26 -45.34 7.66
N ASN C 744 15.99 -45.25 6.54
CA ASN C 744 17.25 -44.49 6.54
C ASN C 744 16.99 -43.02 6.83
N GLU C 745 15.95 -42.45 6.21
CA GLU C 745 15.62 -41.05 6.46
C GLU C 745 15.23 -40.83 7.91
N LEU C 746 14.43 -41.74 8.47
CA LEU C 746 14.05 -41.61 9.88
C LEU C 746 15.27 -41.69 10.78
N ILE C 747 16.18 -42.63 10.51
CA ILE C 747 17.40 -42.75 11.32
C ILE C 747 18.22 -41.48 11.23
N GLY C 748 18.36 -40.92 10.03
CA GLY C 748 19.09 -39.67 9.89
C GLY C 748 18.44 -38.52 10.63
N LEU C 749 17.10 -38.47 10.62
CA LEU C 749 16.38 -37.41 11.30
C LEU C 749 16.41 -37.58 12.82
N VAL C 750 16.63 -38.79 13.31
CA VAL C 750 16.69 -39.01 14.75
C VAL C 750 17.81 -38.18 15.36
N ARG C 751 18.97 -38.13 14.70
CA ARG C 751 20.10 -37.36 15.17
C ARG C 751 20.08 -35.91 14.69
N SER C 752 18.92 -35.41 14.31
CA SER C 752 18.80 -34.03 13.85
C SER C 752 18.80 -33.09 15.04
N PRO C 753 19.67 -32.08 15.08
CA PRO C 753 19.65 -31.14 16.21
C PRO C 753 18.33 -30.42 16.37
N LEU C 754 17.59 -30.19 15.29
CA LEU C 754 16.31 -29.50 15.34
C LEU C 754 15.16 -30.41 15.73
N LEU C 755 15.40 -31.70 15.92
CA LEU C 755 14.34 -32.64 16.28
C LEU C 755 13.83 -32.31 17.68
N GLN C 756 12.62 -31.77 17.76
CA GLN C 756 12.00 -31.42 19.03
C GLN C 756 10.53 -31.15 18.79
N GLY C 757 9.78 -31.06 19.88
CA GLY C 757 8.35 -30.79 19.78
C GLY C 757 7.55 -32.07 19.55
N GLY C 758 6.42 -31.91 18.87
CA GLY C 758 5.55 -33.04 18.59
C GLY C 758 6.15 -34.06 17.65
N ALA C 759 7.15 -33.66 16.86
CA ALA C 759 7.78 -34.61 15.93
C ALA C 759 8.43 -35.76 16.68
N LEU C 760 9.12 -35.45 17.80
CA LEU C 760 9.75 -36.51 18.58
C LEU C 760 8.71 -37.49 19.13
N SER C 761 7.60 -36.96 19.66
CA SER C 761 6.55 -37.83 20.18
C SER C 761 5.95 -38.68 19.07
N ALA C 762 5.73 -38.10 17.90
CA ALA C 762 5.19 -38.86 16.78
C ALA C 762 6.14 -39.97 16.36
N MET C 763 7.44 -39.67 16.29
CA MET C 763 8.42 -40.69 15.93
C MET C 763 8.48 -41.80 16.98
N LEU C 764 8.41 -41.43 18.26
CA LEU C 764 8.40 -42.45 19.31
C LEU C 764 7.18 -43.35 19.21
N ASP C 765 6.01 -42.75 18.94
CA ASP C 765 4.79 -43.55 18.77
C ASP C 765 4.91 -44.47 17.57
N PHE C 766 5.47 -43.96 16.47
CA PHE C 766 5.66 -44.79 15.28
C PHE C 766 6.59 -45.97 15.58
N PHE C 767 7.69 -45.72 16.30
CA PHE C 767 8.59 -46.80 16.65
C PHE C 767 7.92 -47.82 17.54
N GLN C 768 7.12 -47.36 18.51
CA GLN C 768 6.41 -48.28 19.39
C GLN C 768 5.43 -49.14 18.60
N ALA C 769 4.68 -48.51 17.68
CA ALA C 769 3.74 -49.28 16.87
C ALA C 769 4.47 -50.30 16.00
N LEU C 770 5.60 -49.90 15.42
CA LEU C 770 6.38 -50.82 14.59
C LEU C 770 6.87 -52.00 15.41
N VAL C 771 7.34 -51.73 16.63
CA VAL C 771 7.81 -52.81 17.51
C VAL C 771 6.65 -53.75 17.85
N VAL C 772 5.48 -53.20 18.17
CA VAL C 772 4.34 -54.04 18.52
C VAL C 772 3.95 -54.91 17.33
N THR C 773 3.89 -54.32 16.13
CA THR C 773 3.52 -55.07 14.93
C THR C 773 4.53 -56.19 14.67
N GLY C 774 5.79 -55.82 14.43
CA GLY C 774 6.82 -56.81 14.19
C GLY C 774 6.94 -57.20 12.73
N THR C 775 8.17 -57.19 12.21
CA THR C 775 8.41 -57.57 10.82
C THR C 775 9.83 -58.10 10.71
N ASN C 776 10.05 -58.94 9.71
CA ASN C 776 11.37 -59.51 9.48
C ASN C 776 12.39 -58.41 9.24
N ASN C 777 13.54 -58.52 9.92
CA ASN C 777 14.65 -57.57 9.84
C ASN C 777 14.34 -56.27 10.58
N LEU C 778 13.12 -56.09 11.07
CA LEU C 778 12.72 -54.87 11.77
C LEU C 778 12.40 -55.15 13.24
N GLY C 779 13.04 -56.15 13.84
CA GLY C 779 12.77 -56.49 15.21
C GLY C 779 13.43 -55.53 16.18
N TYR C 780 13.21 -55.79 17.47
CA TYR C 780 13.76 -54.93 18.51
C TYR C 780 15.27 -54.92 18.47
N MET C 781 15.89 -56.10 18.31
CA MET C 781 17.35 -56.16 18.22
C MET C 781 17.85 -55.43 16.98
N ASP C 782 17.16 -55.62 15.85
CA ASP C 782 17.54 -54.92 14.63
C ASP C 782 17.41 -53.41 14.80
N LEU C 783 16.33 -52.96 15.43
CA LEU C 783 16.15 -51.53 15.67
C LEU C 783 17.26 -50.98 16.56
N LEU C 784 17.60 -51.70 17.62
CA LEU C 784 18.67 -51.26 18.50
C LEU C 784 20.00 -51.18 17.76
N ARG C 785 20.30 -52.19 16.93
CA ARG C 785 21.55 -52.19 16.18
C ARG C 785 21.59 -51.03 15.19
N MET C 786 20.49 -50.77 14.49
CA MET C 786 20.47 -49.67 13.53
C MET C 786 20.61 -48.32 14.24
N LEU C 787 19.95 -48.15 15.38
CA LEU C 787 20.02 -46.87 16.09
C LEU C 787 21.41 -46.64 16.65
N THR C 788 21.84 -47.52 17.57
CA THR C 788 23.18 -47.41 18.17
C THR C 788 24.20 -48.26 17.43
N GLY C 789 24.27 -48.13 16.10
CA GLY C 789 25.26 -48.83 15.32
C GLY C 789 26.49 -47.99 15.05
N PRO C 790 26.28 -46.80 14.46
CA PRO C 790 27.43 -45.92 14.20
C PRO C 790 28.17 -45.48 15.45
N VAL C 791 27.47 -45.33 16.58
CA VAL C 791 28.12 -44.84 17.79
C VAL C 791 29.22 -45.80 18.24
N TYR C 792 28.94 -47.11 18.23
CA TYR C 792 29.95 -48.09 18.61
C TYR C 792 31.12 -48.09 17.63
N SER C 793 30.84 -47.99 16.34
CA SER C 793 31.89 -47.99 15.32
C SER C 793 32.54 -46.62 15.23
N THR C 799 28.26 -34.82 15.29
CA THR C 799 27.91 -35.20 16.65
C THR C 799 27.23 -34.05 17.38
N HIS C 800 26.08 -34.32 17.98
CA HIS C 800 25.33 -33.31 18.71
C HIS C 800 24.67 -33.97 19.92
N LYS C 801 24.53 -33.17 20.98
CA LYS C 801 23.95 -33.68 22.22
C LYS C 801 22.48 -34.02 22.05
N GLN C 802 21.75 -33.21 21.27
CA GLN C 802 20.36 -33.54 20.98
C GLN C 802 20.23 -34.88 20.29
N SER C 803 21.21 -35.25 19.47
CA SER C 803 21.20 -36.59 18.87
C SER C 803 21.26 -37.67 19.94
N TYR C 804 22.13 -37.48 20.94
CA TYR C 804 22.20 -38.44 22.04
C TYR C 804 20.89 -38.52 22.80
N TYR C 805 20.28 -37.36 23.08
CA TYR C 805 18.97 -37.38 23.75
C TYR C 805 17.94 -38.14 22.93
N SER C 806 17.90 -37.88 21.61
CA SER C 806 16.92 -38.55 20.77
C SER C 806 17.14 -40.05 20.74
N ILE C 807 18.40 -40.48 20.62
CA ILE C 807 18.70 -41.90 20.59
C ILE C 807 18.32 -42.56 21.91
N ALA C 808 18.64 -41.91 23.03
CA ALA C 808 18.30 -42.48 24.33
C ALA C 808 16.80 -42.58 24.50
N LYS C 809 16.06 -41.55 24.10
CA LYS C 809 14.61 -41.59 24.24
C LYS C 809 14.01 -42.67 23.35
N CYS C 810 14.51 -42.82 22.13
CA CYS C 810 14.02 -43.88 21.25
C CYS C 810 14.30 -45.25 21.84
N VAL C 811 15.50 -45.44 22.41
CA VAL C 811 15.82 -46.72 23.03
C VAL C 811 14.89 -47.00 24.19
N ALA C 812 14.63 -45.98 25.02
CA ALA C 812 13.73 -46.16 26.16
C ALA C 812 12.32 -46.52 25.70
N ALA C 813 11.83 -45.84 24.66
CA ALA C 813 10.50 -46.15 24.15
C ALA C 813 10.43 -47.55 23.59
N LEU C 814 11.46 -47.97 22.84
CA LEU C 814 11.47 -49.32 22.30
C LEU C 814 11.50 -50.37 23.41
N THR C 815 12.30 -50.11 24.45
CA THR C 815 12.33 -51.03 25.59
C THR C 815 10.97 -51.09 26.27
N ARG C 816 10.29 -49.95 26.42
CA ARG C 816 8.96 -49.94 27.00
C ARG C 816 7.98 -50.74 26.15
N ALA C 817 8.10 -50.67 24.82
CA ALA C 817 7.21 -51.42 23.95
C ALA C 817 7.28 -52.92 24.24
N CYS C 818 8.44 -53.41 24.68
CA CYS C 818 8.62 -54.82 25.03
C CYS C 818 8.80 -54.94 26.54
N PRO C 819 7.80 -55.41 27.29
CA PRO C 819 7.95 -55.47 28.75
C PRO C 819 8.95 -56.49 29.25
N LYS C 820 9.55 -57.30 28.36
CA LYS C 820 10.53 -58.32 28.74
C LYS C 820 11.80 -58.06 27.97
N GLU C 821 12.69 -57.21 28.53
CA GLU C 821 13.97 -56.86 27.91
C GLU C 821 15.05 -56.92 29.00
N GLY C 822 15.05 -58.00 29.77
CA GLY C 822 16.00 -58.19 30.84
C GLY C 822 17.44 -58.14 30.39
N PRO C 823 17.77 -58.83 29.30
CA PRO C 823 19.17 -58.83 28.84
C PRO C 823 19.71 -57.44 28.52
N ALA C 824 18.86 -56.52 28.07
CA ALA C 824 19.34 -55.21 27.65
C ALA C 824 19.96 -54.44 28.82
N VAL C 825 19.30 -54.45 29.97
CA VAL C 825 19.81 -53.69 31.11
C VAL C 825 21.14 -54.25 31.58
N VAL C 826 21.26 -55.58 31.65
CA VAL C 826 22.52 -56.18 32.10
C VAL C 826 23.62 -55.91 31.08
N GLY C 827 23.31 -55.96 29.79
CA GLY C 827 24.30 -55.63 28.78
C GLY C 827 24.78 -54.20 28.89
N GLN C 828 23.85 -53.26 29.09
CA GLN C 828 24.23 -51.87 29.27
C GLN C 828 25.08 -51.69 30.51
N PHE C 829 24.73 -52.36 31.61
CA PHE C 829 25.53 -52.27 32.82
C PHE C 829 26.94 -52.80 32.59
N ILE C 830 27.07 -53.93 31.90
CA ILE C 830 28.39 -54.50 31.63
C ILE C 830 29.19 -53.54 30.75
N GLN C 831 28.57 -52.97 29.73
CA GLN C 831 29.28 -52.05 28.85
C GLN C 831 29.74 -50.82 29.62
N ASP C 832 28.90 -50.27 30.48
CA ASP C 832 29.27 -49.09 31.24
C ASP C 832 30.36 -49.38 32.27
N VAL C 833 30.31 -50.55 32.90
CA VAL C 833 31.29 -50.86 33.94
C VAL C 833 32.69 -50.99 33.33
N LYS C 834 32.79 -51.54 32.14
CA LYS C 834 34.09 -51.75 31.50
C LYS C 834 34.70 -50.42 31.08
N ASN C 835 35.62 -49.90 31.90
CA ASN C 835 36.27 -48.64 31.55
C ASN C 835 37.12 -48.78 30.29
N SER C 836 37.85 -49.88 30.17
CA SER C 836 38.70 -50.08 29.00
C SER C 836 37.86 -50.39 27.77
N ARG C 837 38.39 -49.99 26.61
CA ARG C 837 37.72 -50.22 25.33
C ARG C 837 36.32 -49.62 25.32
N SER C 838 36.18 -48.44 25.95
CA SER C 838 34.90 -47.74 26.00
C SER C 838 35.19 -46.25 26.14
N THR C 839 35.08 -45.52 25.03
CA THR C 839 35.33 -44.09 25.06
C THR C 839 34.17 -43.37 25.75
N ASP C 840 34.31 -42.04 25.83
CA ASP C 840 33.32 -41.25 26.55
C ASP C 840 31.95 -41.29 25.88
N SER C 841 31.93 -41.36 24.55
CA SER C 841 30.65 -41.31 23.84
C SER C 841 29.76 -42.50 24.18
N ILE C 842 30.33 -43.71 24.21
CA ILE C 842 29.54 -44.91 24.49
C ILE C 842 29.00 -44.85 25.92
N ARG C 843 29.84 -44.45 26.87
CA ARG C 843 29.39 -44.35 28.25
C ARG C 843 28.28 -43.31 28.39
N LEU C 844 28.44 -42.16 27.73
CA LEU C 844 27.40 -41.13 27.78
C LEU C 844 26.09 -41.65 27.21
N LEU C 845 26.15 -42.32 26.07
CA LEU C 845 24.92 -42.84 25.45
C LEU C 845 24.27 -43.89 26.34
N ALA C 846 25.08 -44.78 26.93
CA ALA C 846 24.52 -45.81 27.81
C ALA C 846 23.86 -45.18 29.03
N LEU C 847 24.51 -44.18 29.64
CA LEU C 847 23.93 -43.53 30.80
C LEU C 847 22.62 -42.82 30.43
N LEU C 848 22.60 -42.14 29.29
CA LEU C 848 21.38 -41.46 28.87
C LEU C 848 20.25 -42.45 28.61
N SER C 849 20.56 -43.57 27.96
CA SER C 849 19.54 -44.58 27.70
C SER C 849 19.02 -45.18 29.01
N LEU C 850 19.92 -45.46 29.95
CA LEU C 850 19.49 -46.00 31.24
C LEU C 850 18.59 -45.01 31.97
N GLY C 851 18.97 -43.73 31.97
CA GLY C 851 18.15 -42.72 32.61
C GLY C 851 16.78 -42.59 31.97
N GLU C 852 16.73 -42.63 30.64
CA GLU C 852 15.45 -42.51 29.95
C GLU C 852 14.56 -43.73 30.19
N VAL C 853 15.14 -44.93 30.22
CA VAL C 853 14.34 -46.13 30.40
C VAL C 853 13.97 -46.40 31.85
N GLY C 854 14.71 -45.85 32.80
CA GLY C 854 14.45 -46.06 34.21
C GLY C 854 13.38 -45.17 34.80
N HIS C 855 12.74 -44.32 34.00
CA HIS C 855 11.72 -43.41 34.51
C HIS C 855 10.36 -44.11 34.62
N HIS C 856 9.90 -44.76 33.56
CA HIS C 856 8.56 -45.35 33.52
C HIS C 856 8.50 -46.77 34.07
N ILE C 857 9.63 -47.36 34.46
CA ILE C 857 9.66 -48.68 35.06
C ILE C 857 10.55 -48.65 36.29
N ASP C 858 10.32 -49.61 37.18
CA ASP C 858 11.06 -49.71 38.43
C ASP C 858 12.32 -50.56 38.22
N LEU C 859 13.47 -50.01 38.60
CA LEU C 859 14.75 -50.69 38.47
C LEU C 859 15.29 -51.16 39.82
N SER C 860 14.49 -51.05 40.90
CA SER C 860 14.96 -51.48 42.21
C SER C 860 15.19 -53.00 42.25
N GLY C 861 14.52 -53.75 41.38
CA GLY C 861 14.68 -55.19 41.38
C GLY C 861 16.10 -55.62 41.09
N GLN C 862 16.76 -54.97 40.13
CA GLN C 862 18.12 -55.31 39.75
C GLN C 862 19.10 -54.53 40.62
N LEU C 863 20.06 -55.23 41.21
CA LEU C 863 21.06 -54.59 42.05
C LEU C 863 22.27 -54.17 41.21
N GLU C 864 23.30 -53.69 41.88
CA GLU C 864 24.55 -53.24 41.27
C GLU C 864 24.39 -51.95 40.48
N LEU C 865 23.23 -51.29 40.56
CA LEU C 865 23.00 -50.05 39.85
C LEU C 865 23.54 -48.84 40.62
N LYS C 866 23.25 -48.78 41.92
CA LYS C 866 23.73 -47.65 42.72
C LYS C 866 25.24 -47.61 42.77
N SER C 867 25.88 -48.77 42.93
CA SER C 867 27.34 -48.82 43.03
C SER C 867 27.98 -48.29 41.75
N VAL C 868 27.53 -48.79 40.59
CA VAL C 868 28.11 -48.37 39.33
C VAL C 868 27.80 -46.89 39.07
N ILE C 869 26.61 -46.43 39.43
CA ILE C 869 26.26 -45.03 39.23
C ILE C 869 27.19 -44.13 40.05
N LEU C 870 27.38 -44.49 41.33
CA LEU C 870 28.27 -43.70 42.18
C LEU C 870 29.70 -43.74 41.67
N GLU C 871 30.15 -44.90 41.18
CA GLU C 871 31.50 -44.97 40.61
C GLU C 871 31.62 -44.07 39.39
N ALA C 872 30.59 -44.03 38.54
CA ALA C 872 30.62 -43.20 37.35
C ALA C 872 30.52 -41.72 37.68
N PHE C 873 29.93 -41.36 38.81
CA PHE C 873 29.86 -39.95 39.20
C PHE C 873 31.25 -39.32 39.25
N SER C 874 32.28 -40.09 39.57
CA SER C 874 33.65 -39.59 39.64
C SER C 874 34.35 -39.91 38.32
N SER C 875 34.44 -38.92 37.44
CA SER C 875 35.08 -39.08 36.14
C SER C 875 35.82 -37.79 35.82
N PRO C 876 36.83 -37.84 34.95
CA PRO C 876 37.54 -36.60 34.60
C PRO C 876 36.65 -35.58 33.90
N SER C 877 35.95 -35.99 32.85
CA SER C 877 35.11 -35.07 32.11
C SER C 877 33.87 -34.71 32.90
N GLU C 878 33.22 -33.62 32.48
CA GLU C 878 32.02 -33.12 33.15
C GLU C 878 30.72 -33.56 32.47
N GLU C 879 30.77 -33.80 31.16
CA GLU C 879 29.56 -34.25 30.46
C GLU C 879 29.09 -35.59 30.99
N VAL C 880 30.03 -36.52 31.20
CA VAL C 880 29.66 -37.83 31.73
C VAL C 880 29.09 -37.70 33.13
N LYS C 881 29.68 -36.85 33.96
CA LYS C 881 29.16 -36.64 35.31
C LYS C 881 27.75 -36.08 35.28
N SER C 882 27.50 -35.08 34.42
CA SER C 882 26.17 -34.51 34.30
C SER C 882 25.17 -35.55 33.82
N ALA C 883 25.57 -36.37 32.84
CA ALA C 883 24.67 -37.41 32.34
C ALA C 883 24.35 -38.43 33.41
N ALA C 884 25.36 -38.82 34.21
CA ALA C 884 25.11 -39.76 35.29
C ALA C 884 24.18 -39.17 36.33
N SER C 885 24.37 -37.89 36.67
CA SER C 885 23.47 -37.24 37.63
C SER C 885 22.04 -37.19 37.10
N TYR C 886 21.88 -36.84 35.82
CA TYR C 886 20.54 -36.81 35.25
C TYR C 886 19.91 -38.20 35.23
N ALA C 887 20.69 -39.22 34.89
CA ALA C 887 20.16 -40.58 34.90
C ALA C 887 19.74 -41.01 36.29
N LEU C 888 20.54 -40.68 37.31
CA LEU C 888 20.16 -41.03 38.68
C LEU C 888 18.89 -40.30 39.08
N GLY C 889 18.79 -39.01 38.75
CA GLY C 889 17.58 -38.27 39.08
C GLY C 889 16.34 -38.85 38.41
N SER C 890 16.46 -39.21 37.13
CA SER C 890 15.33 -39.80 36.43
C SER C 890 14.96 -41.15 37.02
N ILE C 891 15.95 -41.97 37.36
CA ILE C 891 15.68 -43.29 37.92
C ILE C 891 15.02 -43.18 39.29
N SER C 892 15.41 -42.18 40.08
CA SER C 892 14.81 -42.01 41.40
C SER C 892 13.32 -41.83 41.33
N VAL C 893 12.80 -41.28 40.22
CA VAL C 893 11.36 -41.08 40.10
C VAL C 893 10.61 -42.41 40.08
N GLY C 894 11.19 -43.44 39.46
CA GLY C 894 10.55 -44.73 39.35
C GLY C 894 10.05 -45.27 40.67
N ASN C 895 10.98 -45.56 41.59
CA ASN C 895 10.65 -46.07 42.92
C ASN C 895 11.09 -45.02 43.94
N LEU C 896 10.18 -44.09 44.24
CA LEU C 896 10.52 -43.04 45.19
C LEU C 896 10.87 -43.59 46.56
N PRO C 897 10.08 -44.50 47.16
CA PRO C 897 10.42 -44.97 48.51
C PRO C 897 11.77 -45.64 48.62
N GLU C 898 12.27 -46.25 47.54
CA GLU C 898 13.53 -46.98 47.58
C GLU C 898 14.72 -46.13 47.14
N TYR C 899 14.51 -45.10 46.34
CA TYR C 899 15.59 -44.26 45.83
C TYR C 899 15.73 -42.93 46.54
N LEU C 900 14.63 -42.24 46.81
CA LEU C 900 14.71 -40.91 47.42
C LEU C 900 15.43 -40.94 48.77
N PRO C 901 15.08 -41.81 49.72
CA PRO C 901 15.83 -41.84 50.98
C PRO C 901 17.30 -42.19 50.79
N PHE C 902 17.62 -43.05 49.84
CA PHE C 902 19.02 -43.41 49.61
C PHE C 902 19.84 -42.19 49.28
N VAL C 903 19.39 -41.41 48.28
CA VAL C 903 20.11 -40.19 47.91
C VAL C 903 20.06 -39.18 49.04
N LEU C 904 18.94 -39.12 49.79
CA LEU C 904 18.85 -38.15 50.88
C LEU C 904 19.92 -38.38 51.93
N GLN C 905 20.12 -39.64 52.35
CA GLN C 905 21.18 -39.91 53.31
C GLN C 905 22.56 -39.82 52.67
N GLU C 906 22.67 -40.19 51.39
CA GLU C 906 23.97 -40.11 50.72
C GLU C 906 24.45 -38.67 50.62
N ILE C 907 23.52 -37.72 50.50
CA ILE C 907 23.90 -36.31 50.41
C ILE C 907 24.63 -35.89 51.67
N THR C 908 24.10 -36.25 52.84
CA THR C 908 24.74 -35.93 54.10
C THR C 908 25.97 -36.80 54.37
N SER C 909 26.02 -38.00 53.80
CA SER C 909 27.13 -38.91 54.04
C SER C 909 28.45 -38.32 53.52
N GLN C 910 28.54 -38.08 52.22
CA GLN C 910 29.77 -37.56 51.64
C GLN C 910 29.64 -36.06 51.37
N PRO C 911 30.62 -35.24 51.80
CA PRO C 911 30.52 -33.80 51.54
C PRO C 911 31.08 -33.43 50.17
N LYS C 912 31.93 -34.27 49.61
CA LYS C 912 32.59 -33.99 48.34
C LYS C 912 31.75 -34.44 47.13
N ARG C 913 30.59 -35.05 47.36
CA ARG C 913 29.72 -35.50 46.27
C ARG C 913 28.31 -34.94 46.33
N GLN C 914 27.86 -34.40 47.47
CA GLN C 914 26.50 -33.89 47.57
C GLN C 914 26.22 -32.87 46.47
N TYR C 915 27.23 -32.08 46.10
CA TYR C 915 27.03 -31.06 45.07
C TYR C 915 26.43 -31.66 43.80
N LEU C 916 26.82 -32.89 43.46
CA LEU C 916 26.19 -33.56 42.33
C LEU C 916 24.84 -34.14 42.71
N LEU C 917 24.76 -34.80 43.87
CA LEU C 917 23.52 -35.46 44.26
C LEU C 917 22.38 -34.45 44.35
N LEU C 918 22.64 -33.27 44.91
CA LEU C 918 21.61 -32.24 44.98
C LEU C 918 21.02 -31.98 43.59
N HIS C 919 21.89 -31.89 42.58
CA HIS C 919 21.39 -31.66 41.23
C HIS C 919 20.40 -32.73 40.81
N SER C 920 20.72 -34.00 41.12
CA SER C 920 19.78 -35.08 40.82
C SER C 920 18.44 -34.83 41.50
N LEU C 921 18.46 -34.40 42.76
CA LEU C 921 17.20 -34.10 43.45
C LEU C 921 16.39 -33.06 42.69
N LYS C 922 17.07 -32.11 42.04
CA LYS C 922 16.35 -31.08 41.28
C LYS C 922 15.44 -31.72 40.23
N GLU C 923 15.84 -32.86 39.68
CA GLU C 923 14.99 -33.55 38.71
C GLU C 923 13.75 -34.15 39.36
N ILE C 924 13.89 -34.69 40.57
CA ILE C 924 12.78 -35.43 41.19
C ILE C 924 11.56 -34.52 41.32
N ILE C 925 11.75 -33.34 41.91
CA ILE C 925 10.63 -32.41 42.09
C ILE C 925 10.05 -31.99 40.74
N SER C 926 10.86 -32.01 39.69
CA SER C 926 10.42 -31.63 38.35
C SER C 926 9.99 -32.84 37.52
N SER C 927 10.10 -34.04 38.07
CA SER C 927 9.78 -35.25 37.32
C SER C 927 8.88 -36.19 38.10
N ALA C 928 8.94 -36.13 39.42
CA ALA C 928 8.17 -37.06 40.24
C ALA C 928 6.72 -36.59 40.36
N SER C 929 5.82 -37.56 40.50
CA SER C 929 4.41 -37.24 40.68
C SER C 929 4.18 -36.52 41.99
N VAL C 930 3.40 -35.45 41.95
CA VAL C 930 3.14 -34.65 43.16
C VAL C 930 2.38 -35.48 44.18
N VAL C 931 1.38 -36.23 43.75
CA VAL C 931 0.59 -37.03 44.68
C VAL C 931 1.48 -38.04 45.38
N GLY C 932 2.36 -38.70 44.62
CA GLY C 932 3.33 -39.59 45.22
C GLY C 932 4.43 -38.90 46.00
N LEU C 933 4.67 -37.61 45.73
CA LEU C 933 5.69 -36.85 46.44
C LEU C 933 5.17 -36.24 47.74
N LYS C 934 3.85 -36.22 47.95
CA LYS C 934 3.30 -35.65 49.18
C LYS C 934 3.95 -36.20 50.44
N PRO C 935 4.09 -37.52 50.62
CA PRO C 935 4.68 -38.02 51.88
C PRO C 935 6.11 -37.55 52.11
N TYR C 936 6.93 -37.45 51.07
CA TYR C 936 8.35 -37.10 51.19
C TYR C 936 8.52 -35.62 50.88
N VAL C 937 8.00 -34.76 51.75
CA VAL C 937 8.15 -33.32 51.63
C VAL C 937 8.85 -32.72 52.84
N GLU C 938 8.48 -33.15 54.04
CA GLU C 938 9.08 -32.59 55.24
C GLU C 938 10.58 -32.90 55.30
N ASN C 939 10.97 -34.11 54.94
CA ASN C 939 12.39 -34.47 54.97
C ASN C 939 13.19 -33.62 53.98
N ILE C 940 12.68 -33.44 52.77
CA ILE C 940 13.37 -32.63 51.78
C ILE C 940 13.47 -31.18 52.25
N TRP C 941 12.38 -30.65 52.81
CA TRP C 941 12.41 -29.28 53.30
C TRP C 941 13.43 -29.11 54.42
N ALA C 942 13.46 -30.06 55.36
CA ALA C 942 14.43 -29.99 56.45
C ALA C 942 15.85 -30.07 55.93
N LEU C 943 16.11 -30.96 54.98
CA LEU C 943 17.46 -31.07 54.41
C LEU C 943 17.86 -29.77 53.72
N LEU C 944 16.95 -29.19 52.93
CA LEU C 944 17.26 -27.94 52.25
C LEU C 944 17.54 -26.82 53.23
N LEU C 945 16.72 -26.71 54.29
CA LEU C 945 16.95 -25.67 55.28
C LEU C 945 18.29 -25.88 56.01
N LYS C 946 18.62 -27.12 56.35
CA LYS C 946 19.89 -27.39 57.00
C LYS C 946 21.06 -27.05 56.09
N HIS C 947 20.96 -27.38 54.81
CA HIS C 947 22.02 -27.10 53.85
C HIS C 947 21.93 -25.70 53.26
N CYS C 948 20.93 -24.91 53.65
CA CYS C 948 20.79 -23.57 53.12
C CYS C 948 22.02 -22.71 53.46
N GLU C 949 22.50 -22.80 54.69
CA GLU C 949 23.66 -22.04 55.14
C GLU C 949 24.91 -22.87 54.85
N CYS C 950 25.55 -22.61 53.72
CA CYS C 950 26.76 -23.32 53.31
C CYS C 950 27.78 -22.32 52.81
N ALA C 951 29.06 -22.66 53.01
CA ALA C 951 30.14 -21.80 52.55
C ALA C 951 30.20 -21.74 51.03
N GLU C 952 29.99 -22.87 50.35
CA GLU C 952 30.06 -22.90 48.90
C GLU C 952 28.92 -22.09 48.30
N GLU C 953 29.25 -21.23 47.33
CA GLU C 953 28.23 -20.43 46.69
C GLU C 953 27.39 -21.26 45.72
N GLY C 954 28.03 -22.20 45.01
CA GLY C 954 27.28 -23.06 44.11
C GLY C 954 26.29 -23.94 44.85
N THR C 955 26.67 -24.46 46.01
CA THR C 955 25.73 -25.24 46.81
C THR C 955 24.56 -24.38 47.27
N ARG C 956 24.83 -23.13 47.66
CA ARG C 956 23.76 -22.23 48.04
C ARG C 956 22.81 -22.00 46.88
N ASN C 957 23.34 -21.79 45.67
CA ASN C 957 22.48 -21.63 44.51
C ASN C 957 21.65 -22.87 44.27
N VAL C 958 22.26 -24.05 44.38
CA VAL C 958 21.54 -25.29 44.10
C VAL C 958 20.40 -25.47 45.11
N VAL C 959 20.66 -25.23 46.39
CA VAL C 959 19.61 -25.40 47.38
C VAL C 959 18.52 -24.35 47.19
N ALA C 960 18.90 -23.14 46.79
CA ALA C 960 17.90 -22.11 46.52
C ALA C 960 16.99 -22.52 45.37
N GLU C 961 17.56 -23.03 44.28
CA GLU C 961 16.74 -23.50 43.16
C GLU C 961 15.85 -24.65 43.57
N CYS C 962 16.39 -25.59 44.36
CA CYS C 962 15.58 -26.71 44.82
C CYS C 962 14.40 -26.24 45.66
N LEU C 963 14.65 -25.29 46.57
CA LEU C 963 13.56 -24.75 47.38
C LEU C 963 12.54 -24.04 46.51
N GLY C 964 12.99 -23.27 45.53
CA GLY C 964 12.06 -22.59 44.64
C GLY C 964 11.19 -23.56 43.87
N LYS C 965 11.80 -24.63 43.34
CA LYS C 965 11.03 -25.64 42.63
C LYS C 965 10.04 -26.35 43.54
N LEU C 966 10.45 -26.66 44.78
CA LEU C 966 9.56 -27.33 45.71
C LEU C 966 8.43 -26.42 46.18
N THR C 967 8.64 -25.10 46.18
CA THR C 967 7.60 -24.18 46.61
C THR C 967 6.38 -24.22 45.71
N LEU C 968 6.51 -24.75 44.49
CA LEU C 968 5.36 -24.81 43.59
C LEU C 968 4.25 -25.66 44.17
N ILE C 969 4.60 -26.81 44.76
CA ILE C 969 3.59 -27.71 45.30
C ILE C 969 3.05 -27.16 46.62
N ASP C 970 1.77 -27.44 46.88
CA ASP C 970 1.04 -27.01 48.08
C ASP C 970 1.49 -25.62 48.53
N PRO C 971 1.27 -24.59 47.72
CA PRO C 971 1.66 -23.24 48.15
C PRO C 971 0.99 -22.79 49.43
N GLU C 972 -0.27 -23.19 49.65
CA GLU C 972 -0.99 -22.73 50.84
C GLU C 972 -0.33 -23.19 52.13
N THR C 973 0.48 -24.25 52.08
CA THR C 973 1.15 -24.76 53.26
C THR C 973 2.55 -24.20 53.45
N LEU C 974 3.18 -23.69 52.40
CA LEU C 974 4.55 -23.19 52.47
C LEU C 974 4.64 -21.67 52.51
N LEU C 975 3.78 -20.96 51.79
CA LEU C 975 3.86 -19.50 51.75
C LEU C 975 3.85 -18.86 53.13
N PRO C 976 2.94 -19.21 54.04
CA PRO C 976 3.01 -18.62 55.38
C PRO C 976 4.33 -18.89 56.09
N ARG C 977 4.90 -20.08 55.91
CA ARG C 977 6.19 -20.37 56.53
C ARG C 977 7.29 -19.47 55.95
N LEU C 978 7.30 -19.29 54.63
CA LEU C 978 8.28 -18.40 54.01
C LEU C 978 8.11 -16.98 54.51
N LYS C 979 6.86 -16.52 54.65
CA LYS C 979 6.62 -15.20 55.22
C LYS C 979 7.17 -15.11 56.64
N GLY C 980 6.96 -16.15 57.43
CA GLY C 980 7.46 -16.15 58.79
C GLY C 980 8.97 -16.09 58.87
N TYR C 981 9.67 -16.83 58.00
CA TYR C 981 11.13 -16.81 58.03
C TYR C 981 11.70 -15.42 57.82
N LEU C 982 10.95 -14.52 57.18
CA LEU C 982 11.45 -13.16 56.94
C LEU C 982 11.38 -12.28 58.18
N ILE C 983 10.71 -12.71 59.23
CA ILE C 983 10.60 -11.89 60.44
C ILE C 983 11.86 -11.99 61.30
N SER C 984 12.50 -13.17 61.36
CA SER C 984 13.70 -13.33 62.17
C SER C 984 14.78 -14.13 61.48
N GLY C 985 14.74 -14.27 60.15
CA GLY C 985 15.75 -15.04 59.46
C GLY C 985 17.06 -14.29 59.32
N SER C 986 18.12 -15.04 59.05
CA SER C 986 19.44 -14.48 58.87
C SER C 986 19.60 -13.96 57.45
N SER C 987 20.71 -13.27 57.19
CA SER C 987 20.94 -12.69 55.86
C SER C 987 21.00 -13.78 54.81
N TYR C 988 21.75 -14.86 55.07
CA TYR C 988 21.85 -15.94 54.10
C TYR C 988 20.50 -16.62 53.90
N ALA C 989 19.76 -16.86 54.99
CA ALA C 989 18.45 -17.48 54.88
C ALA C 989 17.49 -16.59 54.09
N ARG C 990 17.51 -15.29 54.36
CA ARG C 990 16.65 -14.37 53.62
C ARG C 990 17.01 -14.36 52.13
N SER C 991 18.31 -14.34 51.82
CA SER C 991 18.74 -14.37 50.42
C SER C 991 18.27 -15.66 49.74
N SER C 992 18.42 -16.79 50.44
CA SER C 992 18.02 -18.06 49.85
C SER C 992 16.51 -18.09 49.60
N VAL C 993 15.71 -17.62 50.55
CA VAL C 993 14.26 -17.71 50.40
C VAL C 993 13.79 -16.76 49.30
N VAL C 994 14.38 -15.57 49.22
CA VAL C 994 13.99 -14.65 48.15
C VAL C 994 14.44 -15.19 46.78
N THR C 995 15.59 -15.84 46.71
CA THR C 995 16.00 -16.46 45.44
C THR C 995 15.09 -17.61 45.05
N ALA C 996 14.57 -18.35 46.04
CA ALA C 996 13.71 -19.49 45.74
C ALA C 996 12.44 -19.04 45.02
N VAL C 997 11.80 -17.98 45.51
CA VAL C 997 10.55 -17.52 44.92
C VAL C 997 10.80 -16.84 43.58
N LYS C 998 12.05 -16.48 43.27
CA LYS C 998 12.33 -15.84 41.99
C LYS C 998 12.00 -16.76 40.82
N PHE C 999 12.33 -18.04 40.94
CA PHE C 999 12.09 -19.00 39.87
C PHE C 999 10.62 -19.39 39.75
N THR C 1000 9.80 -19.08 40.75
CA THR C 1000 8.38 -19.44 40.69
C THR C 1000 7.64 -18.70 39.58
N ILE C 1001 8.16 -17.55 39.14
CA ILE C 1001 7.49 -16.77 38.11
C ILE C 1001 7.70 -17.43 36.75
N SER C 1002 6.62 -17.57 35.99
CA SER C 1002 6.68 -18.14 34.65
C SER C 1002 5.85 -17.28 33.70
N ASP C 1003 6.23 -17.32 32.43
CA ASP C 1003 5.53 -16.51 31.43
C ASP C 1003 4.06 -16.91 31.31
N HIS C 1004 3.79 -18.21 31.29
CA HIS C 1004 2.42 -18.69 31.14
C HIS C 1004 1.67 -18.59 32.46
N PRO C 1005 0.33 -18.57 32.40
CA PRO C 1005 -0.45 -18.49 33.65
C PRO C 1005 -0.18 -19.68 34.55
N GLN C 1006 -0.23 -19.44 35.85
CA GLN C 1006 -0.02 -20.46 36.86
C GLN C 1006 -1.09 -20.31 37.93
N PRO C 1007 -1.40 -21.39 38.66
CA PRO C 1007 -2.42 -21.29 39.73
C PRO C 1007 -1.96 -20.49 40.94
N ILE C 1008 -0.69 -20.10 41.01
CA ILE C 1008 -0.17 -19.36 42.16
C ILE C 1008 -0.17 -17.87 41.85
N ASP C 1009 -0.96 -17.47 40.84
CA ASP C 1009 -1.00 -16.05 40.45
C ASP C 1009 -1.44 -15.15 41.59
N PRO C 1010 -2.67 -15.25 42.11
CA PRO C 1010 -3.06 -14.36 43.21
C PRO C 1010 -2.20 -14.53 44.44
N LEU C 1011 -1.79 -15.77 44.76
CA LEU C 1011 -0.98 -16.00 45.95
C LEU C 1011 0.36 -15.28 45.85
N LEU C 1012 1.03 -15.44 44.71
CA LEU C 1012 2.32 -14.76 44.51
C LEU C 1012 2.13 -13.24 44.47
N LYS C 1013 1.04 -12.79 43.84
CA LYS C 1013 0.78 -11.35 43.76
C LYS C 1013 0.63 -10.74 45.15
N ASN C 1014 -0.10 -11.43 46.04
CA ASN C 1014 -0.27 -10.95 47.39
C ASN C 1014 0.99 -11.10 48.24
N CYS C 1015 1.78 -12.14 48.01
CA CYS C 1015 2.97 -12.41 48.82
C CYS C 1015 4.15 -11.51 48.46
N ILE C 1016 4.30 -11.14 47.18
CA ILE C 1016 5.48 -10.42 46.75
C ILE C 1016 5.54 -9.00 47.33
N GLY C 1017 4.44 -8.50 47.88
CA GLY C 1017 4.41 -7.15 48.42
C GLY C 1017 5.48 -6.89 49.46
N ASP C 1018 5.39 -7.58 50.59
CA ASP C 1018 6.37 -7.38 51.65
C ASP C 1018 7.76 -7.83 51.22
N PHE C 1019 7.84 -8.82 50.33
CA PHE C 1019 9.14 -9.27 49.83
C PHE C 1019 9.87 -8.16 49.10
N LEU C 1020 9.15 -7.39 48.28
CA LEU C 1020 9.76 -6.34 47.48
C LEU C 1020 9.88 -5.01 48.22
N LYS C 1021 8.98 -4.75 49.17
CA LYS C 1021 8.91 -3.41 49.76
C LYS C 1021 9.86 -3.25 50.93
N THR C 1022 9.71 -4.08 51.96
CA THR C 1022 10.39 -3.86 53.24
C THR C 1022 11.61 -4.77 53.38
N LEU C 1023 12.27 -5.04 52.25
CA LEU C 1023 13.43 -5.92 52.27
C LEU C 1023 14.53 -5.38 51.35
N GLU C 1024 14.80 -4.08 51.42
CA GLU C 1024 15.87 -3.46 50.65
C GLU C 1024 16.66 -2.48 51.51
N ASP C 1025 16.23 -2.29 52.75
CA ASP C 1025 16.90 -1.34 53.64
C ASP C 1025 18.18 -1.91 54.24
N PRO C 1026 18.11 -3.04 54.97
CA PRO C 1026 19.23 -3.39 55.86
C PRO C 1026 20.54 -3.79 55.18
N ASP C 1027 20.48 -4.75 54.25
CA ASP C 1027 21.70 -5.42 53.81
C ASP C 1027 22.00 -5.11 52.35
N LEU C 1028 23.23 -5.45 51.95
CA LEU C 1028 23.70 -5.25 50.58
C LEU C 1028 23.39 -6.45 49.69
N ASN C 1029 23.75 -7.65 50.12
CA ASN C 1029 23.42 -8.85 49.35
C ASN C 1029 21.91 -9.03 49.25
N VAL C 1030 21.19 -8.74 50.34
CA VAL C 1030 19.73 -8.80 50.31
C VAL C 1030 19.20 -7.82 49.28
N ARG C 1031 19.76 -6.60 49.25
CA ARG C 1031 19.34 -5.61 48.26
C ARG C 1031 19.59 -6.11 46.85
N ARG C 1032 20.77 -6.69 46.61
CA ARG C 1032 21.09 -7.16 45.26
C ARG C 1032 20.14 -8.27 44.81
N VAL C 1033 19.88 -9.23 45.70
CA VAL C 1033 18.99 -10.34 45.32
C VAL C 1033 17.57 -9.83 45.14
N ALA C 1034 17.12 -8.88 45.96
CA ALA C 1034 15.78 -8.32 45.78
C ALA C 1034 15.68 -7.61 44.45
N LEU C 1035 16.70 -6.83 44.08
CA LEU C 1035 16.68 -6.14 42.79
C LEU C 1035 16.68 -7.14 41.64
N VAL C 1036 17.47 -8.21 41.75
CA VAL C 1036 17.49 -9.22 40.71
C VAL C 1036 16.12 -9.88 40.57
N THR C 1037 15.48 -10.21 41.69
CA THR C 1037 14.16 -10.81 41.65
C THR C 1037 13.14 -9.85 41.03
N PHE C 1038 13.22 -8.57 41.38
CA PHE C 1038 12.30 -7.59 40.79
C PHE C 1038 12.51 -7.49 39.28
N ASN C 1039 13.76 -7.46 38.84
CA ASN C 1039 14.04 -7.41 37.40
C ASN C 1039 13.51 -8.65 36.70
N SER C 1040 13.71 -9.83 37.30
CA SER C 1040 13.20 -11.05 36.69
C SER C 1040 11.68 -11.04 36.60
N ALA C 1041 11.01 -10.58 37.66
CA ALA C 1041 9.55 -10.49 37.62
C ALA C 1041 9.09 -9.52 36.56
N ALA C 1042 9.75 -8.36 36.44
CA ALA C 1042 9.37 -7.39 35.42
C ALA C 1042 9.56 -7.96 34.01
N HIS C 1043 10.66 -8.67 33.78
CA HIS C 1043 10.93 -9.24 32.46
C HIS C 1043 9.91 -10.31 32.09
N ASN C 1044 9.51 -11.14 33.04
CA ASN C 1044 8.63 -12.27 32.74
C ASN C 1044 7.16 -11.89 32.91
N LYS C 1045 6.78 -11.49 34.12
CA LYS C 1045 5.39 -11.15 34.43
C LYS C 1045 5.34 -9.78 35.09
N PRO C 1046 5.13 -8.69 34.35
CA PRO C 1046 5.13 -7.36 34.96
C PRO C 1046 3.82 -6.98 35.64
N SER C 1047 2.81 -7.85 35.61
CA SER C 1047 1.55 -7.54 36.27
C SER C 1047 1.66 -7.56 37.78
N LEU C 1048 2.58 -8.35 38.33
CA LEU C 1048 2.72 -8.43 39.79
C LEU C 1048 3.25 -7.12 40.37
N ILE C 1049 4.10 -6.42 39.63
CA ILE C 1049 4.69 -5.18 40.11
C ILE C 1049 3.95 -3.98 39.50
N ARG C 1050 2.71 -4.21 39.06
CA ARG C 1050 1.91 -3.17 38.45
C ARG C 1050 1.18 -2.29 39.46
N ASP C 1051 0.65 -2.88 40.53
CA ASP C 1051 -0.08 -2.13 41.54
C ASP C 1051 0.81 -1.59 42.65
N LEU C 1052 2.06 -2.03 42.73
CA LEU C 1052 2.99 -1.59 43.77
C LEU C 1052 4.23 -0.93 43.20
N LEU C 1053 4.19 -0.52 41.93
CA LEU C 1053 5.36 0.10 41.32
C LEU C 1053 5.75 1.38 42.04
N ASP C 1054 4.75 2.23 42.35
CA ASP C 1054 5.04 3.48 43.05
C ASP C 1054 5.55 3.22 44.46
N THR C 1055 5.03 2.19 45.13
CA THR C 1055 5.46 1.90 46.49
C THR C 1055 6.94 1.51 46.56
N VAL C 1056 7.51 1.03 45.46
CA VAL C 1056 8.91 0.62 45.43
C VAL C 1056 9.79 1.58 44.65
N LEU C 1057 9.21 2.52 43.90
CA LEU C 1057 10.02 3.47 43.14
C LEU C 1057 11.01 4.24 44.00
N PRO C 1058 10.65 4.77 45.17
CA PRO C 1058 11.65 5.49 45.97
C PRO C 1058 12.86 4.64 46.33
N HIS C 1059 12.65 3.37 46.71
CA HIS C 1059 13.78 2.52 47.06
C HIS C 1059 14.67 2.26 45.85
N LEU C 1060 14.06 1.97 44.70
CA LEU C 1060 14.84 1.73 43.49
C LEU C 1060 15.65 2.97 43.12
N TYR C 1061 15.03 4.15 43.20
CA TYR C 1061 15.75 5.38 42.90
C TYR C 1061 16.90 5.61 43.87
N ASN C 1062 16.68 5.35 45.15
CA ASN C 1062 17.74 5.50 46.14
C ASN C 1062 18.90 4.55 45.85
N GLU C 1063 18.60 3.31 45.48
CA GLU C 1063 19.65 2.34 45.22
C GLU C 1063 20.55 2.74 44.06
N THR C 1064 20.09 3.61 43.17
CA THR C 1064 20.89 4.03 42.03
C THR C 1064 22.02 4.96 42.42
N LYS C 1065 21.91 5.66 43.56
CA LYS C 1065 22.95 6.59 43.96
C LYS C 1065 24.24 5.84 44.27
N VAL C 1066 25.36 6.50 43.97
CA VAL C 1066 26.69 5.92 44.18
C VAL C 1066 27.12 6.19 45.62
N ARG C 1067 27.79 5.22 46.21
CA ARG C 1067 28.30 5.31 47.58
C ARG C 1067 29.83 5.26 47.54
N LYS C 1068 30.47 6.25 48.14
CA LYS C 1068 31.92 6.34 48.16
C LYS C 1068 32.53 5.63 49.37
N GLU C 1069 31.70 5.13 50.30
CA GLU C 1069 32.19 4.26 51.38
C GLU C 1069 32.51 2.85 50.89
N LEU C 1070 31.84 2.41 49.81
CA LEU C 1070 32.04 1.06 49.27
C LEU C 1070 32.96 1.05 48.06
N ILE C 1071 33.96 1.94 48.04
CA ILE C 1071 34.91 2.04 46.94
C ILE C 1071 36.30 1.98 47.57
N ARG C 1072 36.98 0.85 47.41
CA ARG C 1072 38.33 0.68 47.92
C ARG C 1072 39.35 0.91 46.79
N GLU C 1073 40.53 1.35 47.18
CA GLU C 1073 41.59 1.64 46.23
C GLU C 1073 42.93 1.23 46.82
N VAL C 1074 43.77 0.63 45.99
CA VAL C 1074 45.14 0.25 46.37
C VAL C 1074 46.09 0.84 45.33
N GLU C 1075 47.11 1.56 45.80
CA GLU C 1075 48.07 2.20 44.94
C GLU C 1075 49.48 1.76 45.33
N MET C 1076 50.25 1.36 44.32
CA MET C 1076 51.62 0.89 44.54
C MET C 1076 52.56 1.47 43.49
N GLY C 1077 52.36 2.75 43.15
CA GLY C 1077 53.19 3.40 42.16
C GLY C 1077 52.39 4.35 41.30
N PRO C 1078 52.95 4.73 40.15
CA PRO C 1078 52.21 5.63 39.24
C PRO C 1078 50.88 5.07 38.79
N PHE C 1079 50.75 3.76 38.66
CA PHE C 1079 49.51 3.14 38.24
C PHE C 1079 48.47 3.24 39.34
N LYS C 1080 47.20 3.12 38.97
CA LYS C 1080 46.10 3.20 39.93
C LYS C 1080 44.99 2.26 39.48
N HIS C 1081 44.34 1.62 40.45
CA HIS C 1081 43.24 0.70 40.18
C HIS C 1081 42.21 0.83 41.29
N THR C 1082 40.95 1.06 40.91
CA THR C 1082 39.86 1.21 41.86
C THR C 1082 38.94 0.01 41.79
N VAL C 1083 38.63 -0.57 42.95
CA VAL C 1083 37.74 -1.71 43.06
C VAL C 1083 36.50 -1.28 43.82
N ASP C 1084 35.33 -1.56 43.25
CA ASP C 1084 34.05 -1.17 43.84
C ASP C 1084 33.28 -2.42 44.25
N ASP C 1085 32.86 -2.46 45.52
CA ASP C 1085 32.08 -3.57 46.03
C ASP C 1085 30.58 -3.39 45.84
N GLY C 1086 30.13 -2.21 45.41
CA GLY C 1086 28.73 -1.95 45.18
C GLY C 1086 28.33 -1.75 43.74
N LEU C 1087 29.24 -1.95 42.78
CA LEU C 1087 28.90 -1.75 41.37
C LEU C 1087 27.86 -2.75 40.88
N ASP C 1088 27.79 -3.94 41.49
CA ASP C 1088 26.83 -4.94 41.05
C ASP C 1088 25.39 -4.45 41.22
N ILE C 1089 25.10 -3.81 42.35
CA ILE C 1089 23.74 -3.33 42.59
C ILE C 1089 23.35 -2.27 41.56
N ARG C 1090 24.27 -1.37 41.24
CA ARG C 1090 23.96 -0.31 40.28
C ARG C 1090 23.61 -0.89 38.91
N LYS C 1091 24.36 -1.90 38.47
CA LYS C 1091 24.06 -2.52 37.19
C LYS C 1091 22.69 -3.17 37.20
N ALA C 1092 22.34 -3.85 38.29
CA ALA C 1092 21.02 -4.47 38.40
C ALA C 1092 19.92 -3.42 38.37
N ALA C 1093 20.12 -2.30 39.08
CA ALA C 1093 19.13 -1.24 39.09
C ALA C 1093 18.95 -0.64 37.70
N PHE C 1094 20.05 -0.42 36.98
CA PHE C 1094 19.95 0.12 35.63
C PHE C 1094 19.25 -0.86 34.69
N GLU C 1095 19.56 -2.15 34.81
CA GLU C 1095 18.88 -3.14 33.99
C GLU C 1095 17.39 -3.19 34.29
N CYS C 1096 17.02 -3.10 35.57
CA CYS C 1096 15.61 -3.07 35.93
C CYS C 1096 14.92 -1.84 35.35
N MET C 1097 15.58 -0.68 35.44
CA MET C 1097 15.02 0.53 34.87
C MET C 1097 14.80 0.39 33.37
N TYR C 1098 15.78 -0.18 32.66
CA TYR C 1098 15.63 -0.38 31.22
C TYR C 1098 14.47 -1.31 30.92
N THR C 1099 14.43 -2.47 31.59
CA THR C 1099 13.37 -3.44 31.32
C THR C 1099 12.00 -2.94 31.75
N LEU C 1100 11.94 -1.93 32.61
CA LEU C 1100 10.66 -1.38 33.01
C LEU C 1100 9.97 -0.59 31.91
N LEU C 1101 10.66 -0.31 30.81
CA LEU C 1101 10.10 0.48 29.71
C LEU C 1101 9.08 -0.30 28.88
N ASP C 1102 8.93 -1.60 29.11
CA ASP C 1102 8.07 -2.42 28.25
C ASP C 1102 6.62 -1.94 28.28
N SER C 1103 5.97 -2.06 29.43
CA SER C 1103 4.56 -1.69 29.56
C SER C 1103 4.31 -0.98 30.90
N CYS C 1104 5.21 -0.07 31.26
CA CYS C 1104 5.06 0.68 32.50
C CYS C 1104 5.35 2.17 32.36
N LEU C 1105 5.72 2.65 31.18
CA LEU C 1105 5.97 4.08 31.00
C LEU C 1105 4.73 4.92 31.21
N ASP C 1106 3.54 4.36 31.00
CA ASP C 1106 2.32 5.13 31.17
C ASP C 1106 2.05 5.49 32.62
N ARG C 1107 2.67 4.80 33.57
CA ARG C 1107 2.45 5.05 34.99
C ARG C 1107 3.59 5.84 35.64
N LEU C 1108 4.83 5.40 35.50
CA LEU C 1108 5.95 6.10 36.10
C LEU C 1108 6.15 7.46 35.45
N ASP C 1109 6.47 8.46 36.28
CA ASP C 1109 6.68 9.81 35.79
C ASP C 1109 8.01 9.92 35.06
N ILE C 1110 8.10 10.92 34.18
CA ILE C 1110 9.28 11.09 33.34
C ILE C 1110 10.31 12.02 33.97
N PHE C 1111 9.87 13.16 34.52
CA PHE C 1111 10.79 14.14 35.08
C PHE C 1111 11.60 13.54 36.22
N GLU C 1112 10.92 12.83 37.13
CA GLU C 1112 11.62 12.20 38.25
C GLU C 1112 12.43 11.00 37.81
N PHE C 1113 12.21 10.49 36.60
CA PHE C 1113 12.93 9.33 36.10
C PHE C 1113 14.22 9.69 35.38
N LEU C 1114 14.23 10.77 34.60
CA LEU C 1114 15.43 11.11 33.84
C LEU C 1114 16.49 11.84 34.65
N ASN C 1115 16.15 12.35 35.84
CA ASN C 1115 17.18 13.01 36.66
C ASN C 1115 18.26 12.01 37.06
N HIS C 1116 17.85 10.81 37.49
CA HIS C 1116 18.82 9.80 37.90
C HIS C 1116 19.63 9.32 36.71
N VAL C 1117 19.01 9.22 35.53
CA VAL C 1117 19.75 8.86 34.32
C VAL C 1117 20.79 9.93 34.01
N GLU C 1118 20.41 11.20 34.13
CA GLU C 1118 21.34 12.29 33.92
C GLU C 1118 22.52 12.20 34.87
N ASP C 1119 22.24 11.89 36.14
CA ASP C 1119 23.32 11.70 37.11
C ASP C 1119 24.19 10.52 36.72
N GLY C 1120 23.58 9.44 36.19
CA GLY C 1120 24.32 8.23 35.91
C GLY C 1120 25.06 8.21 34.58
N LEU C 1121 24.84 9.22 33.73
CA LEU C 1121 25.65 9.32 32.52
C LEU C 1121 27.13 9.21 32.84
N LYS C 1122 27.58 9.90 33.90
CA LYS C 1122 28.97 9.85 34.33
C LYS C 1122 29.12 8.71 35.33
N ASP C 1123 29.33 7.51 34.80
CA ASP C 1123 29.42 6.31 35.61
C ASP C 1123 30.36 5.33 34.90
N HIS C 1124 30.31 4.07 35.31
CA HIS C 1124 31.21 3.05 34.78
C HIS C 1124 30.95 2.81 33.30
N TYR C 1125 31.94 2.20 32.63
CA TYR C 1125 31.85 1.98 31.19
C TYR C 1125 30.63 1.16 30.82
N ASP C 1126 30.40 0.04 31.50
CA ASP C 1126 29.23 -0.78 31.19
C ASP C 1126 27.95 0.00 31.44
N ILE C 1127 27.86 0.68 32.57
CA ILE C 1127 26.70 1.52 32.85
C ILE C 1127 26.61 2.66 31.85
N LYS C 1128 27.75 3.20 31.40
CA LYS C 1128 27.72 4.25 30.40
C LYS C 1128 27.10 3.77 29.10
N MET C 1129 27.51 2.59 28.62
CA MET C 1129 26.92 2.03 27.41
C MET C 1129 25.44 1.73 27.61
N LEU C 1130 25.07 1.20 28.77
CA LEU C 1130 23.66 0.91 29.03
C LEU C 1130 22.83 2.18 29.00
N THR C 1131 23.33 3.26 29.60
CA THR C 1131 22.61 4.53 29.59
C THR C 1131 22.55 5.11 28.18
N PHE C 1132 23.62 4.96 27.40
CA PHE C 1132 23.59 5.43 26.01
C PHE C 1132 22.52 4.69 25.22
N LEU C 1133 22.43 3.37 25.40
CA LEU C 1133 21.41 2.60 24.72
C LEU C 1133 20.01 2.97 25.20
N MET C 1134 19.87 3.26 26.49
CA MET C 1134 18.60 3.77 27.01
C MET C 1134 18.20 5.05 26.30
N LEU C 1135 19.15 5.98 26.16
CA LEU C 1135 18.87 7.24 25.48
C LEU C 1135 18.49 7.01 24.02
N VAL C 1136 19.19 6.09 23.36
CA VAL C 1136 18.87 5.77 21.97
C VAL C 1136 17.44 5.25 21.86
N ARG C 1137 17.06 4.34 22.76
CA ARG C 1137 15.71 3.80 22.73
C ARG C 1137 14.66 4.87 23.04
N LEU C 1138 14.99 5.80 23.93
CA LEU C 1138 14.06 6.86 24.32
C LEU C 1138 13.82 7.88 23.20
N SER C 1139 14.58 7.82 22.11
CA SER C 1139 14.39 8.77 21.03
C SER C 1139 12.99 8.67 20.44
N THR C 1140 12.47 7.46 20.25
CA THR C 1140 11.15 7.27 19.67
C THR C 1140 10.03 7.36 20.70
N LEU C 1141 10.36 7.42 21.99
CA LEU C 1141 9.37 7.47 23.06
C LEU C 1141 9.43 8.84 23.75
N CYS C 1142 8.27 9.46 23.93
CA CYS C 1142 8.13 10.76 24.59
C CYS C 1142 9.25 11.70 24.17
N PRO C 1143 9.38 12.02 22.88
CA PRO C 1143 10.47 12.90 22.44
C PRO C 1143 10.38 14.30 23.02
N SER C 1144 9.20 14.77 23.43
CA SER C 1144 9.08 16.12 23.97
C SER C 1144 9.89 16.27 25.25
N ALA C 1145 9.78 15.30 26.16
CA ALA C 1145 10.54 15.36 27.41
C ALA C 1145 12.04 15.33 27.14
N VAL C 1146 12.49 14.50 26.20
CA VAL C 1146 13.92 14.44 25.89
C VAL C 1146 14.39 15.77 25.30
N LEU C 1147 13.58 16.37 24.43
CA LEU C 1147 13.97 17.64 23.80
C LEU C 1147 13.98 18.78 24.82
N GLN C 1148 13.10 18.72 25.82
CA GLN C 1148 13.04 19.79 26.82
C GLN C 1148 14.29 19.86 27.69
N ARG C 1149 15.14 18.83 27.66
CA ARG C 1149 16.33 18.80 28.50
C ARG C 1149 17.57 18.31 27.75
N LEU C 1150 17.48 18.17 26.42
CA LEU C 1150 18.61 17.77 25.59
C LEU C 1150 19.91 18.46 26.02
N ASP C 1151 19.84 19.74 26.39
CA ASP C 1151 21.04 20.47 26.76
C ASP C 1151 21.79 19.77 27.89
N ARG C 1152 21.11 19.57 29.02
CA ARG C 1152 21.77 18.93 30.16
C ARG C 1152 21.97 17.44 29.95
N LEU C 1153 21.16 16.79 29.11
CA LEU C 1153 21.44 15.39 28.78
C LEU C 1153 22.77 15.26 28.04
N VAL C 1154 23.06 16.19 27.13
CA VAL C 1154 24.23 16.05 26.28
C VAL C 1154 25.48 16.70 26.89
N GLU C 1155 25.31 17.65 27.81
CA GLU C 1155 26.47 18.31 28.40
C GLU C 1155 27.44 17.31 29.03
N PRO C 1156 27.03 16.40 29.90
CA PRO C 1156 27.97 15.37 30.36
C PRO C 1156 28.49 14.52 29.23
N LEU C 1157 27.65 14.26 28.22
CA LEU C 1157 28.07 13.46 27.08
C LEU C 1157 29.15 14.19 26.29
N ARG C 1158 28.99 15.49 26.08
CA ARG C 1158 30.04 16.29 25.43
C ARG C 1158 31.31 16.29 26.26
N ALA C 1159 31.18 16.43 27.58
CA ALA C 1159 32.37 16.41 28.44
C ALA C 1159 33.11 15.09 28.31
N THR C 1160 32.37 13.98 28.28
CA THR C 1160 33.01 12.67 28.10
C THR C 1160 33.66 12.57 26.73
N CYS C 1161 33.00 13.05 25.68
CA CYS C 1161 33.56 12.96 24.34
C CYS C 1161 34.81 13.82 24.20
N THR C 1162 34.92 14.88 25.00
CA THR C 1162 36.10 15.76 24.98
C THR C 1162 37.22 15.23 25.87
N THR C 1163 37.21 13.94 26.20
CA THR C 1163 38.24 13.32 27.01
C THR C 1163 39.37 12.80 26.13
N LYS C 1164 40.56 12.72 26.71
CA LYS C 1164 41.76 12.26 26.01
C LYS C 1164 42.32 11.04 26.72
N VAL C 1165 42.86 10.11 25.95
CA VAL C 1165 43.43 8.88 26.52
C VAL C 1165 44.64 9.24 27.37
N LYS C 1166 44.78 8.55 28.51
CA LYS C 1166 45.92 8.77 29.38
C LYS C 1166 47.21 8.41 28.66
N ALA C 1167 48.22 9.27 28.78
CA ALA C 1167 49.48 9.04 28.11
C ALA C 1167 50.17 7.80 28.66
N ASN C 1168 50.86 7.07 27.78
CA ASN C 1168 51.59 5.86 28.14
C ASN C 1168 50.63 4.82 28.73
N SER C 1169 49.69 4.40 27.89
CA SER C 1169 48.69 3.41 28.25
C SER C 1169 48.67 2.30 27.22
N VAL C 1170 48.24 1.12 27.66
CA VAL C 1170 48.18 -0.05 26.78
C VAL C 1170 47.10 0.17 25.73
N LYS C 1171 47.13 -0.63 24.66
CA LYS C 1171 46.15 -0.49 23.60
C LYS C 1171 44.74 -0.83 24.08
N GLN C 1172 44.59 -1.58 25.17
CA GLN C 1172 43.27 -1.92 25.65
C GLN C 1172 42.50 -0.67 26.07
N GLU C 1173 43.16 0.26 26.78
CA GLU C 1173 42.49 1.49 27.18
C GLU C 1173 42.12 2.33 25.96
N PHE C 1174 43.03 2.41 24.98
CA PHE C 1174 42.74 3.14 23.75
C PHE C 1174 41.49 2.58 23.08
N GLU C 1175 41.44 1.26 22.91
CA GLU C 1175 40.28 0.64 22.28
C GLU C 1175 39.01 0.89 23.09
N LYS C 1176 39.10 0.77 24.41
CA LYS C 1176 37.93 0.94 25.26
C LYS C 1176 37.37 2.35 25.11
N GLN C 1177 38.25 3.36 25.17
CA GLN C 1177 37.79 4.74 24.99
C GLN C 1177 37.27 4.96 23.58
N ASP C 1178 37.85 4.29 22.58
CA ASP C 1178 37.34 4.43 21.22
C ASP C 1178 35.91 3.93 21.11
N GLU C 1179 35.63 2.74 21.67
CA GLU C 1179 34.26 2.24 21.64
C GLU C 1179 33.33 3.15 22.43
N LEU C 1180 33.80 3.69 23.55
CA LEU C 1180 32.96 4.63 24.30
C LEU C 1180 32.61 5.84 23.45
N LYS C 1181 33.60 6.39 22.73
CA LYS C 1181 33.34 7.55 21.88
C LYS C 1181 32.37 7.22 20.76
N ARG C 1182 32.53 6.04 20.13
CA ARG C 1182 31.62 5.65 19.07
C ARG C 1182 30.20 5.49 19.61
N SER C 1183 30.05 4.89 20.80
CA SER C 1183 28.73 4.76 21.40
C SER C 1183 28.12 6.12 21.69
N ALA C 1184 28.93 7.06 22.19
CA ALA C 1184 28.42 8.40 22.46
C ALA C 1184 27.96 9.08 21.17
N MET C 1185 28.74 8.94 20.09
CA MET C 1185 28.32 9.53 18.83
C MET C 1185 27.03 8.90 18.32
N ARG C 1186 26.91 7.57 18.45
CA ARG C 1186 25.67 6.92 18.02
C ARG C 1186 24.48 7.41 18.85
N ALA C 1187 24.69 7.60 20.16
CA ALA C 1187 23.61 8.09 21.02
C ALA C 1187 23.18 9.48 20.59
N VAL C 1188 24.14 10.38 20.36
CA VAL C 1188 23.77 11.75 19.97
C VAL C 1188 23.10 11.75 18.59
N ALA C 1189 23.58 10.91 17.67
CA ALA C 1189 22.95 10.84 16.36
C ALA C 1189 21.52 10.35 16.45
N ALA C 1190 21.27 9.32 17.27
CA ALA C 1190 19.90 8.85 17.47
C ALA C 1190 19.04 9.91 18.11
N LEU C 1191 19.57 10.64 19.09
CA LEU C 1191 18.81 11.70 19.74
C LEU C 1191 18.47 12.82 18.78
N LEU C 1192 19.39 13.16 17.87
CA LEU C 1192 19.13 14.24 16.93
C LEU C 1192 17.91 13.96 16.06
N THR C 1193 17.77 12.73 15.58
CA THR C 1193 16.64 12.36 14.73
C THR C 1193 15.33 12.59 15.47
N SER C 1200 20.38 25.08 19.40
CA SER C 1200 21.61 24.45 18.96
C SER C 1200 22.74 24.69 19.96
N PRO C 1201 22.78 23.92 21.04
CA PRO C 1201 23.86 24.09 22.03
C PRO C 1201 25.22 23.68 21.50
N LEU C 1202 25.80 24.54 20.66
CA LEU C 1202 27.15 24.36 20.11
C LEU C 1202 27.35 22.92 19.62
N MET C 1203 26.41 22.46 18.79
CA MET C 1203 26.53 21.13 18.21
C MET C 1203 27.60 21.07 17.11
N SER C 1204 28.01 22.21 16.58
CA SER C 1204 29.02 22.26 15.52
C SER C 1204 30.39 22.34 16.18
N GLU C 1205 30.98 21.18 16.44
CA GLU C 1205 32.30 21.09 17.06
C GLU C 1205 33.14 20.04 16.30
N PHE C 1206 33.11 20.12 14.98
CA PHE C 1206 33.83 19.19 14.11
C PHE C 1206 35.23 19.73 13.88
N GLN C 1207 36.19 19.22 14.65
CA GLN C 1207 37.59 19.62 14.48
C GLN C 1207 38.26 18.79 13.40
N SER C 1208 39.58 18.92 13.27
CA SER C 1208 40.30 18.26 12.18
C SER C 1208 40.20 16.74 12.27
N GLN C 1209 40.36 16.18 13.46
CA GLN C 1209 40.39 14.73 13.61
C GLN C 1209 38.99 14.14 13.73
N ILE C 1210 38.16 14.69 14.62
CA ILE C 1210 36.83 14.12 14.84
C ILE C 1210 36.03 14.08 13.55
N SER C 1211 36.34 14.98 12.61
CA SER C 1211 35.60 15.01 11.36
C SER C 1211 35.69 13.70 10.59
N SER C 1212 36.69 12.88 10.85
CA SER C 1212 36.86 11.62 10.17
C SER C 1212 36.15 10.46 10.86
N ASN C 1213 35.54 10.70 12.03
CA ASN C 1213 34.89 9.64 12.78
C ASN C 1213 33.48 9.34 12.28
N PRO C 1214 32.64 10.35 12.02
CA PRO C 1214 31.22 10.07 11.72
C PRO C 1214 30.98 9.10 10.57
N GLU C 1215 31.79 9.15 9.51
CA GLU C 1215 31.55 8.24 8.39
C GLU C 1215 31.72 6.79 8.81
N LEU C 1216 32.48 6.53 9.87
CA LEU C 1216 32.61 5.19 10.41
C LEU C 1216 31.41 4.76 11.24
N ALA C 1217 30.66 5.70 11.80
CA ALA C 1217 29.50 5.39 12.62
C ALA C 1217 28.25 5.17 11.78
N ALA C 1218 27.96 6.09 10.86
CA ALA C 1218 26.77 5.99 10.02
C ALA C 1218 26.88 4.78 9.09
N ARG D 64 10.60 7.25 -92.79
CA ARG D 64 10.88 8.57 -93.32
C ARG D 64 10.14 8.81 -94.63
N LYS D 65 10.60 8.16 -95.69
CA LYS D 65 9.98 8.28 -97.00
C LYS D 65 8.94 7.19 -97.20
N LYS D 66 7.85 7.54 -97.87
CA LYS D 66 6.71 6.69 -98.19
C LYS D 66 5.81 6.48 -96.97
N LEU D 67 6.18 6.97 -95.79
CA LEU D 67 5.35 6.83 -94.60
C LEU D 67 4.53 8.09 -94.30
N GLU D 68 4.97 9.25 -94.78
CA GLU D 68 4.22 10.48 -94.54
C GLU D 68 2.85 10.43 -95.20
N GLN D 69 2.77 9.85 -96.40
CA GLN D 69 1.49 9.74 -97.10
C GLN D 69 0.50 8.90 -96.30
N LEU D 70 0.98 7.79 -95.72
CA LEU D 70 0.09 6.95 -94.92
C LEU D 70 -0.43 7.70 -93.70
N TYR D 71 0.45 8.42 -93.00
CA TYR D 71 0.01 9.18 -91.84
C TYR D 71 -0.98 10.28 -92.23
N ASN D 72 -0.75 10.91 -93.39
CA ASN D 72 -1.67 11.95 -93.85
C ASN D 72 -3.04 11.38 -94.22
N ARG D 73 -3.07 10.24 -94.91
CA ARG D 73 -4.34 9.68 -95.35
C ARG D 73 -5.10 9.00 -94.22
N TYR D 74 -4.42 8.45 -93.22
CA TYR D 74 -5.13 7.87 -92.08
C TYR D 74 -5.90 8.94 -91.31
N LYS D 75 -5.30 10.11 -91.12
CA LYS D 75 -5.96 11.20 -90.40
C LYS D 75 -7.12 11.75 -91.21
N CYS D 92 -4.75 4.98 -87.91
CA CYS D 92 -5.81 4.60 -86.98
C CYS D 92 -5.77 3.09 -86.70
N ASP D 93 -5.80 2.30 -87.76
CA ASP D 93 -5.76 0.85 -87.63
C ASP D 93 -5.32 0.25 -88.96
N ASP D 94 -4.32 -0.64 -88.90
CA ASP D 94 -3.80 -1.29 -90.11
C ASP D 94 -4.60 -2.54 -90.42
N LEU D 95 -4.66 -3.46 -89.47
CA LEU D 95 -5.40 -4.71 -89.63
C LEU D 95 -6.76 -4.69 -88.94
N ALA D 96 -7.21 -3.53 -88.49
CA ALA D 96 -8.50 -3.37 -87.81
C ALA D 96 -8.54 -4.24 -86.55
N LEU D 97 -7.63 -3.92 -85.64
CA LEU D 97 -7.53 -4.62 -84.36
C LEU D 97 -8.63 -4.15 -83.41
N ASP D 98 -8.90 -4.97 -82.41
CA ASP D 98 -9.94 -4.65 -81.44
C ASP D 98 -9.54 -3.40 -80.65
N PRO D 99 -10.46 -2.44 -80.46
CA PRO D 99 -10.11 -1.25 -79.66
C PRO D 99 -9.66 -1.58 -78.24
N ALA D 100 -10.14 -2.68 -77.67
CA ALA D 100 -9.79 -3.07 -76.31
C ALA D 100 -8.62 -4.04 -76.26
N SER D 101 -7.82 -4.10 -77.31
CA SER D 101 -6.67 -4.99 -77.36
C SER D 101 -5.47 -4.35 -76.66
N ILE D 102 -4.37 -5.08 -76.62
CA ILE D 102 -3.15 -4.58 -75.97
C ILE D 102 -2.26 -3.85 -76.96
N SER D 103 -2.26 -4.25 -78.23
CA SER D 103 -1.40 -3.60 -79.22
C SER D 103 -1.77 -2.14 -79.40
N VAL D 104 -3.07 -1.83 -79.43
CA VAL D 104 -3.50 -0.45 -79.67
C VAL D 104 -3.00 0.46 -78.56
N LEU D 105 -3.18 0.04 -77.30
CA LEU D 105 -2.74 0.87 -76.20
C LEU D 105 -1.22 0.90 -76.07
N ILE D 106 -0.54 -0.19 -76.45
CA ILE D 106 0.92 -0.18 -76.45
C ILE D 106 1.42 0.86 -77.45
N ILE D 107 0.82 0.89 -78.64
CA ILE D 107 1.21 1.88 -79.64
C ILE D 107 0.87 3.30 -79.16
N ALA D 108 -0.30 3.47 -78.54
CA ALA D 108 -0.70 4.79 -78.07
C ALA D 108 0.25 5.31 -77.00
N TRP D 109 0.74 4.43 -76.12
CA TRP D 109 1.65 4.87 -75.07
C TRP D 109 2.88 5.55 -75.64
N LYS D 110 3.35 5.10 -76.80
CA LYS D 110 4.51 5.75 -77.43
C LYS D 110 4.19 7.18 -77.84
N PHE D 111 2.95 7.44 -78.26
CA PHE D 111 2.53 8.77 -78.69
C PHE D 111 1.91 9.60 -77.56
N ARG D 112 1.92 9.08 -76.33
CA ARG D 112 1.44 9.79 -75.14
C ARG D 112 0.18 10.59 -75.44
N ALA D 113 -0.89 9.91 -75.84
CA ALA D 113 -2.14 10.59 -76.15
C ALA D 113 -2.70 11.29 -74.92
N ALA D 114 -3.43 12.37 -75.17
CA ALA D 114 -4.00 13.17 -74.08
C ALA D 114 -5.02 12.42 -73.25
N THR D 115 -5.91 11.66 -73.91
CA THR D 115 -6.93 10.90 -73.21
C THR D 115 -7.19 9.61 -73.97
N GLN D 116 -8.26 8.92 -73.59
CA GLN D 116 -8.60 7.61 -74.14
C GLN D 116 -9.62 7.73 -75.26
N CYS D 117 -9.80 6.62 -75.99
CA CYS D 117 -10.81 6.49 -77.05
C CYS D 117 -10.69 7.62 -78.07
N GLU D 118 -9.47 8.10 -78.30
CA GLU D 118 -9.21 9.09 -79.34
C GLU D 118 -7.71 9.20 -79.52
N PHE D 119 -7.26 9.30 -80.77
CA PHE D 119 -5.84 9.47 -81.06
C PHE D 119 -5.54 10.95 -81.27
N SER D 120 -4.57 11.48 -80.53
CA SER D 120 -4.22 12.88 -80.65
C SER D 120 -3.61 13.16 -82.03
N LYS D 121 -3.84 14.38 -82.52
CA LYS D 121 -3.33 14.77 -83.83
C LYS D 121 -1.81 14.74 -83.89
N GLN D 122 -1.13 14.80 -82.74
CA GLN D 122 0.32 14.74 -82.73
C GLN D 122 0.80 13.39 -83.25
N GLU D 123 1.88 13.42 -84.02
CA GLU D 123 2.44 12.20 -84.59
C GLU D 123 3.01 11.31 -83.49
N SER D 135 6.86 2.79 -92.84
CA SER D 135 5.87 1.89 -93.43
C SER D 135 5.21 1.03 -92.35
N ILE D 136 4.02 0.53 -92.66
CA ILE D 136 3.30 -0.31 -91.70
C ILE D 136 4.09 -1.59 -91.42
N GLU D 137 4.86 -2.08 -92.40
CA GLU D 137 5.65 -3.28 -92.18
C GLU D 137 6.68 -3.08 -91.08
N LYS D 138 7.34 -1.93 -91.07
CA LYS D 138 8.33 -1.66 -90.03
C LYS D 138 7.68 -1.62 -88.65
N LEU D 139 6.53 -0.97 -88.54
CA LEU D 139 5.83 -0.92 -87.26
C LEU D 139 5.40 -2.31 -86.80
N LYS D 140 4.88 -3.12 -87.73
CA LYS D 140 4.47 -4.47 -87.37
C LYS D 140 5.65 -5.32 -86.93
N ALA D 141 6.80 -5.18 -87.60
CA ALA D 141 7.99 -5.92 -87.20
C ALA D 141 8.55 -5.43 -85.87
N GLN D 142 8.38 -4.14 -85.57
CA GLN D 142 8.89 -3.59 -84.32
C GLN D 142 7.97 -3.86 -83.13
N ILE D 143 6.69 -4.13 -83.37
CA ILE D 143 5.77 -4.37 -82.25
C ILE D 143 6.23 -5.54 -81.38
N PRO D 144 6.52 -6.72 -81.91
CA PRO D 144 6.87 -7.85 -81.03
C PRO D 144 8.07 -7.56 -80.13
N LYS D 145 9.11 -6.91 -80.65
CA LYS D 145 10.30 -6.68 -79.84
C LYS D 145 10.00 -5.75 -78.66
N MET D 146 9.25 -4.67 -78.89
CA MET D 146 8.96 -3.76 -77.79
C MET D 146 7.98 -4.39 -76.81
N GLU D 147 7.03 -5.19 -77.31
CA GLU D 147 6.12 -5.89 -76.40
C GLU D 147 6.90 -6.86 -75.51
N GLN D 148 7.85 -7.59 -76.08
CA GLN D 148 8.67 -8.50 -75.28
C GLN D 148 9.53 -7.74 -74.28
N GLU D 149 10.12 -6.61 -74.71
CA GLU D 149 10.96 -5.84 -73.81
C GLU D 149 10.16 -5.26 -72.64
N LEU D 150 8.93 -4.81 -72.90
CA LEU D 150 8.12 -4.23 -71.84
C LEU D 150 7.89 -5.23 -70.71
N LYS D 151 7.81 -6.52 -71.03
CA LYS D 151 7.60 -7.53 -70.00
C LYS D 151 8.74 -7.56 -69.00
N GLU D 152 9.93 -7.15 -69.43
CA GLU D 152 11.08 -7.15 -68.52
C GLU D 152 10.89 -6.11 -67.43
N PRO D 153 11.52 -6.30 -66.27
CA PRO D 153 11.36 -5.34 -65.18
C PRO D 153 12.01 -3.99 -65.50
N GLY D 154 11.57 -2.97 -64.79
CA GLY D 154 12.04 -1.62 -64.98
C GLY D 154 11.22 -0.78 -65.93
N ARG D 155 11.13 -1.20 -67.19
CA ARG D 155 10.32 -0.47 -68.17
C ARG D 155 8.83 -0.62 -67.88
N PHE D 156 8.40 -1.77 -67.37
CA PHE D 156 6.99 -1.95 -67.05
C PHE D 156 6.53 -0.97 -65.98
N LYS D 157 7.44 -0.57 -65.08
CA LYS D 157 7.08 0.39 -64.04
C LYS D 157 6.64 1.71 -64.66
N ASP D 158 7.39 2.21 -65.64
CA ASP D 158 7.01 3.46 -66.29
C ASP D 158 5.68 3.34 -67.01
N PHE D 159 5.45 2.21 -67.66
CA PHE D 159 4.17 1.99 -68.34
C PHE D 159 3.01 2.00 -67.36
N TYR D 160 3.19 1.32 -66.22
CA TYR D 160 2.13 1.30 -65.21
C TYR D 160 1.88 2.70 -64.65
N GLN D 161 2.96 3.46 -64.41
CA GLN D 161 2.79 4.82 -63.92
C GLN D 161 2.04 5.69 -64.93
N PHE D 162 2.37 5.55 -66.22
CA PHE D 162 1.78 6.40 -67.24
C PHE D 162 0.33 6.00 -67.55
N THR D 163 -0.02 4.73 -67.37
CA THR D 163 -1.38 4.30 -67.68
C THR D 163 -2.41 5.02 -66.81
N PHE D 164 -2.02 5.43 -65.59
CA PHE D 164 -2.95 6.13 -64.73
C PHE D 164 -3.41 7.44 -65.36
N ASN D 165 -2.47 8.23 -65.87
CA ASN D 165 -2.83 9.47 -66.54
C ASN D 165 -3.41 9.24 -67.92
N PHE D 166 -2.99 8.16 -68.60
CA PHE D 166 -3.57 7.83 -69.90
C PHE D 166 -5.07 7.57 -69.77
N ALA D 167 -5.47 6.81 -68.74
CA ALA D 167 -6.88 6.50 -68.54
C ALA D 167 -7.65 7.69 -67.99
N LYS D 168 -7.24 8.34 -66.93
CA LYS D 168 -8.11 9.39 -66.35
C LYS D 168 -8.37 10.61 -67.25
N ASN D 169 -9.63 11.04 -67.35
CA ASN D 169 -9.96 12.18 -68.18
C ASN D 169 -9.63 13.45 -67.50
N PRO D 170 -9.60 14.53 -68.26
CA PRO D 170 -9.29 15.86 -67.77
C PRO D 170 -10.29 16.42 -66.72
N GLY D 171 -11.57 16.04 -66.85
CA GLY D 171 -12.65 16.50 -65.99
C GLY D 171 -12.60 16.25 -64.49
N GLN D 172 -12.05 15.12 -64.09
CA GLN D 172 -11.91 14.77 -62.70
C GLN D 172 -10.45 14.59 -62.37
N LYS D 173 -10.21 14.03 -61.19
CA LYS D 173 -8.89 13.71 -60.65
C LYS D 173 -8.56 12.24 -60.30
N GLY D 174 -9.40 11.26 -60.69
CA GLY D 174 -9.25 9.82 -60.41
C GLY D 174 -9.74 8.88 -61.54
N LEU D 175 -9.72 7.57 -61.32
CA LEU D 175 -10.22 6.53 -62.29
C LEU D 175 -11.35 5.86 -61.59
N ASP D 176 -12.45 5.55 -62.25
CA ASP D 176 -13.54 4.91 -61.52
C ASP D 176 -13.42 3.42 -61.11
N LEU D 177 -14.54 2.75 -60.86
CA LEU D 177 -14.40 1.39 -60.35
C LEU D 177 -14.41 0.37 -61.48
N GLU D 178 -15.42 0.44 -62.34
CA GLU D 178 -15.54 -0.53 -63.43
C GLU D 178 -14.36 -0.42 -64.39
N MET D 179 -13.97 0.80 -64.74
CA MET D 179 -12.87 0.97 -65.68
C MET D 179 -11.56 0.50 -65.08
N ALA D 180 -11.36 0.78 -63.78
CA ALA D 180 -10.17 0.29 -63.10
C ALA D 180 -10.13 -1.23 -63.07
N ILE D 181 -11.29 -1.86 -62.83
CA ILE D 181 -11.35 -3.32 -62.84
C ILE D 181 -11.01 -3.85 -64.22
N ALA D 182 -11.53 -3.20 -65.27
CA ALA D 182 -11.22 -3.63 -66.63
C ALA D 182 -9.72 -3.51 -66.90
N TYR D 183 -9.11 -2.41 -66.46
CA TYR D 183 -7.67 -2.23 -66.64
C TYR D 183 -6.88 -3.30 -65.89
N TRP D 184 -7.30 -3.61 -64.67
CA TRP D 184 -6.63 -4.67 -63.92
C TRP D 184 -6.71 -5.99 -64.65
N ASN D 185 -7.91 -6.33 -65.16
CA ASN D 185 -8.08 -7.56 -65.91
C ASN D 185 -7.19 -7.58 -67.14
N LEU D 186 -7.10 -6.46 -67.85
CA LEU D 186 -6.33 -6.42 -69.10
C LEU D 186 -4.84 -6.52 -68.84
N VAL D 187 -4.32 -5.76 -67.89
CA VAL D 187 -2.87 -5.64 -67.72
C VAL D 187 -2.31 -6.73 -66.82
N LEU D 188 -2.98 -7.03 -65.69
CA LEU D 188 -2.48 -8.01 -64.74
C LEU D 188 -2.87 -9.44 -65.09
N ASN D 189 -3.24 -9.68 -66.35
CA ASN D 189 -3.64 -11.02 -66.79
C ASN D 189 -2.43 -11.94 -66.79
N GLY D 190 -2.34 -12.79 -65.79
CA GLY D 190 -1.24 -13.74 -65.71
C GLY D 190 -0.03 -13.28 -64.92
N ARG D 191 -0.15 -12.16 -64.19
CA ARG D 191 0.96 -11.66 -63.40
C ARG D 191 0.58 -11.59 -61.92
N PHE D 192 -0.63 -11.13 -61.64
CA PHE D 192 -1.08 -11.03 -60.25
C PHE D 192 -1.44 -12.41 -59.71
N LYS D 193 -0.96 -12.73 -58.52
CA LYS D 193 -1.20 -14.05 -57.94
C LYS D 193 -2.68 -14.28 -57.69
N PHE D 194 -3.40 -13.29 -57.16
CA PHE D 194 -4.82 -13.41 -56.86
C PHE D 194 -5.55 -12.24 -57.54
N LEU D 195 -5.91 -12.45 -58.82
CA LEU D 195 -6.56 -11.39 -59.58
C LEU D 195 -8.07 -11.42 -59.38
N ASP D 196 -8.67 -12.62 -59.43
CA ASP D 196 -10.11 -12.73 -59.25
C ASP D 196 -10.54 -12.24 -57.87
N LEU D 197 -9.81 -12.63 -56.83
CA LEU D 197 -10.17 -12.19 -55.48
C LEU D 197 -10.01 -10.69 -55.33
N TRP D 198 -8.92 -10.13 -55.86
CA TRP D 198 -8.72 -8.68 -55.77
C TRP D 198 -9.82 -7.92 -56.50
N ASN D 199 -10.20 -8.39 -57.69
CA ASN D 199 -11.30 -7.75 -58.41
C ASN D 199 -12.61 -7.87 -57.64
N LYS D 200 -12.86 -9.03 -57.03
CA LYS D 200 -14.08 -9.20 -56.25
C LYS D 200 -14.12 -8.25 -55.06
N PHE D 201 -12.97 -7.87 -54.53
CA PHE D 201 -12.90 -6.95 -53.42
C PHE D 201 -13.25 -5.54 -53.88
N LEU D 202 -13.36 -4.62 -52.92
CA LEU D 202 -13.69 -3.22 -53.19
C LEU D 202 -14.82 -3.07 -54.19
N LEU D 203 -15.80 -3.97 -54.14
CA LEU D 203 -17.00 -3.90 -54.95
C LEU D 203 -18.25 -3.58 -54.16
N GLU D 204 -18.47 -4.28 -53.04
CA GLU D 204 -19.65 -4.06 -52.20
C GLU D 204 -19.37 -3.22 -50.97
N HIS D 205 -18.12 -3.19 -50.49
CA HIS D 205 -17.77 -2.40 -49.31
C HIS D 205 -17.31 -1.00 -49.71
N HIS D 206 -16.29 -0.91 -50.55
CA HIS D 206 -15.76 0.37 -51.02
C HIS D 206 -16.38 0.67 -52.39
N LYS D 207 -17.31 1.61 -52.43
CA LYS D 207 -18.00 1.98 -53.65
C LYS D 207 -17.48 3.26 -54.28
N ARG D 208 -16.44 3.85 -53.71
CA ARG D 208 -15.88 5.09 -54.23
C ARG D 208 -14.78 4.79 -55.25
N SER D 209 -14.06 5.84 -55.65
CA SER D 209 -12.93 5.68 -56.56
C SER D 209 -11.70 5.22 -55.79
N ILE D 210 -10.62 5.02 -56.52
CA ILE D 210 -9.39 4.59 -56.00
C ILE D 210 -8.46 5.71 -56.41
N PRO D 211 -7.70 6.28 -55.46
CA PRO D 211 -6.78 7.36 -55.66
C PRO D 211 -5.55 6.99 -56.34
N LYS D 212 -4.82 7.92 -56.87
CA LYS D 212 -3.63 7.63 -57.62
C LYS D 212 -2.51 6.95 -56.93
N ASP D 213 -2.30 7.22 -55.67
CA ASP D 213 -1.19 6.61 -55.00
C ASP D 213 -1.43 5.15 -54.81
N THR D 214 -2.66 4.73 -54.54
CA THR D 214 -2.82 3.32 -54.35
C THR D 214 -2.53 2.52 -55.58
N TRP D 215 -2.93 3.01 -56.73
CA TRP D 215 -2.66 2.31 -57.96
C TRP D 215 -1.21 2.15 -58.23
N ASN D 216 -0.43 3.16 -57.93
CA ASN D 216 1.00 3.14 -58.06
C ASN D 216 1.71 2.09 -57.18
N LEU D 217 1.09 1.72 -56.07
CA LEU D 217 1.57 0.73 -55.11
C LEU D 217 1.17 -0.71 -55.37
N LEU D 218 0.25 -0.97 -56.29
CA LEU D 218 -0.17 -2.36 -56.48
C LEU D 218 0.95 -3.25 -56.93
N LEU D 219 1.82 -2.71 -57.75
CA LEU D 219 2.97 -3.41 -58.25
C LEU D 219 3.74 -3.89 -57.09
N ASP D 220 4.00 -3.02 -56.15
CA ASP D 220 4.83 -3.43 -55.04
C ASP D 220 4.22 -4.53 -54.25
N PHE D 221 2.92 -4.54 -54.03
CA PHE D 221 2.31 -5.60 -53.29
C PHE D 221 2.54 -6.86 -54.04
N SER D 222 2.28 -6.89 -55.34
CA SER D 222 2.45 -8.12 -56.09
C SER D 222 3.86 -8.60 -56.13
N THR D 223 4.79 -7.71 -56.36
CA THR D 223 6.17 -8.09 -56.52
C THR D 223 6.72 -8.77 -55.30
N MET D 224 6.37 -8.33 -54.11
CA MET D 224 6.91 -8.95 -52.95
C MET D 224 6.02 -9.87 -52.14
N ILE D 225 4.70 -9.80 -52.30
CA ILE D 225 3.85 -10.63 -51.45
C ILE D 225 4.12 -12.04 -51.79
N ALA D 226 4.28 -12.90 -50.77
CA ALA D 226 4.57 -14.26 -51.17
C ALA D 226 3.29 -15.08 -51.21
N ASP D 227 3.40 -16.36 -51.57
CA ASP D 227 2.22 -17.21 -51.64
C ASP D 227 1.58 -17.40 -50.27
N ASP D 228 2.40 -17.59 -49.23
CA ASP D 228 1.86 -17.78 -47.89
C ASP D 228 1.09 -16.55 -47.42
N MET D 229 1.56 -15.36 -47.77
CA MET D 229 0.90 -14.11 -47.38
C MET D 229 0.97 -13.89 -45.88
N SER D 230 1.88 -14.59 -45.21
CA SER D 230 2.05 -14.45 -43.77
C SER D 230 3.10 -13.42 -43.39
N ASN D 231 3.72 -12.82 -44.38
CA ASN D 231 4.77 -11.86 -44.12
C ASN D 231 4.40 -10.41 -44.43
N TYR D 232 3.22 -10.00 -44.00
CA TYR D 232 2.79 -8.65 -44.24
C TYR D 232 2.99 -7.86 -42.98
N ASP D 233 3.71 -6.74 -43.07
CA ASP D 233 3.87 -5.90 -41.89
C ASP D 233 2.47 -5.42 -41.69
N GLU D 234 1.94 -5.52 -40.48
CA GLU D 234 0.53 -5.15 -40.28
C GLU D 234 0.29 -3.68 -40.59
N GLU D 235 1.23 -2.86 -40.16
CA GLU D 235 1.24 -1.46 -40.36
C GLU D 235 2.15 -1.18 -41.53
N GLY D 236 3.06 -0.24 -41.46
CA GLY D 236 3.88 -0.01 -42.64
C GLY D 236 3.24 0.88 -43.67
N ALA D 237 3.97 1.19 -44.70
CA ALA D 237 3.52 2.14 -45.68
C ALA D 237 2.43 1.88 -46.71
N TRP D 238 2.01 0.65 -46.95
CA TRP D 238 0.95 0.44 -47.95
C TRP D 238 -0.37 1.06 -47.50
N PRO D 239 -1.17 1.62 -48.41
CA PRO D 239 -2.47 2.25 -48.18
C PRO D 239 -3.55 1.55 -47.39
N VAL D 240 -4.59 2.25 -46.94
CA VAL D 240 -5.66 1.59 -46.15
C VAL D 240 -6.77 0.69 -46.72
N LEU D 241 -6.68 0.56 -48.01
CA LEU D 241 -7.33 -0.35 -48.95
C LEU D 241 -6.62 -1.71 -48.99
N ILE D 242 -5.30 -1.69 -49.15
CA ILE D 242 -4.55 -2.94 -49.22
C ILE D 242 -4.60 -3.66 -47.88
N ASP D 243 -4.54 -2.92 -46.77
CA ASP D 243 -4.62 -3.55 -45.46
C ASP D 243 -5.96 -4.27 -45.29
N ASP D 244 -7.05 -3.62 -45.69
CA ASP D 244 -8.37 -4.25 -45.59
C ASP D 244 -8.46 -5.47 -46.51
N PHE D 245 -7.91 -5.36 -47.72
CA PHE D 245 -7.93 -6.49 -48.63
C PHE D 245 -7.18 -7.69 -48.04
N VAL D 246 -6.00 -7.44 -47.46
CA VAL D 246 -5.23 -8.51 -46.87
C VAL D 246 -5.97 -9.10 -45.67
N GLU D 247 -6.56 -8.26 -44.83
CA GLU D 247 -7.30 -8.76 -43.68
C GLU D 247 -8.47 -9.63 -44.11
N PHE D 248 -9.21 -9.21 -45.15
CA PHE D 248 -10.33 -10.01 -45.63
C PHE D 248 -9.88 -11.31 -46.26
N ALA D 249 -8.77 -11.30 -47.02
CA ALA D 249 -8.32 -12.50 -47.71
C ALA D 249 -7.61 -13.49 -46.79
N ARG D 250 -7.05 -13.03 -45.67
CA ARG D 250 -6.30 -13.93 -44.80
C ARG D 250 -7.16 -15.08 -44.28
N PRO D 251 -8.31 -14.83 -43.66
CA PRO D 251 -9.09 -15.96 -43.09
C PRO D 251 -9.67 -16.90 -44.13
N GLN D 252 -9.79 -16.49 -45.39
CA GLN D 252 -10.39 -17.31 -46.42
C GLN D 252 -9.42 -18.32 -47.03
N ILE D 253 -8.12 -18.16 -46.80
CA ILE D 253 -7.13 -19.09 -47.32
C ILE D 253 -5.99 -19.28 -46.32
#